data_7OZX
#
_entry.id   7OZX
#
_cell.length_a   73.456
_cell.length_b   114.499
_cell.length_c   120.822
_cell.angle_alpha   90.000
_cell.angle_beta   100.570
_cell.angle_gamma   90.000
#
_symmetry.space_group_name_H-M   'P 1 21 1'
#
loop_
_entity.id
_entity.type
_entity.pdbx_description
1 polymer Galactokinase
2 non-polymer beta-D-galactopyranose
3 non-polymer "2-(1,3-benzoxazol-2-ylamino)spiro[1,6,7,8-tetrahydroquinazoline-4,1'-cyclohexane]-5-one"
4 non-polymer (azepan-1-yl)(2,6-difluorophenyl)methanone
5 water water
#
_entity_poly.entity_id   1
_entity_poly.type   'polypeptide(L)'
_entity_poly.pdbx_seq_one_letter_code
;MAHHHHHHAALRQPQVAELLAEARRAFREEFGAEPELAVSAPGRVNLIGEHTDYNQGLVLPMALELMTVLVGSPRKDGLV
SLLTTSEGADEPQRLQFPLPTAQRSLEPGTPRWANYVKGVIQYYPAAPLPGFSAVVVSSVPLGGGLSSSASLEVATYTFL
QQLCPDSGTIAARAQVCQQAEHSFAGMPCGIMDQFISLMGQKGHALLIDCRSLETSLVPLSDPKLAVLITNSNVRHSLAS
SEYPVRRRQCEEVARALGAASLREVQLEELEAARDLVSKEGFRRARHVVGEIRRTAQAAAALRRGDYRAFGRLMVESHRS
LRDDYEVSCPELDQLVEAALAVPGVYGSRMTGGGFGGCTVTLLEASAAPHAMRHIQEHYGGTATFYLSQAADGAKVLCL
;
_entity_poly.pdbx_strand_id   A,B,C,D
#
loop_
_chem_comp.id
_chem_comp.type
_chem_comp.name
_chem_comp.formula
GAL D-saccharide, beta linking beta-D-galactopyranose 'C6 H12 O6'
HFK non-polymer 2-(1,3-benzoxazol-2-ylamino)spiro[1,6,7,8-tetrahydroquinazoline-4,1'-cyclohexane]-5-one 'C20 H22 N4 O2'
WLJ non-polymer (azepan-1-yl)(2,6-difluorophenyl)methanone 'C13 H15 F2 N O'
#
# COMPACT_ATOMS: atom_id res chain seq x y z
N ALA A 10 -10.44 26.06 -35.25
CA ALA A 10 -11.37 26.59 -34.21
C ALA A 10 -10.62 26.71 -32.87
N LEU A 11 -10.86 27.80 -32.13
CA LEU A 11 -10.23 28.07 -30.81
C LEU A 11 -11.04 27.41 -29.67
N ARG A 12 -10.33 26.71 -28.77
CA ARG A 12 -10.86 26.10 -27.52
C ARG A 12 -11.46 27.21 -26.63
N GLN A 13 -12.71 27.07 -26.20
CA GLN A 13 -13.40 28.14 -25.43
C GLN A 13 -12.96 28.21 -23.97
N PRO A 14 -13.07 29.36 -23.27
CA PRO A 14 -12.80 29.43 -21.84
C PRO A 14 -14.08 29.71 -21.01
N GLN A 15 -13.99 29.63 -19.68
CA GLN A 15 -15.17 29.83 -18.80
C GLN A 15 -14.75 30.58 -17.52
N VAL A 16 -15.69 31.10 -16.72
CA VAL A 16 -15.33 31.70 -15.39
C VAL A 16 -16.35 31.27 -14.33
N ALA A 17 -17.57 31.80 -14.40
CA ALA A 17 -18.64 31.44 -13.43
C ALA A 17 -18.94 29.96 -13.61
N GLU A 18 -18.72 29.44 -14.82
CA GLU A 18 -18.87 27.99 -15.07
C GLU A 18 -17.86 27.26 -14.18
N LEU A 19 -16.63 27.77 -14.08
CA LEU A 19 -15.58 27.17 -13.20
C LEU A 19 -15.99 27.30 -11.73
N LEU A 20 -16.53 28.44 -11.33
CA LEU A 20 -16.98 28.65 -9.93
C LEU A 20 -18.12 27.67 -9.62
N ALA A 21 -19.07 27.50 -10.53
CA ALA A 21 -20.21 26.59 -10.34
C ALA A 21 -19.69 25.17 -10.24
N GLU A 22 -18.80 24.79 -11.16
CA GLU A 22 -18.17 23.44 -11.11
C GLU A 22 -17.48 23.29 -9.75
N ALA A 23 -16.55 24.19 -9.40
CA ALA A 23 -15.85 24.22 -8.09
C ALA A 23 -16.86 24.00 -6.96
N ARG A 24 -17.93 24.79 -6.98
CA ARG A 24 -18.98 24.84 -5.93
C ARG A 24 -19.70 23.49 -5.83
N ARG A 25 -20.16 22.91 -6.95
CA ARG A 25 -20.91 21.62 -6.95
C ARG A 25 -20.01 20.55 -6.33
N ALA A 26 -18.74 20.52 -6.76
CA ALA A 26 -17.75 19.50 -6.36
C ALA A 26 -17.52 19.60 -4.85
N PHE A 27 -17.43 20.81 -4.32
CA PHE A 27 -17.13 21.09 -2.89
C PHE A 27 -18.31 20.63 -2.01
N ARG A 28 -19.53 20.93 -2.43
CA ARG A 28 -20.80 20.56 -1.73
C ARG A 28 -20.88 19.03 -1.63
N GLU A 29 -20.61 18.34 -2.75
CA GLU A 29 -20.54 16.86 -2.84
C GLU A 29 -19.44 16.33 -1.92
N GLU A 30 -18.27 16.96 -1.94
CA GLU A 30 -17.05 16.46 -1.26
C GLU A 30 -17.18 16.65 0.27
N PHE A 31 -17.63 17.81 0.74
CA PHE A 31 -17.49 18.21 2.16
C PHE A 31 -18.84 18.36 2.88
N GLY A 32 -19.96 18.12 2.21
CA GLY A 32 -21.33 18.09 2.80
C GLY A 32 -21.85 19.47 3.16
N ALA A 33 -21.21 20.53 2.66
CA ALA A 33 -21.54 21.93 3.00
C ALA A 33 -21.15 22.82 1.81
N GLU A 34 -21.86 23.94 1.65
CA GLU A 34 -21.58 25.01 0.67
C GLU A 34 -20.25 25.67 1.07
N PRO A 35 -19.33 25.96 0.12
CA PRO A 35 -18.09 26.65 0.45
C PRO A 35 -18.33 28.11 0.83
N GLU A 36 -17.48 28.67 1.69
CA GLU A 36 -17.66 30.04 2.26
C GLU A 36 -17.02 31.08 1.35
N LEU A 37 -16.00 30.66 0.58
CA LEU A 37 -14.95 31.50 -0.05
C LEU A 37 -14.67 31.01 -1.47
N ALA A 38 -14.49 31.94 -2.42
CA ALA A 38 -13.98 31.64 -3.78
C ALA A 38 -12.86 32.61 -4.18
N VAL A 39 -11.86 32.11 -4.89
CA VAL A 39 -10.77 32.95 -5.45
C VAL A 39 -10.50 32.47 -6.87
N SER A 40 -9.93 33.34 -7.70
CA SER A 40 -9.42 32.98 -9.04
C SER A 40 -8.04 33.61 -9.21
N ALA A 41 -7.17 32.96 -9.96
CA ALA A 41 -5.88 33.51 -10.41
C ALA A 41 -5.65 32.99 -11.82
N PRO A 42 -5.21 33.85 -12.77
CA PRO A 42 -5.01 33.41 -14.14
C PRO A 42 -3.61 32.89 -14.44
N GLY A 43 -3.56 32.10 -15.51
CA GLY A 43 -2.35 31.85 -16.31
C GLY A 43 -1.98 33.08 -17.12
N ARG A 44 -0.94 32.98 -17.92
CA ARG A 44 -0.37 34.16 -18.61
C ARG A 44 0.22 33.76 -19.96
N VAL A 45 0.28 34.71 -20.86
CA VAL A 45 1.20 34.64 -22.05
C VAL A 45 2.19 35.79 -21.94
N ASN A 46 3.46 35.53 -22.18
CA ASN A 46 4.47 36.62 -22.28
C ASN A 46 4.47 37.17 -23.71
N LEU A 47 4.05 38.43 -23.93
CA LEU A 47 4.02 39.00 -25.31
C LEU A 47 5.47 39.12 -25.83
N ILE A 48 6.40 39.60 -24.99
CA ILE A 48 7.85 39.69 -25.29
C ILE A 48 8.61 39.87 -23.98
N GLY A 49 9.90 39.55 -23.99
CA GLY A 49 10.81 39.72 -22.84
C GLY A 49 11.04 38.38 -22.17
N GLU A 50 11.60 37.45 -22.91
CA GLU A 50 11.79 36.06 -22.44
C GLU A 50 13.24 35.84 -21.97
N HIS A 51 13.37 35.16 -20.84
CA HIS A 51 14.62 34.84 -20.10
C HIS A 51 15.30 36.13 -19.70
N THR A 52 14.49 37.15 -19.39
CA THR A 52 14.92 38.44 -18.80
C THR A 52 14.53 38.56 -17.32
N ASP A 53 13.45 37.94 -16.82
CA ASP A 53 12.97 38.22 -15.42
C ASP A 53 14.07 37.91 -14.39
N TYR A 54 14.69 36.73 -14.44
CA TYR A 54 15.79 36.35 -13.52
C TYR A 54 17.09 37.09 -13.85
N ASN A 55 17.09 37.91 -14.90
CA ASN A 55 18.26 38.77 -15.25
C ASN A 55 17.97 40.23 -14.86
N GLN A 56 16.92 40.44 -14.07
CA GLN A 56 16.50 41.80 -13.62
C GLN A 56 16.15 42.65 -14.84
N GLY A 57 15.48 42.02 -15.81
CA GLY A 57 15.17 42.61 -17.13
C GLY A 57 13.78 43.20 -17.15
N LEU A 58 13.23 43.40 -18.33
CA LEU A 58 11.86 43.92 -18.56
C LEU A 58 11.07 42.77 -19.14
N VAL A 59 9.83 42.58 -18.71
CA VAL A 59 8.92 41.56 -19.31
C VAL A 59 7.59 42.25 -19.62
N LEU A 60 6.86 41.74 -20.59
CA LEU A 60 5.56 42.35 -20.95
C LEU A 60 4.55 41.22 -21.10
N PRO A 61 4.14 40.62 -19.96
CA PRO A 61 3.07 39.63 -19.97
C PRO A 61 1.70 40.26 -19.95
N MET A 62 0.67 39.44 -20.25
CA MET A 62 -0.76 39.72 -19.95
C MET A 62 -1.40 38.46 -19.32
N ALA A 63 -2.38 38.65 -18.45
CA ALA A 63 -3.16 37.56 -17.83
C ALA A 63 -4.19 37.06 -18.85
N LEU A 64 -4.38 35.75 -18.90
CA LEU A 64 -5.37 35.06 -19.76
C LEU A 64 -6.69 34.88 -19.01
N GLU A 65 -7.75 34.56 -19.76
CA GLU A 65 -9.08 34.11 -19.27
C GLU A 65 -8.98 32.66 -18.78
N LEU A 66 -7.95 31.93 -19.22
CA LEU A 66 -7.55 30.63 -18.63
C LEU A 66 -7.11 30.87 -17.18
N MET A 67 -7.77 30.23 -16.19
CA MET A 67 -7.51 30.54 -14.77
C MET A 67 -7.64 29.30 -13.89
N THR A 68 -7.10 29.38 -12.67
CA THR A 68 -7.35 28.42 -11.56
C THR A 68 -8.36 29.04 -10.59
N VAL A 69 -9.33 28.25 -10.12
CA VAL A 69 -10.34 28.70 -9.13
C VAL A 69 -10.27 27.77 -7.92
N LEU A 70 -10.05 28.33 -6.73
CA LEU A 70 -10.11 27.62 -5.45
C LEU A 70 -11.40 28.02 -4.76
N VAL A 71 -12.19 27.04 -4.36
CA VAL A 71 -13.41 27.25 -3.54
C VAL A 71 -13.19 26.53 -2.21
N GLY A 72 -13.35 27.22 -1.08
CA GLY A 72 -13.01 26.64 0.23
C GLY A 72 -13.75 27.25 1.42
N SER A 73 -13.38 26.77 2.62
CA SER A 73 -13.82 27.23 3.95
C SER A 73 -12.74 26.92 4.99
N PRO A 74 -12.55 27.77 6.02
CA PRO A 74 -11.62 27.46 7.10
C PRO A 74 -12.09 26.23 7.89
N ARG A 75 -11.17 25.45 8.46
CA ARG A 75 -11.48 24.39 9.47
C ARG A 75 -10.98 24.84 10.84
N LYS A 76 -11.47 24.24 11.94
CA LYS A 76 -10.99 24.50 13.32
C LYS A 76 -9.88 23.50 13.73
N ASP A 77 -9.70 22.41 12.99
CA ASP A 77 -8.89 21.24 13.42
C ASP A 77 -7.44 21.30 12.88
N GLY A 78 -7.05 22.38 12.19
CA GLY A 78 -5.64 22.64 11.85
C GLY A 78 -5.11 21.77 10.72
N LEU A 79 -5.99 21.06 10.00
CA LEU A 79 -5.57 20.22 8.85
C LEU A 79 -6.10 20.84 7.56
N VAL A 80 -5.49 20.43 6.45
CA VAL A 80 -5.80 20.97 5.10
C VAL A 80 -6.32 19.80 4.31
N SER A 81 -7.51 19.92 3.71
CA SER A 81 -8.14 18.84 2.89
C SER A 81 -8.43 19.39 1.49
N LEU A 82 -7.88 18.76 0.46
CA LEU A 82 -7.88 19.28 -0.93
C LEU A 82 -8.48 18.25 -1.88
N LEU A 83 -9.33 18.71 -2.78
CA LEU A 83 -9.79 17.97 -3.99
C LEU A 83 -9.39 18.80 -5.22
N THR A 84 -8.90 18.14 -6.27
CA THR A 84 -8.81 18.76 -7.61
C THR A 84 -9.61 17.90 -8.59
N THR A 85 -10.36 18.59 -9.46
CA THR A 85 -11.13 17.93 -10.54
C THR A 85 -10.35 18.13 -11.83
N SER A 86 -9.22 18.83 -11.75
CA SER A 86 -8.41 19.12 -12.96
C SER A 86 -7.90 17.79 -13.50
N GLU A 87 -8.15 17.54 -14.78
CA GLU A 87 -7.65 16.31 -15.42
C GLU A 87 -6.21 16.60 -15.86
N GLY A 88 -5.36 15.57 -15.85
CA GLY A 88 -3.93 15.77 -16.10
C GLY A 88 -3.26 15.84 -14.73
N ALA A 89 -4.06 16.10 -13.70
CA ALA A 89 -3.52 16.08 -12.32
C ALA A 89 -3.17 14.63 -11.98
N ASP A 90 -2.02 14.44 -11.35
CA ASP A 90 -1.53 13.09 -10.99
C ASP A 90 -2.31 12.56 -9.77
N GLU A 91 -2.48 11.23 -9.70
CA GLU A 91 -3.26 10.52 -8.64
C GLU A 91 -2.51 10.61 -7.31
N PRO A 92 -3.20 10.70 -6.15
CA PRO A 92 -4.66 10.85 -6.09
C PRO A 92 -5.12 12.30 -6.30
N GLN A 93 -6.43 12.49 -6.54
CA GLN A 93 -7.08 13.81 -6.78
C GLN A 93 -7.36 14.50 -5.44
N ARG A 94 -7.19 13.78 -4.33
CA ARG A 94 -7.49 14.29 -2.97
C ARG A 94 -6.23 14.17 -2.16
N LEU A 95 -6.00 15.12 -1.25
CA LEU A 95 -4.88 15.04 -0.29
C LEU A 95 -5.30 15.74 1.00
N GLN A 96 -4.95 15.16 2.14
CA GLN A 96 -5.09 15.84 3.46
C GLN A 96 -3.74 15.75 4.17
N PHE A 97 -3.40 16.79 4.92
CA PHE A 97 -2.13 16.93 5.66
C PHE A 97 -2.38 17.94 6.76
N PRO A 98 -1.73 17.79 7.94
CA PRO A 98 -1.79 18.81 8.97
C PRO A 98 -1.02 20.05 8.49
N LEU A 99 -1.38 21.21 9.04
CA LEU A 99 -0.61 22.45 8.89
C LEU A 99 0.80 22.20 9.43
N PRO A 100 1.80 22.86 8.82
CA PRO A 100 3.15 22.83 9.36
C PRO A 100 3.20 23.63 10.66
N THR A 101 4.23 23.34 11.46
CA THR A 101 4.52 23.96 12.78
C THR A 101 6.00 24.31 12.81
N ALA A 102 6.53 24.82 13.92
CA ALA A 102 8.00 24.97 14.13
C ALA A 102 8.66 23.58 14.05
N GLN A 103 8.06 22.59 14.72
CA GLN A 103 8.58 21.20 14.85
C GLN A 103 8.59 20.45 13.49
N ARG A 104 7.56 20.64 12.65
CA ARG A 104 7.30 19.79 11.45
C ARG A 104 6.88 20.67 10.27
N SER A 105 7.70 20.72 9.23
CA SER A 105 7.42 21.50 8.01
C SER A 105 6.72 20.59 6.99
N LEU A 106 6.00 21.17 6.04
CA LEU A 106 5.45 20.45 4.86
C LEU A 106 6.61 19.96 4.02
N GLU A 107 6.42 18.85 3.33
CA GLU A 107 7.42 18.21 2.44
C GLU A 107 6.81 18.07 1.05
N PRO A 108 7.60 18.32 -0.01
CA PRO A 108 7.15 18.02 -1.37
C PRO A 108 7.11 16.51 -1.55
N GLY A 109 6.18 16.04 -2.39
CA GLY A 109 6.06 14.62 -2.78
C GLY A 109 4.93 14.41 -3.77
N THR A 110 4.08 13.45 -3.46
CA THR A 110 2.98 12.95 -4.32
C THR A 110 1.67 13.21 -3.59
N PRO A 111 0.60 13.62 -4.31
CA PRO A 111 0.68 13.92 -5.74
C PRO A 111 1.34 15.28 -5.98
N ARG A 112 1.98 15.45 -7.14
CA ARG A 112 2.84 16.62 -7.43
C ARG A 112 1.99 17.90 -7.47
N TRP A 113 0.71 17.83 -7.86
CA TRP A 113 -0.15 19.04 -7.98
C TRP A 113 -0.27 19.71 -6.59
N ALA A 114 -0.27 18.92 -5.50
CA ALA A 114 -0.47 19.45 -4.14
C ALA A 114 0.81 20.16 -3.66
N ASN A 115 1.96 19.88 -4.26
CA ASN A 115 3.25 20.56 -3.90
C ASN A 115 3.16 22.08 -4.02
N TYR A 116 2.40 22.58 -4.98
CA TYR A 116 2.25 24.04 -5.22
C TYR A 116 1.49 24.67 -4.07
N VAL A 117 0.43 24.00 -3.63
CA VAL A 117 -0.40 24.45 -2.48
C VAL A 117 0.41 24.33 -1.19
N LYS A 118 1.10 23.20 -0.99
CA LYS A 118 1.91 22.94 0.22
C LYS A 118 3.00 24.03 0.36
N GLY A 119 3.71 24.34 -0.75
CA GLY A 119 4.77 25.37 -0.81
C GLY A 119 4.26 26.73 -0.38
N VAL A 120 3.11 27.17 -0.90
CA VAL A 120 2.53 28.51 -0.55
C VAL A 120 2.14 28.56 0.93
N ILE A 121 1.51 27.49 1.43
CA ILE A 121 1.16 27.36 2.88
C ILE A 121 2.45 27.48 3.71
N GLN A 122 3.50 26.74 3.33
CA GLN A 122 4.78 26.68 4.08
C GLN A 122 5.41 28.07 4.19
N TYR A 123 5.35 28.88 3.13
CA TYR A 123 6.07 30.18 3.06
C TYR A 123 5.09 31.32 3.33
N TYR A 124 3.81 31.06 3.63
CA TYR A 124 2.81 32.10 3.96
C TYR A 124 3.32 32.92 5.14
N PRO A 125 3.44 34.26 5.00
CA PRO A 125 4.17 35.04 6.00
C PRO A 125 3.35 35.41 7.23
N ALA A 126 2.04 35.18 7.26
CA ALA A 126 1.17 35.70 8.35
C ALA A 126 0.58 34.52 9.16
N ALA A 127 0.50 34.71 10.48
CA ALA A 127 -0.11 33.78 11.47
C ALA A 127 -1.23 34.51 12.21
N PRO A 128 -2.24 33.80 12.76
CA PRO A 128 -2.34 32.35 12.68
C PRO A 128 -3.14 31.88 11.46
N LEU A 129 -2.54 30.97 10.70
CA LEU A 129 -3.17 30.29 9.55
C LEU A 129 -3.98 29.12 10.08
N PRO A 130 -5.32 29.10 9.90
CA PRO A 130 -6.12 27.94 10.27
C PRO A 130 -6.00 26.89 9.17
N GLY A 131 -6.40 25.66 9.49
CA GLY A 131 -6.70 24.63 8.48
C GLY A 131 -7.81 25.08 7.55
N PHE A 132 -8.04 24.34 6.47
CA PHE A 132 -9.15 24.62 5.53
C PHE A 132 -9.42 23.40 4.65
N SER A 133 -10.59 23.45 4.03
CA SER A 133 -11.04 22.53 2.94
C SER A 133 -11.15 23.34 1.64
N ALA A 134 -10.61 22.82 0.54
CA ALA A 134 -10.67 23.48 -0.79
C ALA A 134 -10.87 22.49 -1.92
N VAL A 135 -11.63 22.93 -2.92
CA VAL A 135 -11.68 22.36 -4.30
C VAL A 135 -10.91 23.28 -5.26
N VAL A 136 -10.05 22.67 -6.07
CA VAL A 136 -9.20 23.34 -7.08
C VAL A 136 -9.65 22.88 -8.47
N VAL A 137 -10.01 23.85 -9.33
CA VAL A 137 -10.30 23.64 -10.78
C VAL A 137 -9.43 24.62 -11.56
N SER A 138 -9.08 24.29 -12.81
CA SER A 138 -8.49 25.27 -13.76
C SER A 138 -8.88 24.95 -15.19
N SER A 139 -8.79 25.98 -16.02
CA SER A 139 -8.84 25.93 -17.50
C SER A 139 -7.42 26.13 -18.04
N VAL A 140 -6.42 26.31 -17.16
CA VAL A 140 -5.02 26.51 -17.62
C VAL A 140 -4.50 25.11 -17.91
N PRO A 141 -4.09 24.82 -19.17
CA PRO A 141 -3.67 23.47 -19.53
C PRO A 141 -2.43 23.12 -18.70
N LEU A 142 -2.39 21.95 -18.06
CA LEU A 142 -1.37 21.66 -17.02
C LEU A 142 -0.01 21.46 -17.69
N GLY A 143 0.98 22.26 -17.31
CA GLY A 143 2.34 22.22 -17.88
C GLY A 143 2.40 22.40 -19.39
N GLY A 144 1.43 23.12 -19.99
CA GLY A 144 1.39 23.47 -21.43
C GLY A 144 2.06 24.81 -21.75
N GLY A 145 2.63 25.52 -20.77
CA GLY A 145 3.51 26.69 -20.98
C GLY A 145 2.84 28.04 -20.71
N LEU A 146 1.63 28.04 -20.13
CA LEU A 146 0.86 29.26 -19.74
C LEU A 146 0.80 29.45 -18.21
N SER A 147 1.72 28.87 -17.42
CA SER A 147 1.90 29.13 -15.97
C SER A 147 0.69 28.61 -15.16
N SER A 148 0.27 27.37 -15.38
CA SER A 148 -0.77 26.69 -14.58
C SER A 148 -0.33 26.73 -13.10
N SER A 149 0.92 26.36 -12.85
CA SER A 149 1.51 26.30 -11.48
C SER A 149 1.48 27.68 -10.82
N ALA A 150 1.82 28.77 -11.52
CA ALA A 150 1.79 30.12 -10.91
C ALA A 150 0.33 30.46 -10.60
N SER A 151 -0.62 30.08 -11.48
CA SER A 151 -2.05 30.34 -11.25
C SER A 151 -2.52 29.60 -9.98
N LEU A 152 -2.11 28.33 -9.78
CA LEU A 152 -2.46 27.53 -8.57
C LEU A 152 -1.81 28.19 -7.33
N GLU A 153 -0.57 28.64 -7.44
CA GLU A 153 0.14 29.25 -6.28
C GLU A 153 -0.58 30.55 -5.91
N VAL A 154 -0.84 31.39 -6.89
CA VAL A 154 -1.42 32.72 -6.58
C VAL A 154 -2.87 32.55 -6.09
N ALA A 155 -3.63 31.61 -6.64
CA ALA A 155 -5.00 31.34 -6.16
C ALA A 155 -4.88 30.89 -4.69
N THR A 156 -3.90 30.05 -4.37
CA THR A 156 -3.71 29.49 -3.01
C THR A 156 -3.39 30.66 -2.09
N TYR A 157 -2.44 31.49 -2.54
CA TYR A 157 -1.98 32.66 -1.74
C TYR A 157 -3.19 33.54 -1.44
N THR A 158 -3.98 33.82 -2.47
CA THR A 158 -5.20 34.69 -2.40
C THR A 158 -6.22 34.07 -1.42
N PHE A 159 -6.31 32.74 -1.39
CA PHE A 159 -7.22 32.04 -0.46
C PHE A 159 -6.70 32.23 0.97
N LEU A 160 -5.40 32.00 1.22
CA LEU A 160 -4.80 32.14 2.59
C LEU A 160 -4.99 33.57 3.13
N GLN A 161 -4.94 34.57 2.27
CA GLN A 161 -5.13 35.99 2.67
C GLN A 161 -6.50 36.20 3.31
N GLN A 162 -7.51 35.45 2.86
CA GLN A 162 -8.89 35.49 3.43
C GLN A 162 -8.95 34.77 4.78
N LEU A 163 -8.18 33.69 4.95
CA LEU A 163 -8.09 32.92 6.22
C LEU A 163 -7.30 33.75 7.23
N CYS A 164 -6.32 34.53 6.78
CA CYS A 164 -5.34 35.25 7.64
C CYS A 164 -4.64 36.36 6.84
N PRO A 165 -5.18 37.60 6.83
CA PRO A 165 -4.65 38.66 5.98
C PRO A 165 -3.16 38.87 6.26
N ASP A 166 -2.36 39.00 5.20
CA ASP A 166 -0.93 39.42 5.28
C ASP A 166 -0.90 40.95 5.39
N SER A 167 0.23 41.55 5.76
CA SER A 167 0.38 43.03 5.87
C SER A 167 1.30 43.58 4.77
N GLY A 168 1.58 42.80 3.71
CA GLY A 168 2.73 43.10 2.83
C GLY A 168 2.34 43.66 1.47
N THR A 169 3.31 43.65 0.55
CA THR A 169 3.21 44.21 -0.81
C THR A 169 2.83 43.12 -1.80
N ILE A 170 2.56 43.51 -3.04
CA ILE A 170 2.20 42.59 -4.14
C ILE A 170 3.43 41.74 -4.51
N ALA A 171 4.64 42.32 -4.38
CA ALA A 171 5.90 41.67 -4.79
C ALA A 171 6.23 40.57 -3.78
N ALA A 172 6.23 40.91 -2.50
CA ALA A 172 6.30 39.96 -1.35
C ALA A 172 5.41 38.73 -1.63
N ARG A 173 4.18 38.91 -2.13
CA ARG A 173 3.28 37.74 -2.39
C ARG A 173 3.77 36.94 -3.59
N ALA A 174 4.25 37.62 -4.62
CA ALA A 174 4.87 36.98 -5.79
C ALA A 174 6.09 36.17 -5.33
N GLN A 175 6.89 36.73 -4.44
CA GLN A 175 8.13 36.08 -3.93
C GLN A 175 7.78 34.80 -3.15
N VAL A 176 6.69 34.80 -2.38
CA VAL A 176 6.26 33.59 -1.63
C VAL A 176 5.91 32.50 -2.64
N CYS A 177 5.09 32.85 -3.61
CA CYS A 177 4.63 31.91 -4.64
C CYS A 177 5.84 31.39 -5.39
N GLN A 178 6.77 32.29 -5.66
CA GLN A 178 8.05 31.95 -6.35
C GLN A 178 8.85 31.00 -5.45
N GLN A 179 8.92 31.24 -4.15
CA GLN A 179 9.67 30.33 -3.23
C GLN A 179 9.04 28.94 -3.26
N ALA A 180 7.71 28.84 -3.35
CA ALA A 180 6.98 27.55 -3.44
C ALA A 180 7.44 26.79 -4.69
N GLU A 181 7.43 27.49 -5.83
CA GLU A 181 7.93 26.97 -7.15
C GLU A 181 9.37 26.46 -6.94
N HIS A 182 10.26 27.26 -6.37
CA HIS A 182 11.68 26.84 -6.18
C HIS A 182 11.74 25.59 -5.29
N SER A 183 11.16 25.64 -4.10
CA SER A 183 11.42 24.68 -2.99
C SER A 183 10.51 23.46 -3.07
N PHE A 184 9.30 23.61 -3.61
CA PHE A 184 8.30 22.51 -3.59
C PHE A 184 8.12 21.90 -4.99
N ALA A 185 8.55 22.56 -6.08
CA ALA A 185 8.41 22.01 -7.45
C ALA A 185 9.77 21.91 -8.14
N GLY A 186 10.87 22.27 -7.46
CA GLY A 186 12.23 22.21 -8.02
C GLY A 186 12.36 22.93 -9.36
N MET A 187 11.68 24.07 -9.52
CA MET A 187 11.75 24.94 -10.74
C MET A 187 12.11 26.36 -10.30
N PRO A 188 13.37 26.81 -10.52
CA PRO A 188 13.86 28.08 -10.01
C PRO A 188 13.55 29.26 -10.94
N CYS A 189 12.26 29.55 -11.07
CA CYS A 189 11.63 30.56 -11.94
C CYS A 189 11.97 31.98 -11.44
N GLY A 190 11.80 32.98 -12.30
CA GLY A 190 11.78 34.41 -11.92
C GLY A 190 10.41 34.81 -11.41
N ILE A 191 10.14 36.09 -11.18
CA ILE A 191 8.81 36.49 -10.60
C ILE A 191 7.75 36.66 -11.68
N MET A 192 8.09 36.59 -12.97
CA MET A 192 7.14 37.08 -14.00
C MET A 192 5.79 36.42 -13.78
N ASP A 193 5.74 35.09 -13.69
CA ASP A 193 4.48 34.33 -13.87
C ASP A 193 3.55 34.70 -12.71
N GLN A 194 4.11 34.78 -11.50
CA GLN A 194 3.37 34.99 -10.24
C GLN A 194 2.93 36.44 -10.21
N PHE A 195 3.82 37.31 -10.65
CA PHE A 195 3.61 38.77 -10.65
C PHE A 195 2.43 39.09 -11.57
N ILE A 196 2.36 38.46 -12.75
CA ILE A 196 1.27 38.77 -13.73
C ILE A 196 -0.04 38.15 -13.23
N SER A 197 0.02 36.95 -12.67
CA SER A 197 -1.18 36.28 -12.11
C SER A 197 -1.80 37.21 -11.05
N LEU A 198 -0.97 37.81 -10.20
CA LEU A 198 -1.47 38.76 -9.18
C LEU A 198 -1.94 40.09 -9.79
N MET A 199 -1.17 40.64 -10.74
CA MET A 199 -1.22 42.09 -11.07
C MET A 199 -2.09 42.33 -12.31
N GLY A 200 -2.46 41.29 -13.06
CA GLY A 200 -3.21 41.43 -14.33
C GLY A 200 -4.40 42.37 -14.18
N GLN A 201 -4.72 43.11 -15.24
CA GLN A 201 -5.96 43.89 -15.35
C GLN A 201 -6.58 43.61 -16.72
N LYS A 202 -7.89 43.55 -16.79
CA LYS A 202 -8.66 43.42 -18.06
C LYS A 202 -8.20 44.51 -19.05
N GLY A 203 -7.87 44.12 -20.29
CA GLY A 203 -7.56 45.06 -21.37
C GLY A 203 -6.15 45.63 -21.29
N HIS A 204 -5.26 45.04 -20.48
CA HIS A 204 -3.89 45.59 -20.30
C HIS A 204 -2.87 44.46 -20.34
N ALA A 205 -1.72 44.71 -20.97
CA ALA A 205 -0.47 43.96 -20.69
C ALA A 205 0.18 44.67 -19.49
N LEU A 206 1.17 44.02 -18.89
CA LEU A 206 1.82 44.56 -17.68
C LEU A 206 3.30 44.63 -17.99
N LEU A 207 3.85 45.84 -18.07
CA LEU A 207 5.31 46.00 -18.22
C LEU A 207 5.88 45.79 -16.82
N ILE A 208 6.73 44.78 -16.63
CA ILE A 208 7.36 44.55 -15.30
C ILE A 208 8.86 44.85 -15.42
N ASP A 209 9.31 45.83 -14.68
CA ASP A 209 10.73 46.05 -14.38
C ASP A 209 11.12 45.10 -13.24
N CYS A 210 11.84 44.04 -13.58
CA CYS A 210 12.28 42.96 -12.67
C CYS A 210 13.53 43.36 -11.90
N ARG A 211 14.10 44.54 -12.17
CA ARG A 211 15.09 45.14 -11.25
C ARG A 211 14.34 45.96 -10.20
N SER A 212 13.59 46.99 -10.60
CA SER A 212 13.00 47.97 -9.65
C SER A 212 11.71 47.41 -9.04
N LEU A 213 11.06 46.49 -9.76
CA LEU A 213 9.71 45.96 -9.42
C LEU A 213 8.66 47.06 -9.65
N GLU A 214 8.99 48.09 -10.44
CA GLU A 214 7.96 49.01 -10.97
C GLU A 214 7.14 48.26 -12.05
N THR A 215 5.83 48.50 -12.12
CA THR A 215 4.91 47.86 -13.09
C THR A 215 4.09 48.97 -13.77
N SER A 216 3.74 48.83 -15.04
CA SER A 216 2.82 49.78 -15.69
C SER A 216 1.82 49.01 -16.53
N LEU A 217 0.56 49.35 -16.35
CA LEU A 217 -0.54 48.82 -17.19
C LEU A 217 -0.47 49.52 -18.53
N VAL A 218 -0.27 48.75 -19.59
CA VAL A 218 -0.23 49.20 -21.00
C VAL A 218 -1.49 48.70 -21.68
N PRO A 219 -2.38 49.61 -22.17
CA PRO A 219 -3.56 49.23 -22.96
C PRO A 219 -3.36 48.21 -24.10
N LEU A 220 -4.29 47.27 -24.22
CA LEU A 220 -4.24 46.19 -25.25
C LEU A 220 -5.65 45.61 -25.42
N SER A 221 -6.58 46.39 -25.96
CA SER A 221 -8.00 45.98 -26.22
C SER A 221 -8.57 46.79 -27.38
N ASP A 222 -7.82 46.87 -28.47
CA ASP A 222 -8.26 47.28 -29.82
C ASP A 222 -8.95 46.07 -30.46
N PRO A 223 -10.26 46.11 -30.78
CA PRO A 223 -10.92 44.93 -31.36
C PRO A 223 -10.41 44.46 -32.74
N LYS A 224 -9.66 45.29 -33.48
CA LYS A 224 -9.03 44.91 -34.78
C LYS A 224 -7.78 44.04 -34.51
N LEU A 225 -7.30 43.97 -33.26
CA LEU A 225 -6.09 43.20 -32.85
C LEU A 225 -6.51 41.95 -32.06
N ALA A 226 -5.86 40.81 -32.30
CA ALA A 226 -6.03 39.58 -31.50
C ALA A 226 -4.67 39.04 -31.04
N VAL A 227 -4.65 38.35 -29.90
CA VAL A 227 -3.50 37.52 -29.47
C VAL A 227 -3.88 36.05 -29.62
N LEU A 228 -3.21 35.32 -30.53
CA LEU A 228 -3.44 33.89 -30.76
C LEU A 228 -2.32 33.11 -30.08
N ILE A 229 -2.70 32.33 -29.08
CA ILE A 229 -1.82 31.36 -28.37
C ILE A 229 -1.94 30.05 -29.11
N THR A 230 -0.83 29.45 -29.52
CA THR A 230 -0.82 28.11 -30.15
C THR A 230 -0.01 27.17 -29.27
N ASN A 231 -0.64 26.09 -28.79
CA ASN A 231 0.05 25.07 -27.95
C ASN A 231 0.54 23.98 -28.90
N SER A 232 1.86 23.76 -28.87
CA SER A 232 2.57 22.70 -29.61
C SER A 232 2.16 21.32 -29.08
N ASN A 233 1.65 21.24 -27.84
CA ASN A 233 1.31 19.98 -27.13
C ASN A 233 2.53 19.05 -27.15
N VAL A 234 3.72 19.64 -27.04
CA VAL A 234 4.96 18.87 -26.75
C VAL A 234 5.70 19.61 -25.62
N ARG A 235 6.45 18.85 -24.83
CA ARG A 235 7.35 19.39 -23.77
C ARG A 235 8.53 18.44 -23.67
N HIS A 236 9.69 18.83 -24.22
CA HIS A 236 10.96 18.07 -24.08
C HIS A 236 11.43 18.21 -22.62
N SER A 237 12.09 17.18 -22.09
CA SER A 237 12.58 17.11 -20.68
C SER A 237 13.47 18.34 -20.36
N LEU A 238 14.19 18.84 -21.38
CA LEU A 238 15.06 20.04 -21.32
C LEU A 238 14.31 21.27 -20.80
N ALA A 239 13.02 21.43 -21.09
CA ALA A 239 12.22 22.51 -20.48
C ALA A 239 12.55 22.59 -18.98
N SER A 240 12.68 21.43 -18.31
CA SER A 240 12.90 21.31 -16.84
C SER A 240 14.39 21.40 -16.52
N SER A 241 15.24 20.62 -17.21
CA SER A 241 16.67 20.44 -16.86
C SER A 241 17.52 21.64 -17.33
N GLU A 242 17.18 22.28 -18.44
CA GLU A 242 18.05 23.28 -19.12
C GLU A 242 17.70 24.69 -18.63
N TYR A 243 16.51 24.88 -18.06
CA TYR A 243 16.09 26.17 -17.45
C TYR A 243 17.12 26.60 -16.41
N PRO A 244 17.42 25.80 -15.35
CA PRO A 244 18.41 26.21 -14.35
C PRO A 244 19.82 26.42 -14.92
N VAL A 245 20.18 25.70 -15.98
CA VAL A 245 21.48 25.82 -16.70
C VAL A 245 21.59 27.24 -17.29
N ARG A 246 20.52 27.75 -17.89
CA ARG A 246 20.50 29.10 -18.48
C ARG A 246 20.73 30.16 -17.39
N ARG A 247 20.09 29.99 -16.24
CA ARG A 247 20.24 30.95 -15.12
C ARG A 247 21.71 30.99 -14.66
N ARG A 248 22.36 29.83 -14.56
CA ARG A 248 23.77 29.75 -14.12
C ARG A 248 24.73 30.38 -15.14
N GLN A 249 24.54 30.11 -16.43
CA GLN A 249 25.38 30.68 -17.50
C GLN A 249 25.23 32.21 -17.47
N CYS A 250 24.01 32.68 -17.24
CA CYS A 250 23.73 34.14 -17.14
C CYS A 250 24.48 34.73 -15.94
N GLU A 251 24.34 34.12 -14.76
CA GLU A 251 25.08 34.49 -13.53
C GLU A 251 26.59 34.47 -13.82
N GLU A 252 27.10 33.45 -14.50
CA GLU A 252 28.56 33.31 -14.83
C GLU A 252 29.02 34.55 -15.62
N VAL A 253 28.23 35.00 -16.61
CA VAL A 253 28.58 36.18 -17.47
C VAL A 253 28.52 37.47 -16.62
N ALA A 254 27.41 37.75 -15.95
CA ALA A 254 27.31 38.87 -14.97
C ALA A 254 28.59 38.90 -14.09
N ARG A 255 28.91 37.76 -13.48
CA ARG A 255 30.04 37.57 -12.53
C ARG A 255 31.35 37.98 -13.22
N ALA A 256 31.62 37.45 -14.43
CA ALA A 256 32.85 37.67 -15.21
C ALA A 256 33.03 39.16 -15.49
N LEU A 257 31.94 39.88 -15.77
CA LEU A 257 31.95 41.31 -16.19
C LEU A 257 31.83 42.20 -14.95
N GLY A 258 31.80 41.62 -13.75
CA GLY A 258 31.67 42.37 -12.48
C GLY A 258 30.36 43.14 -12.44
N ALA A 259 29.29 42.55 -12.96
CA ALA A 259 27.96 43.18 -13.01
C ALA A 259 27.05 42.46 -12.02
N ALA A 260 26.31 43.22 -11.23
CA ALA A 260 25.21 42.74 -10.37
C ALA A 260 24.28 41.83 -11.20
N SER A 261 24.06 42.16 -12.48
CA SER A 261 23.14 41.44 -13.39
C SER A 261 23.32 41.88 -14.83
N LEU A 262 22.74 41.13 -15.78
CA LEU A 262 22.87 41.42 -17.23
C LEU A 262 22.05 42.68 -17.56
N ARG A 263 21.14 43.11 -16.68
CA ARG A 263 20.43 44.40 -16.86
C ARG A 263 21.44 45.56 -16.98
N GLU A 264 22.57 45.46 -16.28
CA GLU A 264 23.62 46.50 -16.17
C GLU A 264 24.55 46.47 -17.38
N VAL A 265 24.40 45.46 -18.23
CA VAL A 265 25.33 45.14 -19.34
C VAL A 265 24.61 45.46 -20.65
N GLN A 266 25.29 46.16 -21.56
CA GLN A 266 24.77 46.47 -22.92
C GLN A 266 25.73 45.85 -23.94
N LEU A 267 25.21 45.56 -25.13
CA LEU A 267 25.88 44.78 -26.20
C LEU A 267 27.32 45.27 -26.38
N GLU A 268 27.54 46.57 -26.25
CA GLU A 268 28.86 47.22 -26.46
C GLU A 268 29.84 46.66 -25.43
N GLU A 269 29.43 46.64 -24.14
CA GLU A 269 30.27 46.17 -23.02
C GLU A 269 30.48 44.66 -23.16
N LEU A 270 29.44 43.95 -23.59
CA LEU A 270 29.51 42.49 -23.82
C LEU A 270 30.52 42.23 -24.95
N GLU A 271 30.37 42.92 -26.08
CA GLU A 271 31.26 42.80 -27.26
C GLU A 271 32.72 43.00 -26.84
N ALA A 272 32.99 43.90 -25.90
CA ALA A 272 34.35 44.29 -25.45
C ALA A 272 34.93 43.28 -24.45
N ALA A 273 34.10 42.43 -23.83
CA ALA A 273 34.53 41.41 -22.84
C ALA A 273 34.32 40.00 -23.42
N ARG A 274 34.39 39.88 -24.75
CA ARG A 274 34.21 38.59 -25.49
C ARG A 274 35.28 37.58 -25.04
N ASP A 275 36.51 38.02 -24.79
CA ASP A 275 37.64 37.15 -24.39
C ASP A 275 37.35 36.55 -23.00
N LEU A 276 36.53 37.23 -22.19
CA LEU A 276 36.30 36.99 -20.73
C LEU A 276 35.21 35.94 -20.48
N VAL A 277 34.72 35.25 -21.50
CA VAL A 277 33.41 34.54 -21.46
C VAL A 277 33.40 33.42 -22.52
N SER A 278 32.74 32.29 -22.25
CA SER A 278 32.65 31.14 -23.18
C SER A 278 31.83 31.53 -24.41
N LYS A 279 32.04 30.86 -25.54
CA LYS A 279 31.33 31.18 -26.81
C LYS A 279 29.82 31.17 -26.52
N GLU A 280 29.34 30.16 -25.77
CA GLU A 280 27.92 29.97 -25.37
C GLU A 280 27.49 31.02 -24.36
N GLY A 281 28.33 31.27 -23.34
CA GLY A 281 28.10 32.39 -22.40
C GLY A 281 27.77 33.67 -23.15
N PHE A 282 28.61 34.03 -24.12
CA PHE A 282 28.46 35.23 -24.96
C PHE A 282 27.11 35.20 -25.68
N ARG A 283 26.69 34.05 -26.19
CA ARG A 283 25.42 33.93 -26.93
C ARG A 283 24.22 34.17 -26.01
N ARG A 284 24.25 33.61 -24.80
CA ARG A 284 23.13 33.76 -23.83
C ARG A 284 22.99 35.23 -23.45
N ALA A 285 24.10 35.90 -23.19
CA ALA A 285 24.10 37.33 -22.77
C ALA A 285 23.61 38.24 -23.90
N ARG A 286 23.97 37.92 -25.14
CA ARG A 286 23.56 38.74 -26.30
C ARG A 286 22.04 38.70 -26.41
N HIS A 287 21.45 37.52 -26.21
CA HIS A 287 19.97 37.43 -26.22
C HIS A 287 19.37 38.28 -25.10
N VAL A 288 19.89 38.18 -23.89
CA VAL A 288 19.23 38.86 -22.74
C VAL A 288 19.35 40.36 -22.93
N VAL A 289 20.54 40.82 -23.31
CA VAL A 289 20.81 42.28 -23.45
C VAL A 289 19.93 42.81 -24.59
N GLY A 290 19.91 42.11 -25.72
CA GLY A 290 19.00 42.37 -26.85
C GLY A 290 17.55 42.30 -26.43
N GLU A 291 17.16 41.28 -25.67
CA GLU A 291 15.74 41.06 -25.31
C GLU A 291 15.24 42.18 -24.42
N ILE A 292 16.07 42.68 -23.50
CA ILE A 292 15.67 43.80 -22.59
C ILE A 292 15.39 45.04 -23.47
N ARG A 293 16.30 45.36 -24.41
CA ARG A 293 16.13 46.48 -25.37
C ARG A 293 14.79 46.32 -26.12
N ARG A 294 14.59 45.17 -26.79
CA ARG A 294 13.39 44.85 -27.60
C ARG A 294 12.11 45.06 -26.76
N THR A 295 12.15 44.72 -25.47
CA THR A 295 10.94 44.79 -24.60
C THR A 295 10.60 46.25 -24.36
N ALA A 296 11.61 47.10 -24.16
CA ALA A 296 11.42 48.55 -23.98
C ALA A 296 10.91 49.11 -25.30
N GLN A 297 11.51 48.70 -26.42
CA GLN A 297 11.05 49.14 -27.77
C GLN A 297 9.59 48.66 -27.96
N ALA A 298 9.25 47.46 -27.50
CA ALA A 298 7.91 46.85 -27.77
C ALA A 298 6.82 47.57 -26.96
N ALA A 299 7.07 47.80 -25.67
CA ALA A 299 6.29 48.72 -24.82
C ALA A 299 6.09 50.09 -25.54
N ALA A 300 7.14 50.75 -26.01
CA ALA A 300 7.00 52.06 -26.69
C ALA A 300 6.09 51.88 -27.92
N ALA A 301 6.29 50.83 -28.72
CA ALA A 301 5.52 50.51 -29.94
C ALA A 301 4.03 50.32 -29.58
N LEU A 302 3.75 49.48 -28.58
CA LEU A 302 2.38 49.08 -28.18
C LEU A 302 1.57 50.32 -27.77
N ARG A 303 2.18 51.22 -27.02
CA ARG A 303 1.53 52.48 -26.58
C ARG A 303 1.01 53.24 -27.83
N ARG A 304 1.88 53.42 -28.86
CA ARG A 304 1.58 54.20 -30.11
C ARG A 304 0.57 53.48 -31.01
N GLY A 305 0.17 52.25 -30.65
CA GLY A 305 -0.64 51.36 -31.52
C GLY A 305 0.13 50.91 -32.75
N ASP A 306 1.47 50.89 -32.69
CA ASP A 306 2.36 50.43 -33.79
C ASP A 306 2.56 48.91 -33.66
N TYR A 307 1.55 48.16 -34.11
CA TYR A 307 1.51 46.68 -34.06
C TYR A 307 2.52 46.09 -35.03
N ARG A 308 2.80 46.76 -36.15
CA ARG A 308 3.72 46.22 -37.19
C ARG A 308 5.11 46.15 -36.54
N ALA A 309 5.52 47.22 -35.86
CA ALA A 309 6.82 47.31 -35.17
C ALA A 309 6.83 46.28 -34.04
N PHE A 310 5.74 46.22 -33.27
CA PHE A 310 5.60 45.27 -32.13
C PHE A 310 5.88 43.85 -32.65
N GLY A 311 5.21 43.49 -33.75
CA GLY A 311 5.30 42.15 -34.36
C GLY A 311 6.72 41.83 -34.81
N ARG A 312 7.38 42.82 -35.44
CA ARG A 312 8.80 42.73 -35.87
C ARG A 312 9.68 42.38 -34.65
N LEU A 313 9.54 43.14 -33.56
CA LEU A 313 10.25 42.89 -32.28
C LEU A 313 9.94 41.49 -31.76
N MET A 314 8.72 40.99 -31.96
CA MET A 314 8.36 39.61 -31.53
C MET A 314 9.18 38.59 -32.31
N VAL A 315 9.32 38.79 -33.63
CA VAL A 315 10.08 37.88 -34.55
C VAL A 315 11.56 37.90 -34.15
N GLU A 316 12.14 39.09 -33.95
CA GLU A 316 13.53 39.27 -33.44
C GLU A 316 13.69 38.50 -32.09
N SER A 317 12.74 38.57 -31.14
CA SER A 317 12.82 37.85 -29.83
C SER A 317 12.92 36.34 -30.09
N HIS A 318 12.13 35.80 -31.01
CA HIS A 318 12.12 34.35 -31.33
C HIS A 318 13.46 33.92 -31.92
N ARG A 319 13.93 34.67 -32.93
CA ARG A 319 15.19 34.37 -33.62
C ARG A 319 16.28 34.33 -32.56
N SER A 320 16.34 35.35 -31.72
CA SER A 320 17.31 35.43 -30.60
C SER A 320 17.17 34.17 -29.71
N LEU A 321 15.93 33.78 -29.37
CA LEU A 321 15.69 32.64 -28.45
C LEU A 321 16.08 31.34 -29.15
N ARG A 322 15.96 31.29 -30.48
CA ARG A 322 16.26 30.09 -31.31
C ARG A 322 17.78 29.94 -31.48
N ASP A 323 18.48 31.04 -31.70
CA ASP A 323 19.87 31.01 -32.23
C ASP A 323 20.89 31.28 -31.12
N ASP A 324 20.59 32.23 -30.24
CA ASP A 324 21.54 32.66 -29.17
C ASP A 324 21.17 31.96 -27.84
N TYR A 325 19.91 32.01 -27.43
CA TYR A 325 19.53 31.38 -26.13
C TYR A 325 19.33 29.87 -26.33
N GLU A 326 19.08 29.44 -27.58
CA GLU A 326 18.86 28.02 -27.92
C GLU A 326 17.92 27.38 -26.90
N VAL A 327 16.73 27.94 -26.77
CA VAL A 327 15.61 27.37 -25.96
C VAL A 327 14.39 27.16 -26.84
N SER A 328 14.51 27.21 -28.16
CA SER A 328 13.41 26.76 -29.04
C SER A 328 13.53 25.25 -29.26
N CYS A 329 12.59 24.68 -30.02
CA CYS A 329 12.69 23.31 -30.55
C CYS A 329 12.08 23.32 -31.94
N PRO A 330 12.25 22.26 -32.76
CA PRO A 330 11.70 22.25 -34.12
C PRO A 330 10.19 22.51 -34.14
N GLU A 331 9.47 22.07 -33.11
CA GLU A 331 8.00 22.19 -33.04
C GLU A 331 7.65 23.67 -33.02
N LEU A 332 8.20 24.43 -32.07
CA LEU A 332 7.95 25.89 -31.88
C LEU A 332 8.34 26.62 -33.16
N ASP A 333 9.50 26.33 -33.72
CA ASP A 333 10.04 27.00 -34.92
C ASP A 333 9.04 26.80 -36.08
N GLN A 334 8.64 25.56 -36.33
CA GLN A 334 7.66 25.24 -37.40
C GLN A 334 6.37 26.03 -37.09
N LEU A 335 5.93 26.13 -35.82
CA LEU A 335 4.69 26.87 -35.47
C LEU A 335 4.87 28.37 -35.79
N VAL A 336 6.04 28.94 -35.52
CA VAL A 336 6.35 30.37 -35.79
C VAL A 336 6.45 30.57 -37.31
N GLU A 337 7.09 29.65 -38.05
CA GLU A 337 7.20 29.74 -39.53
C GLU A 337 5.80 29.83 -40.12
N ALA A 338 4.89 28.95 -39.72
CA ALA A 338 3.51 28.88 -40.26
C ALA A 338 2.82 30.22 -40.01
N ALA A 339 2.93 30.74 -38.78
CA ALA A 339 2.24 31.98 -38.34
C ALA A 339 2.66 33.15 -39.22
N LEU A 340 3.95 33.30 -39.49
CA LEU A 340 4.54 34.48 -40.20
C LEU A 340 4.21 34.42 -41.71
N ALA A 341 3.75 33.27 -42.20
CA ALA A 341 3.28 33.08 -43.59
C ALA A 341 1.83 33.56 -43.74
N VAL A 342 1.10 33.83 -42.66
CA VAL A 342 -0.37 34.14 -42.76
C VAL A 342 -0.56 35.64 -42.91
N PRO A 343 -1.23 36.10 -43.99
CA PRO A 343 -1.58 37.51 -44.14
C PRO A 343 -2.28 38.03 -42.87
N GLY A 344 -1.90 39.22 -42.39
CA GLY A 344 -2.52 39.89 -41.23
C GLY A 344 -1.82 39.54 -39.91
N VAL A 345 -0.83 38.64 -39.94
CA VAL A 345 0.01 38.33 -38.75
C VAL A 345 1.12 39.38 -38.68
N TYR A 346 1.22 40.09 -37.56
CA TYR A 346 2.25 41.12 -37.30
C TYR A 346 3.52 40.44 -36.83
N GLY A 347 3.40 39.36 -36.05
CA GLY A 347 4.54 38.69 -35.43
C GLY A 347 4.14 37.48 -34.62
N SER A 348 5.07 36.54 -34.49
CA SER A 348 4.92 35.28 -33.75
C SER A 348 6.28 34.96 -33.13
N ARG A 349 6.24 34.27 -31.98
CA ARG A 349 7.41 33.84 -31.21
C ARG A 349 6.96 32.77 -30.19
N MET A 350 7.90 31.93 -29.77
CA MET A 350 7.72 31.11 -28.55
C MET A 350 7.52 32.08 -27.37
N THR A 351 6.72 31.63 -26.40
CA THR A 351 6.44 32.34 -25.13
C THR A 351 6.83 31.40 -23.99
N GLY A 352 7.11 31.99 -22.83
CA GLY A 352 7.56 31.27 -21.62
C GLY A 352 8.88 30.56 -21.84
N GLY A 353 9.10 29.45 -21.14
CA GLY A 353 10.41 28.84 -20.89
C GLY A 353 11.04 28.27 -22.13
N GLY A 354 10.22 27.69 -23.01
CA GLY A 354 10.70 27.08 -24.27
C GLY A 354 10.76 25.56 -24.21
N PHE A 355 11.40 24.94 -25.21
CA PHE A 355 11.58 23.46 -25.35
C PHE A 355 10.21 22.79 -25.49
N GLY A 356 9.23 23.57 -25.95
CA GLY A 356 7.83 23.16 -26.12
C GLY A 356 6.93 24.25 -25.63
N GLY A 357 5.73 23.90 -25.19
CA GLY A 357 4.74 24.90 -24.76
C GLY A 357 4.17 25.63 -25.95
N CYS A 358 3.94 26.92 -25.78
CA CYS A 358 3.06 27.74 -26.63
C CYS A 358 3.86 28.75 -27.45
N THR A 359 3.30 29.16 -28.59
CA THR A 359 3.69 30.41 -29.29
C THR A 359 2.60 31.45 -29.07
N VAL A 360 2.98 32.71 -29.14
CA VAL A 360 2.05 33.87 -29.14
C VAL A 360 2.21 34.59 -30.49
N THR A 361 1.09 34.93 -31.10
CA THR A 361 0.97 35.57 -32.44
C THR A 361 0.10 36.79 -32.26
N LEU A 362 0.60 37.96 -32.66
CA LEU A 362 -0.19 39.20 -32.74
C LEU A 362 -0.69 39.30 -34.18
N LEU A 363 -1.99 39.43 -34.38
CA LEU A 363 -2.59 39.48 -35.74
C LEU A 363 -3.86 40.30 -35.70
N GLU A 364 -4.26 40.84 -36.85
CA GLU A 364 -5.60 41.44 -37.08
C GLU A 364 -6.64 40.38 -36.71
N ALA A 365 -7.63 40.74 -35.89
CA ALA A 365 -8.68 39.80 -35.41
C ALA A 365 -9.19 38.93 -36.58
N SER A 366 -9.49 39.53 -37.73
CA SER A 366 -10.18 38.86 -38.85
C SER A 366 -9.27 37.79 -39.50
N ALA A 367 -7.97 37.79 -39.17
CA ALA A 367 -6.97 36.84 -39.73
C ALA A 367 -6.94 35.52 -38.91
N ALA A 368 -7.44 35.54 -37.67
CA ALA A 368 -7.32 34.40 -36.72
C ALA A 368 -7.87 33.11 -37.35
N PRO A 369 -9.10 33.09 -37.90
CA PRO A 369 -9.62 31.89 -38.56
C PRO A 369 -8.63 31.31 -39.61
N HIS A 370 -8.18 32.14 -40.55
CA HIS A 370 -7.19 31.79 -41.59
C HIS A 370 -5.87 31.31 -40.96
N ALA A 371 -5.39 31.92 -39.88
CA ALA A 371 -4.08 31.59 -39.26
C ALA A 371 -4.13 30.21 -38.58
N MET A 372 -5.25 29.95 -37.87
CA MET A 372 -5.53 28.66 -37.19
C MET A 372 -5.58 27.52 -38.22
N ARG A 373 -6.32 27.68 -39.32
CA ARG A 373 -6.35 26.66 -40.41
C ARG A 373 -4.91 26.36 -40.88
N HIS A 374 -4.16 27.44 -41.24
CA HIS A 374 -2.81 27.37 -41.88
C HIS A 374 -1.76 26.84 -40.90
N ILE A 375 -1.78 27.29 -39.64
CA ILE A 375 -0.82 26.80 -38.60
C ILE A 375 -1.03 25.29 -38.45
N GLN A 376 -2.27 24.83 -38.27
CA GLN A 376 -2.62 23.39 -38.12
C GLN A 376 -2.08 22.58 -39.31
N GLU A 377 -2.39 23.00 -40.54
CA GLU A 377 -2.05 22.24 -41.78
C GLU A 377 -0.52 22.15 -41.90
N HIS A 378 0.18 23.19 -41.44
CA HIS A 378 1.67 23.25 -41.47
C HIS A 378 2.27 22.54 -40.26
N TYR A 379 1.51 22.33 -39.17
CA TYR A 379 2.06 21.74 -37.93
C TYR A 379 2.05 20.20 -38.02
N GLY A 380 3.27 19.64 -37.97
CA GLY A 380 3.56 18.19 -38.04
C GLY A 380 3.03 17.41 -36.83
N GLY A 381 2.63 18.09 -35.76
CA GLY A 381 1.94 17.49 -34.60
C GLY A 381 0.47 17.88 -34.56
N THR A 382 -0.10 18.04 -33.36
CA THR A 382 -1.50 18.46 -33.15
C THR A 382 -1.54 19.72 -32.29
N ALA A 383 -1.79 20.87 -32.91
CA ALA A 383 -1.83 22.19 -32.25
C ALA A 383 -3.18 22.38 -31.57
N THR A 384 -3.18 23.16 -30.49
CA THR A 384 -4.38 23.66 -29.77
C THR A 384 -4.32 25.20 -29.79
N PHE A 385 -5.47 25.86 -29.80
CA PHE A 385 -5.58 27.33 -30.04
C PHE A 385 -6.41 27.96 -28.94
N TYR A 386 -5.94 29.09 -28.41
CA TYR A 386 -6.71 30.03 -27.56
C TYR A 386 -6.61 31.41 -28.18
N LEU A 387 -7.75 32.07 -28.36
CA LEU A 387 -7.85 33.50 -28.74
C LEU A 387 -8.08 34.29 -27.46
N SER A 388 -7.08 35.03 -27.01
CA SER A 388 -6.99 35.54 -25.63
C SER A 388 -7.13 37.06 -25.60
N GLN A 389 -8.13 37.60 -24.91
CA GLN A 389 -8.12 39.01 -24.44
C GLN A 389 -7.27 39.08 -23.16
N ALA A 390 -6.77 40.26 -22.84
CA ALA A 390 -6.01 40.55 -21.60
C ALA A 390 -7.02 40.52 -20.46
N ALA A 391 -6.77 39.69 -19.44
CA ALA A 391 -7.74 39.40 -18.36
C ALA A 391 -7.27 40.02 -17.03
N ASP A 392 -8.18 40.04 -16.05
CA ASP A 392 -7.89 40.49 -14.67
C ASP A 392 -6.90 39.51 -14.02
N GLY A 393 -6.16 39.99 -13.02
CA GLY A 393 -5.35 39.13 -12.12
C GLY A 393 -6.22 38.54 -11.01
N ALA A 394 -5.62 38.19 -9.86
CA ALA A 394 -6.24 37.39 -8.79
C ALA A 394 -7.47 38.11 -8.21
N LYS A 395 -8.59 37.40 -8.04
CA LYS A 395 -9.83 37.99 -7.48
C LYS A 395 -10.40 37.12 -6.34
N VAL A 396 -11.27 37.74 -5.55
CA VAL A 396 -11.98 37.12 -4.40
C VAL A 396 -13.47 37.37 -4.55
N LEU A 397 -14.27 36.32 -4.30
CA LEU A 397 -15.75 36.38 -4.17
C LEU A 397 -16.17 35.62 -2.91
N CYS A 398 -16.73 36.36 -1.95
CA CYS A 398 -17.35 35.84 -0.69
C CYS A 398 -18.64 35.13 -1.09
N LEU A 399 -18.77 33.85 -0.71
CA LEU A 399 -19.95 33.00 -1.05
C LEU A 399 -20.84 32.95 0.19
N ALA B 9 -36.74 -13.51 -4.58
CA ALA B 9 -36.05 -12.26 -5.05
C ALA B 9 -36.02 -11.19 -3.94
N ALA B 10 -36.72 -11.45 -2.81
CA ALA B 10 -36.65 -10.64 -1.58
C ALA B 10 -35.36 -10.97 -0.80
N LEU B 11 -34.94 -12.25 -0.79
CA LEU B 11 -33.74 -12.75 -0.07
C LEU B 11 -32.48 -11.99 -0.51
N ARG B 12 -31.85 -11.23 0.40
CA ARG B 12 -30.50 -10.66 0.19
C ARG B 12 -29.48 -11.74 0.55
N GLN B 13 -28.63 -12.12 -0.41
CA GLN B 13 -27.48 -13.02 -0.17
C GLN B 13 -26.39 -12.21 0.54
N PRO B 14 -25.64 -12.80 1.50
CA PRO B 14 -24.39 -12.20 1.96
C PRO B 14 -23.40 -12.36 0.80
N GLN B 15 -22.65 -11.31 0.48
CA GLN B 15 -21.72 -11.32 -0.69
C GLN B 15 -20.39 -10.80 -0.17
N VAL B 16 -19.76 -11.59 0.69
CA VAL B 16 -18.66 -11.09 1.58
C VAL B 16 -17.38 -10.96 0.74
N ALA B 17 -17.09 -11.91 -0.15
CA ALA B 17 -15.96 -11.80 -1.11
C ALA B 17 -16.09 -10.49 -1.90
N GLU B 18 -17.29 -10.23 -2.43
CA GLU B 18 -17.63 -9.02 -3.25
C GLU B 18 -17.46 -7.77 -2.39
N LEU B 19 -18.01 -7.78 -1.17
CA LEU B 19 -17.97 -6.64 -0.22
C LEU B 19 -16.52 -6.22 0.02
N LEU B 20 -15.63 -7.18 0.34
CA LEU B 20 -14.18 -6.96 0.51
C LEU B 20 -13.55 -6.44 -0.80
N ALA B 21 -13.91 -7.02 -1.94
CA ALA B 21 -13.33 -6.64 -3.25
C ALA B 21 -13.67 -5.18 -3.53
N GLU B 22 -14.89 -4.76 -3.19
CA GLU B 22 -15.38 -3.38 -3.45
C GLU B 22 -14.63 -2.43 -2.53
N ALA B 23 -14.50 -2.76 -1.25
CA ALA B 23 -13.77 -1.95 -0.27
C ALA B 23 -12.33 -1.69 -0.77
N ARG B 24 -11.65 -2.71 -1.30
CA ARG B 24 -10.21 -2.63 -1.70
C ARG B 24 -10.08 -1.71 -2.93
N ARG B 25 -10.92 -1.92 -3.93
CA ARG B 25 -11.00 -1.11 -5.17
C ARG B 25 -11.23 0.35 -4.78
N ALA B 26 -12.28 0.62 -4.01
CA ALA B 26 -12.63 1.97 -3.54
C ALA B 26 -11.42 2.61 -2.84
N PHE B 27 -10.65 1.83 -2.10
CA PHE B 27 -9.49 2.36 -1.32
C PHE B 27 -8.39 2.82 -2.29
N ARG B 28 -8.00 1.95 -3.23
CA ARG B 28 -6.88 2.20 -4.19
C ARG B 28 -7.20 3.47 -5.01
N GLU B 29 -8.46 3.64 -5.40
CA GLU B 29 -8.98 4.81 -6.16
C GLU B 29 -8.93 6.05 -5.25
N GLU B 30 -9.33 5.97 -3.98
CA GLU B 30 -9.44 7.14 -3.07
C GLU B 30 -8.04 7.65 -2.63
N PHE B 31 -7.12 6.76 -2.29
CA PHE B 31 -5.86 7.10 -1.56
C PHE B 31 -4.63 6.93 -2.45
N GLY B 32 -4.80 6.34 -3.64
CA GLY B 32 -3.76 6.19 -4.66
C GLY B 32 -2.79 5.06 -4.35
N ALA B 33 -3.19 4.14 -3.47
CA ALA B 33 -2.36 2.96 -3.11
C ALA B 33 -3.23 1.79 -2.66
N GLU B 34 -2.65 0.59 -2.70
CA GLU B 34 -3.27 -0.65 -2.17
C GLU B 34 -3.31 -0.61 -0.64
N PRO B 35 -4.47 -0.93 -0.01
CA PRO B 35 -4.56 -1.00 1.44
C PRO B 35 -3.74 -2.19 1.97
N GLU B 36 -3.17 -2.04 3.16
CA GLU B 36 -2.27 -3.05 3.78
C GLU B 36 -3.06 -4.04 4.67
N LEU B 37 -4.33 -3.74 5.00
CA LEU B 37 -5.08 -4.38 6.11
C LEU B 37 -6.56 -4.46 5.78
N ALA B 38 -7.20 -5.62 5.97
CA ALA B 38 -8.67 -5.82 5.99
C ALA B 38 -9.06 -6.32 7.38
N VAL B 39 -10.10 -5.74 7.97
CA VAL B 39 -10.83 -6.33 9.13
C VAL B 39 -12.34 -6.38 8.83
N SER B 40 -13.05 -7.25 9.53
CA SER B 40 -14.54 -7.30 9.55
C SER B 40 -15.05 -7.49 10.98
N ALA B 41 -16.29 -7.06 11.21
CA ALA B 41 -17.04 -7.32 12.45
C ALA B 41 -18.49 -7.48 12.05
N PRO B 42 -19.20 -8.49 12.58
CA PRO B 42 -20.53 -8.83 12.08
C PRO B 42 -21.63 -8.01 12.75
N GLY B 43 -22.75 -7.88 12.07
CA GLY B 43 -24.05 -7.57 12.72
C GLY B 43 -24.57 -8.79 13.45
N ARG B 44 -25.75 -8.71 14.06
CA ARG B 44 -26.20 -9.78 14.99
C ARG B 44 -27.74 -9.88 14.97
N VAL B 45 -28.21 -11.10 15.22
CA VAL B 45 -29.64 -11.40 15.54
C VAL B 45 -29.63 -11.95 16.98
N ASN B 46 -30.46 -11.42 17.87
CA ASN B 46 -30.63 -12.00 19.23
C ASN B 46 -31.73 -13.06 19.14
N LEU B 47 -31.38 -14.33 19.33
CA LEU B 47 -32.37 -15.42 19.23
C LEU B 47 -33.37 -15.28 20.37
N ILE B 48 -32.91 -15.00 21.58
CA ILE B 48 -33.81 -14.73 22.73
C ILE B 48 -33.00 -13.95 23.77
N GLY B 49 -33.67 -13.19 24.63
CA GLY B 49 -33.00 -12.45 25.70
C GLY B 49 -33.11 -10.97 25.43
N GLU B 50 -34.31 -10.47 25.15
CA GLU B 50 -34.40 -9.06 24.73
C GLU B 50 -34.65 -8.17 25.94
N HIS B 51 -33.91 -7.06 25.96
CA HIS B 51 -33.96 -5.99 26.97
C HIS B 51 -33.55 -6.57 28.33
N THR B 52 -32.65 -7.58 28.33
CA THR B 52 -32.05 -8.17 29.55
C THR B 52 -30.59 -7.69 29.74
N ASP B 53 -29.86 -7.31 28.67
CA ASP B 53 -28.38 -7.09 28.78
C ASP B 53 -28.11 -5.98 29.81
N TYR B 54 -28.85 -4.86 29.79
CA TYR B 54 -28.65 -3.74 30.75
C TYR B 54 -29.30 -4.01 32.11
N ASN B 55 -29.99 -5.14 32.29
CA ASN B 55 -30.48 -5.60 33.61
C ASN B 55 -29.59 -6.77 34.09
N GLN B 56 -28.32 -6.78 33.70
CA GLN B 56 -27.32 -7.81 34.07
C GLN B 56 -27.92 -9.21 33.88
N GLY B 57 -28.65 -9.43 32.77
CA GLY B 57 -29.39 -10.67 32.49
C GLY B 57 -28.61 -11.57 31.51
N LEU B 58 -29.35 -12.53 30.88
CA LEU B 58 -28.82 -13.47 29.86
C LEU B 58 -29.36 -13.10 28.47
N VAL B 59 -28.46 -13.15 27.48
CA VAL B 59 -28.83 -13.01 26.04
C VAL B 59 -28.22 -14.17 25.25
N LEU B 60 -28.92 -14.58 24.17
CA LEU B 60 -28.49 -15.69 23.28
C LEU B 60 -28.48 -15.19 21.84
N PRO B 61 -27.52 -14.31 21.47
CA PRO B 61 -27.38 -13.87 20.08
C PRO B 61 -26.56 -14.85 19.23
N MET B 62 -26.66 -14.71 17.91
CA MET B 62 -25.60 -15.20 17.01
C MET B 62 -25.18 -14.09 16.03
N ALA B 63 -23.90 -14.09 15.63
CA ALA B 63 -23.29 -13.21 14.60
C ALA B 63 -23.78 -13.62 13.21
N LEU B 64 -23.90 -12.64 12.31
CA LEU B 64 -24.38 -12.77 10.91
C LEU B 64 -23.20 -12.68 9.93
N GLU B 65 -23.42 -13.19 8.72
CA GLU B 65 -22.51 -13.02 7.55
C GLU B 65 -22.67 -11.59 7.00
N LEU B 66 -23.75 -10.90 7.38
CA LEU B 66 -23.87 -9.44 7.22
C LEU B 66 -22.81 -8.80 8.13
N MET B 67 -21.94 -7.94 7.58
CA MET B 67 -20.80 -7.36 8.34
C MET B 67 -20.45 -5.94 7.87
N THR B 68 -19.65 -5.28 8.69
CA THR B 68 -18.90 -4.07 8.35
C THR B 68 -17.44 -4.47 8.13
N VAL B 69 -16.88 -4.04 7.00
CA VAL B 69 -15.45 -4.26 6.61
C VAL B 69 -14.72 -2.91 6.62
N LEU B 70 -13.60 -2.82 7.32
CA LEU B 70 -12.58 -1.74 7.15
C LEU B 70 -11.40 -2.32 6.41
N VAL B 71 -11.02 -1.62 5.34
CA VAL B 71 -9.75 -1.80 4.62
C VAL B 71 -8.95 -0.50 4.74
N GLY B 72 -7.68 -0.57 5.13
CA GLY B 72 -6.80 0.61 5.15
C GLY B 72 -5.38 0.37 5.65
N SER B 73 -4.75 1.46 6.04
CA SER B 73 -3.26 1.61 6.08
C SER B 73 -2.93 2.69 7.10
N PRO B 74 -1.89 2.47 7.92
CA PRO B 74 -1.37 3.51 8.81
C PRO B 74 -0.91 4.76 8.04
N ARG B 75 -0.94 5.92 8.68
CA ARG B 75 -0.35 7.20 8.22
C ARG B 75 0.71 7.65 9.23
N LYS B 76 1.55 8.58 8.80
CA LYS B 76 2.70 9.12 9.58
C LYS B 76 2.30 10.45 10.24
N ASP B 77 1.20 11.06 9.76
CA ASP B 77 0.89 12.50 9.98
C ASP B 77 -0.13 12.65 11.13
N GLY B 78 -0.46 11.57 11.84
CA GLY B 78 -1.33 11.62 13.02
C GLY B 78 -2.75 12.06 12.64
N LEU B 79 -3.11 11.85 11.38
CA LEU B 79 -4.41 12.23 10.77
C LEU B 79 -5.21 10.96 10.46
N VAL B 80 -6.53 11.02 10.67
CA VAL B 80 -7.45 9.92 10.27
C VAL B 80 -8.25 10.35 9.05
N SER B 81 -8.30 9.50 8.03
CA SER B 81 -8.98 9.82 6.73
C SER B 81 -9.93 8.69 6.34
N LEU B 82 -11.22 9.02 6.25
CA LEU B 82 -12.30 8.00 6.13
C LEU B 82 -13.08 8.24 4.84
N LEU B 83 -13.37 7.15 4.14
CA LEU B 83 -14.37 7.13 3.05
C LEU B 83 -15.31 5.97 3.35
N THR B 84 -16.62 6.23 3.36
CA THR B 84 -17.64 5.15 3.43
C THR B 84 -18.33 5.06 2.07
N THR B 85 -18.57 3.85 1.58
CA THR B 85 -19.42 3.59 0.38
C THR B 85 -20.78 2.97 0.77
N SER B 86 -21.13 2.85 2.05
CA SER B 86 -22.46 2.31 2.46
C SER B 86 -23.58 3.27 2.02
N GLU B 87 -24.56 2.77 1.23
CA GLU B 87 -25.53 3.62 0.47
C GLU B 87 -26.36 4.50 1.42
N GLY B 88 -26.72 4.01 2.61
CA GLY B 88 -27.58 4.73 3.58
C GLY B 88 -26.84 5.78 4.41
N ALA B 89 -25.50 5.77 4.43
CA ALA B 89 -24.66 6.73 5.20
C ALA B 89 -25.08 8.16 4.86
N ASP B 90 -25.14 9.02 5.87
CA ASP B 90 -25.49 10.46 5.76
C ASP B 90 -24.24 11.27 5.37
N GLU B 91 -24.44 12.38 4.67
CA GLU B 91 -23.39 13.16 3.97
C GLU B 91 -22.56 13.94 4.97
N PRO B 92 -21.27 14.21 4.66
CA PRO B 92 -20.62 13.67 3.47
C PRO B 92 -20.15 12.21 3.69
N GLN B 93 -19.78 11.50 2.63
CA GLN B 93 -19.23 10.12 2.70
C GLN B 93 -17.78 10.14 3.21
N ARG B 94 -17.12 11.28 3.19
CA ARG B 94 -15.72 11.40 3.65
C ARG B 94 -15.64 12.29 4.90
N LEU B 95 -14.74 11.95 5.80
CA LEU B 95 -14.37 12.82 6.95
C LEU B 95 -12.89 12.59 7.24
N GLN B 96 -12.19 13.67 7.56
CA GLN B 96 -10.80 13.62 8.07
C GLN B 96 -10.77 14.37 9.38
N PHE B 97 -9.89 13.97 10.28
CA PHE B 97 -9.72 14.66 11.57
C PHE B 97 -8.37 14.25 12.12
N PRO B 98 -7.75 15.13 12.93
CA PRO B 98 -6.54 14.75 13.65
C PRO B 98 -6.94 13.75 14.75
N LEU B 99 -6.01 12.87 15.10
CA LEU B 99 -6.08 12.05 16.33
C LEU B 99 -6.34 12.98 17.51
N PRO B 100 -7.13 12.48 18.50
CA PRO B 100 -7.35 13.22 19.72
C PRO B 100 -6.04 13.30 20.52
N THR B 101 -5.93 14.35 21.33
CA THR B 101 -4.72 14.57 22.13
C THR B 101 -5.20 14.89 23.54
N ALA B 102 -4.29 14.99 24.50
CA ALA B 102 -4.69 15.36 25.87
C ALA B 102 -5.35 16.74 25.81
N GLN B 103 -4.80 17.64 25.01
CA GLN B 103 -5.42 18.96 24.85
C GLN B 103 -6.74 18.90 24.09
N ARG B 104 -6.77 18.22 22.95
CA ARG B 104 -8.01 18.27 22.13
C ARG B 104 -8.62 16.89 21.97
N SER B 105 -9.91 16.78 22.26
CA SER B 105 -10.60 15.48 22.15
C SER B 105 -11.57 15.49 20.98
N LEU B 106 -11.80 14.33 20.37
CA LEU B 106 -12.88 14.22 19.35
C LEU B 106 -14.23 14.55 20.00
N GLU B 107 -15.14 15.04 19.18
CA GLU B 107 -16.51 15.43 19.52
C GLU B 107 -17.42 14.73 18.51
N PRO B 108 -18.63 14.31 18.94
CA PRO B 108 -19.61 13.83 17.99
C PRO B 108 -20.12 15.02 17.17
N GLY B 109 -20.52 14.77 15.92
CA GLY B 109 -21.11 15.78 15.01
C GLY B 109 -21.55 15.17 13.70
N THR B 110 -21.07 15.74 12.58
CA THR B 110 -21.53 15.46 11.21
C THR B 110 -20.35 14.94 10.41
N PRO B 111 -20.48 13.84 9.63
CA PRO B 111 -21.70 13.01 9.59
C PRO B 111 -21.80 11.99 10.74
N ARG B 112 -23.01 11.52 11.05
CA ARG B 112 -23.31 10.60 12.20
C ARG B 112 -22.58 9.26 12.09
N TRP B 113 -22.42 8.68 10.90
CA TRP B 113 -21.76 7.37 10.73
C TRP B 113 -20.32 7.46 11.26
N ALA B 114 -19.74 8.66 11.22
CA ALA B 114 -18.35 8.94 11.66
C ALA B 114 -18.26 8.93 13.20
N ASN B 115 -19.37 9.22 13.89
CA ASN B 115 -19.32 9.34 15.37
C ASN B 115 -18.90 8.00 15.99
N TYR B 116 -19.27 6.90 15.36
CA TYR B 116 -18.99 5.54 15.85
C TYR B 116 -17.47 5.32 15.81
N VAL B 117 -16.83 5.72 14.71
CA VAL B 117 -15.37 5.49 14.49
C VAL B 117 -14.62 6.43 15.43
N LYS B 118 -15.06 7.69 15.54
CA LYS B 118 -14.48 8.74 16.43
C LYS B 118 -14.48 8.27 17.88
N GLY B 119 -15.65 7.83 18.36
CA GLY B 119 -15.83 7.38 19.75
C GLY B 119 -14.86 6.26 20.08
N VAL B 120 -14.81 5.24 19.23
CA VAL B 120 -13.90 4.08 19.46
C VAL B 120 -12.45 4.59 19.56
N ILE B 121 -12.01 5.46 18.63
CA ILE B 121 -10.62 6.03 18.67
C ILE B 121 -10.42 6.83 19.95
N GLN B 122 -11.43 7.60 20.36
CA GLN B 122 -11.38 8.52 21.54
C GLN B 122 -11.16 7.71 22.81
N TYR B 123 -11.76 6.52 22.91
CA TYR B 123 -11.71 5.66 24.13
C TYR B 123 -10.76 4.48 23.93
N TYR B 124 -10.03 4.40 22.80
CA TYR B 124 -9.08 3.30 22.55
C TYR B 124 -8.02 3.32 23.65
N PRO B 125 -7.79 2.19 24.37
CA PRO B 125 -6.96 2.23 25.58
C PRO B 125 -5.44 2.14 25.38
N ALA B 126 -4.95 1.79 24.19
CA ALA B 126 -3.50 1.57 23.99
C ALA B 126 -2.89 2.72 23.18
N ALA B 127 -1.56 2.81 23.21
CA ALA B 127 -0.73 3.91 22.66
C ALA B 127 0.65 3.35 22.34
N PRO B 128 1.38 3.87 21.32
CA PRO B 128 0.92 4.98 20.50
C PRO B 128 0.04 4.59 19.27
N LEU B 129 -1.09 5.30 19.16
CA LEU B 129 -2.12 5.08 18.11
C LEU B 129 -1.77 6.02 16.95
N PRO B 130 -1.29 5.48 15.81
CA PRO B 130 -0.92 6.30 14.67
C PRO B 130 -2.18 6.69 13.88
N GLY B 131 -2.06 7.68 13.01
CA GLY B 131 -3.13 8.03 12.05
C GLY B 131 -3.33 6.88 11.06
N PHE B 132 -4.43 6.94 10.30
CA PHE B 132 -4.72 5.92 9.26
C PHE B 132 -5.68 6.46 8.20
N SER B 133 -5.66 5.74 7.07
CA SER B 133 -6.61 5.86 5.94
C SER B 133 -7.44 4.56 5.89
N ALA B 134 -8.75 4.67 5.66
CA ALA B 134 -9.66 3.49 5.64
C ALA B 134 -10.88 3.77 4.79
N VAL B 135 -11.28 2.76 4.02
CA VAL B 135 -12.67 2.60 3.48
C VAL B 135 -13.48 1.77 4.49
N VAL B 136 -14.70 2.23 4.76
CA VAL B 136 -15.74 1.55 5.57
C VAL B 136 -16.89 1.12 4.64
N VAL B 137 -17.20 -0.17 4.62
CA VAL B 137 -18.34 -0.78 3.87
C VAL B 137 -19.18 -1.66 4.82
N SER B 138 -20.48 -1.80 4.59
CA SER B 138 -21.35 -2.65 5.43
C SER B 138 -22.49 -3.25 4.59
N SER B 139 -22.75 -4.54 4.75
CA SER B 139 -23.97 -5.26 4.28
C SER B 139 -25.01 -5.35 5.43
N VAL B 140 -24.69 -4.83 6.61
CA VAL B 140 -25.67 -4.75 7.72
C VAL B 140 -26.64 -3.62 7.42
N PRO B 141 -27.95 -3.90 7.25
CA PRO B 141 -28.91 -2.86 6.86
C PRO B 141 -28.83 -1.79 7.95
N LEU B 142 -28.46 -0.55 7.55
CA LEU B 142 -28.20 0.60 8.46
C LEU B 142 -29.51 0.94 9.17
N GLY B 143 -29.47 0.98 10.51
CA GLY B 143 -30.66 1.22 11.35
C GLY B 143 -31.76 0.18 11.17
N GLY B 144 -31.41 -1.07 10.81
CA GLY B 144 -32.40 -2.14 10.50
C GLY B 144 -32.62 -3.16 11.60
N GLY B 145 -31.90 -3.05 12.71
CA GLY B 145 -32.14 -3.82 13.95
C GLY B 145 -31.09 -4.89 14.22
N LEU B 146 -30.02 -4.96 13.40
CA LEU B 146 -29.06 -6.09 13.41
C LEU B 146 -27.67 -5.59 13.82
N SER B 147 -27.63 -4.42 14.47
CA SER B 147 -26.46 -3.80 15.13
C SER B 147 -25.39 -3.34 14.11
N SER B 148 -25.79 -2.58 13.10
CA SER B 148 -24.84 -1.96 12.14
C SER B 148 -23.83 -1.13 12.93
N SER B 149 -24.29 -0.31 13.87
CA SER B 149 -23.40 0.52 14.72
C SER B 149 -22.46 -0.35 15.55
N ALA B 150 -22.88 -1.52 16.05
CA ALA B 150 -21.93 -2.36 16.82
C ALA B 150 -20.88 -2.95 15.87
N SER B 151 -21.28 -3.43 14.68
CA SER B 151 -20.32 -3.97 13.69
C SER B 151 -19.29 -2.89 13.32
N LEU B 152 -19.73 -1.65 13.09
CA LEU B 152 -18.82 -0.53 12.74
C LEU B 152 -17.92 -0.23 13.95
N GLU B 153 -18.47 -0.20 15.16
CA GLU B 153 -17.61 0.05 16.35
C GLU B 153 -16.57 -1.05 16.48
N VAL B 154 -16.95 -2.31 16.30
CA VAL B 154 -16.02 -3.44 16.61
C VAL B 154 -15.04 -3.62 15.44
N ALA B 155 -15.48 -3.39 14.21
CA ALA B 155 -14.58 -3.38 13.04
C ALA B 155 -13.51 -2.29 13.24
N THR B 156 -13.91 -1.07 13.60
CA THR B 156 -12.96 0.04 13.91
C THR B 156 -11.97 -0.48 14.95
N TYR B 157 -12.45 -0.97 16.09
CA TYR B 157 -11.61 -1.43 17.23
C TYR B 157 -10.60 -2.47 16.74
N THR B 158 -11.07 -3.42 15.94
CA THR B 158 -10.25 -4.52 15.38
C THR B 158 -9.15 -3.95 14.44
N PHE B 159 -9.48 -2.92 13.65
CA PHE B 159 -8.49 -2.14 12.86
C PHE B 159 -7.46 -1.49 13.80
N LEU B 160 -7.90 -0.80 14.86
CA LEU B 160 -6.98 -0.06 15.77
C LEU B 160 -6.00 -1.03 16.46
N GLN B 161 -6.43 -2.24 16.82
CA GLN B 161 -5.56 -3.29 17.43
C GLN B 161 -4.43 -3.66 16.47
N GLN B 162 -4.65 -3.60 15.16
CA GLN B 162 -3.60 -3.88 14.13
C GLN B 162 -2.64 -2.70 14.08
N LEU B 163 -3.11 -1.47 14.24
CA LEU B 163 -2.21 -0.28 14.28
C LEU B 163 -1.41 -0.30 15.59
N CYS B 164 -2.03 -0.73 16.69
CA CYS B 164 -1.51 -0.59 18.07
C CYS B 164 -2.18 -1.62 18.98
N PRO B 165 -1.60 -2.84 19.07
CA PRO B 165 -2.17 -3.93 19.88
C PRO B 165 -2.48 -3.48 21.31
N ASP B 166 -3.71 -3.76 21.78
CA ASP B 166 -4.13 -3.46 23.15
C ASP B 166 -3.62 -4.67 23.94
N SER B 167 -3.39 -4.59 25.22
CA SER B 167 -3.02 -5.82 25.95
C SER B 167 -4.26 -6.24 26.72
N GLY B 168 -5.40 -6.24 26.04
CA GLY B 168 -6.70 -6.11 26.70
C GLY B 168 -7.49 -7.41 26.75
N THR B 169 -8.68 -7.31 27.34
CA THR B 169 -9.65 -8.41 27.51
C THR B 169 -10.84 -8.11 26.60
N ILE B 170 -11.63 -9.13 26.27
CA ILE B 170 -12.80 -8.99 25.37
C ILE B 170 -13.80 -8.00 25.96
N ALA B 171 -13.95 -7.98 27.29
CA ALA B 171 -14.94 -7.14 28.00
C ALA B 171 -14.52 -5.66 27.91
N ALA B 172 -13.26 -5.36 28.20
CA ALA B 172 -12.70 -4.02 28.05
C ALA B 172 -13.00 -3.50 26.62
N ARG B 173 -12.90 -4.34 25.59
CA ARG B 173 -13.09 -3.89 24.18
C ARG B 173 -14.58 -3.65 23.93
N ALA B 174 -15.43 -4.55 24.41
CA ALA B 174 -16.90 -4.37 24.39
C ALA B 174 -17.26 -3.03 25.06
N GLN B 175 -16.68 -2.75 26.23
CA GLN B 175 -16.96 -1.52 27.03
C GLN B 175 -16.50 -0.29 26.24
N VAL B 176 -15.35 -0.35 25.58
CA VAL B 176 -14.87 0.80 24.74
C VAL B 176 -15.89 1.06 23.64
N CYS B 177 -16.31 0.01 22.92
CA CYS B 177 -17.28 0.16 21.81
C CYS B 177 -18.59 0.69 22.37
N GLN B 178 -19.01 0.15 23.53
CA GLN B 178 -20.27 0.52 24.22
C GLN B 178 -20.24 2.00 24.59
N GLN B 179 -19.12 2.47 25.16
CA GLN B 179 -18.92 3.89 25.57
C GLN B 179 -19.01 4.79 24.33
N ALA B 180 -18.50 4.35 23.18
CA ALA B 180 -18.55 5.13 21.94
C ALA B 180 -20.02 5.27 21.51
N GLU B 181 -20.81 4.20 21.63
CA GLU B 181 -22.29 4.23 21.39
C GLU B 181 -22.94 5.26 22.33
N HIS B 182 -22.57 5.23 23.62
CA HIS B 182 -23.14 6.14 24.65
C HIS B 182 -22.71 7.59 24.36
N SER B 183 -21.41 7.85 24.31
CA SER B 183 -20.88 9.24 24.33
C SER B 183 -21.04 9.88 22.94
N PHE B 184 -20.88 9.10 21.88
CA PHE B 184 -20.71 9.65 20.52
C PHE B 184 -21.97 9.45 19.68
N ALA B 185 -22.77 8.40 19.91
CA ALA B 185 -24.08 8.23 19.22
C ALA B 185 -25.24 8.54 20.18
N GLY B 186 -24.99 8.76 21.47
CA GLY B 186 -26.06 9.04 22.47
C GLY B 186 -27.12 7.95 22.48
N MET B 187 -26.71 6.69 22.46
CA MET B 187 -27.61 5.52 22.58
C MET B 187 -27.06 4.68 23.74
N PRO B 188 -27.74 4.70 24.91
CA PRO B 188 -27.20 4.10 26.12
C PRO B 188 -27.39 2.57 26.16
N CYS B 189 -26.75 1.89 25.22
CA CYS B 189 -26.91 0.44 24.95
C CYS B 189 -26.26 -0.37 26.08
N GLY B 190 -26.72 -1.60 26.25
CA GLY B 190 -26.05 -2.63 27.06
C GLY B 190 -24.85 -3.15 26.29
N ILE B 191 -24.40 -4.36 26.57
CA ILE B 191 -23.10 -4.91 26.09
C ILE B 191 -23.34 -5.95 25.01
N MET B 192 -24.59 -6.40 24.80
CA MET B 192 -24.87 -7.57 23.92
C MET B 192 -24.20 -7.39 22.55
N ASP B 193 -24.49 -6.31 21.85
CA ASP B 193 -24.22 -6.19 20.40
C ASP B 193 -22.71 -6.17 20.18
N GLN B 194 -21.98 -5.38 20.97
CA GLN B 194 -20.50 -5.29 20.91
C GLN B 194 -19.94 -6.68 21.20
N PHE B 195 -20.49 -7.35 22.21
CA PHE B 195 -19.94 -8.63 22.70
C PHE B 195 -20.06 -9.68 21.59
N ILE B 196 -21.25 -9.80 20.99
CA ILE B 196 -21.48 -10.84 19.94
C ILE B 196 -20.63 -10.50 18.70
N SER B 197 -20.49 -9.22 18.36
CA SER B 197 -19.64 -8.80 17.21
C SER B 197 -18.18 -9.19 17.46
N LEU B 198 -17.70 -9.12 18.70
CA LEU B 198 -16.33 -9.55 19.05
C LEU B 198 -16.20 -11.08 19.05
N MET B 199 -17.18 -11.79 19.60
CA MET B 199 -16.94 -13.17 20.13
C MET B 199 -17.65 -14.22 19.31
N GLY B 200 -18.48 -13.83 18.34
CA GLY B 200 -19.22 -14.77 17.50
C GLY B 200 -18.31 -15.83 16.95
N GLN B 201 -18.79 -17.05 16.77
CA GLN B 201 -18.04 -18.14 16.12
C GLN B 201 -18.99 -18.86 15.16
N LYS B 202 -18.53 -19.03 13.92
CA LYS B 202 -19.26 -19.83 12.91
C LYS B 202 -19.91 -21.05 13.61
N GLY B 203 -21.21 -21.27 13.39
CA GLY B 203 -21.93 -22.49 13.79
C GLY B 203 -22.23 -22.53 15.28
N HIS B 204 -22.36 -21.36 15.92
CA HIS B 204 -22.59 -21.19 17.37
C HIS B 204 -23.42 -19.93 17.61
N ALA B 205 -24.37 -20.03 18.54
CA ALA B 205 -24.91 -18.91 19.32
C ALA B 205 -23.94 -18.67 20.49
N LEU B 206 -24.06 -17.51 21.12
CA LEU B 206 -23.20 -17.05 22.25
C LEU B 206 -24.13 -16.70 23.41
N LEU B 207 -24.22 -17.57 24.42
CA LEU B 207 -24.99 -17.28 25.66
C LEU B 207 -24.14 -16.29 26.44
N ILE B 208 -24.61 -15.07 26.66
CA ILE B 208 -23.81 -14.08 27.43
C ILE B 208 -24.47 -13.85 28.81
N ASP B 209 -23.66 -14.02 29.85
CA ASP B 209 -24.03 -13.63 31.23
C ASP B 209 -23.51 -12.20 31.43
N CYS B 210 -24.45 -11.23 31.46
CA CYS B 210 -24.16 -9.78 31.59
C CYS B 210 -23.91 -9.39 33.06
N ARG B 211 -24.09 -10.32 33.99
CA ARG B 211 -23.63 -10.09 35.38
C ARG B 211 -22.15 -10.48 35.46
N SER B 212 -21.82 -11.75 35.21
CA SER B 212 -20.46 -12.34 35.41
C SER B 212 -19.56 -11.99 34.22
N LEU B 213 -20.16 -11.79 33.04
CA LEU B 213 -19.51 -11.59 31.71
C LEU B 213 -18.89 -12.90 31.25
N GLU B 214 -19.37 -14.01 31.82
CA GLU B 214 -19.10 -15.39 31.33
C GLU B 214 -19.90 -15.57 30.02
N THR B 215 -19.30 -16.29 29.07
CA THR B 215 -19.87 -16.53 27.74
C THR B 215 -19.81 -18.03 27.46
N SER B 216 -20.85 -18.57 26.83
CA SER B 216 -20.80 -19.96 26.33
C SER B 216 -21.04 -19.96 24.82
N LEU B 217 -20.18 -20.66 24.10
CA LEU B 217 -20.29 -20.94 22.65
C LEU B 217 -21.11 -22.20 22.47
N VAL B 218 -22.40 -22.06 22.13
CA VAL B 218 -23.41 -23.14 22.03
C VAL B 218 -23.56 -23.57 20.57
N PRO B 219 -23.17 -24.81 20.21
CA PRO B 219 -23.34 -25.28 18.85
C PRO B 219 -24.72 -25.12 18.23
N LEU B 220 -24.77 -24.59 17.02
CA LEU B 220 -26.02 -24.44 16.25
C LEU B 220 -25.63 -25.02 14.90
N SER B 221 -25.21 -26.27 14.90
CA SER B 221 -24.70 -26.93 13.67
C SER B 221 -25.81 -27.62 12.85
N ASP B 222 -26.90 -28.04 13.50
CA ASP B 222 -27.92 -28.86 12.77
C ASP B 222 -28.30 -28.14 11.48
N PRO B 223 -28.12 -28.77 10.31
CA PRO B 223 -28.42 -28.11 9.05
C PRO B 223 -29.94 -28.12 8.80
N LYS B 224 -30.65 -29.05 9.44
CA LYS B 224 -32.13 -29.17 9.31
C LYS B 224 -32.81 -27.89 9.86
N LEU B 225 -32.14 -27.19 10.79
CA LEU B 225 -32.66 -26.02 11.54
C LEU B 225 -32.15 -24.73 10.87
N ALA B 226 -33.04 -23.78 10.60
CA ALA B 226 -32.75 -22.48 9.95
C ALA B 226 -33.14 -21.31 10.87
N VAL B 227 -32.42 -20.20 10.73
CA VAL B 227 -32.74 -18.88 11.34
C VAL B 227 -33.07 -17.94 10.18
N LEU B 228 -34.36 -17.69 9.93
CA LEU B 228 -34.86 -16.70 8.93
C LEU B 228 -35.03 -15.35 9.63
N ILE B 229 -34.34 -14.33 9.12
CA ILE B 229 -34.48 -12.93 9.61
C ILE B 229 -35.32 -12.16 8.58
N THR B 230 -36.31 -11.42 9.08
CA THR B 230 -37.25 -10.60 8.26
C THR B 230 -37.10 -9.13 8.72
N ASN B 231 -36.66 -8.29 7.75
CA ASN B 231 -36.64 -6.82 7.89
C ASN B 231 -38.00 -6.25 7.49
N SER B 232 -38.74 -5.70 8.46
CA SER B 232 -39.98 -4.89 8.26
C SER B 232 -39.68 -3.65 7.41
N ASN B 233 -38.44 -3.17 7.41
CA ASN B 233 -38.03 -1.93 6.70
C ASN B 233 -38.82 -0.74 7.26
N VAL B 234 -39.08 -0.72 8.57
CA VAL B 234 -39.62 0.46 9.30
C VAL B 234 -38.75 0.69 10.54
N ARG B 235 -38.59 1.96 10.92
CA ARG B 235 -38.07 2.44 12.24
C ARG B 235 -39.01 3.56 12.72
N HIS B 236 -39.72 3.33 13.81
CA HIS B 236 -40.63 4.35 14.37
C HIS B 236 -39.83 5.35 15.20
N SER B 237 -40.35 6.56 15.38
CA SER B 237 -39.64 7.64 16.13
C SER B 237 -39.40 7.19 17.56
N LEU B 238 -40.33 6.43 18.12
CA LEU B 238 -40.26 6.03 19.54
C LEU B 238 -39.01 5.18 19.78
N ALA B 239 -38.46 4.57 18.73
CA ALA B 239 -37.34 3.64 18.98
C ALA B 239 -36.19 4.34 19.71
N SER B 240 -35.77 5.50 19.20
CA SER B 240 -34.64 6.22 19.84
C SER B 240 -35.09 6.77 21.19
N SER B 241 -36.27 7.38 21.23
CA SER B 241 -36.77 8.03 22.48
C SER B 241 -37.11 7.05 23.60
N GLU B 242 -37.71 5.90 23.29
CA GLU B 242 -38.24 5.01 24.35
C GLU B 242 -37.20 4.07 24.97
N TYR B 243 -36.15 3.69 24.23
CA TYR B 243 -35.13 2.73 24.73
C TYR B 243 -34.62 3.20 26.10
N PRO B 244 -34.14 4.45 26.29
CA PRO B 244 -33.69 4.89 27.62
C PRO B 244 -34.81 4.99 28.68
N VAL B 245 -36.04 5.24 28.27
CA VAL B 245 -37.22 5.35 29.18
C VAL B 245 -37.36 4.00 29.88
N ARG B 246 -37.44 2.93 29.08
CA ARG B 246 -37.56 1.55 29.62
C ARG B 246 -36.38 1.28 30.54
N ARG B 247 -35.18 1.68 30.13
CA ARG B 247 -33.96 1.39 30.93
C ARG B 247 -34.09 2.03 32.32
N ARG B 248 -34.54 3.28 32.39
CA ARG B 248 -34.66 4.01 33.68
C ARG B 248 -35.77 3.40 34.54
N GLN B 249 -36.87 2.99 33.92
CA GLN B 249 -37.95 2.32 34.66
C GLN B 249 -37.36 1.09 35.33
N CYS B 250 -36.63 0.29 34.56
CA CYS B 250 -35.99 -0.96 35.09
C CYS B 250 -35.13 -0.61 36.32
N GLU B 251 -34.48 0.55 36.27
CA GLU B 251 -33.56 0.90 37.37
C GLU B 251 -34.36 1.38 38.58
N GLU B 252 -35.55 1.97 38.35
CA GLU B 252 -36.41 2.44 39.46
C GLU B 252 -36.90 1.25 40.27
N VAL B 253 -37.35 0.20 39.58
CA VAL B 253 -37.87 -0.99 40.30
C VAL B 253 -36.74 -1.55 41.16
N ALA B 254 -35.54 -1.65 40.61
CA ALA B 254 -34.40 -2.25 41.34
C ALA B 254 -34.07 -1.41 42.57
N ARG B 255 -34.10 -0.09 42.43
CA ARG B 255 -33.78 0.80 43.57
C ARG B 255 -34.82 0.59 44.67
N ALA B 256 -36.10 0.46 44.30
CA ALA B 256 -37.19 0.23 45.28
C ALA B 256 -37.07 -1.13 45.96
N LEU B 257 -36.62 -2.17 45.24
CA LEU B 257 -36.62 -3.55 45.79
C LEU B 257 -35.26 -3.89 46.41
N GLY B 258 -34.41 -2.88 46.67
CA GLY B 258 -33.11 -3.10 47.32
C GLY B 258 -32.20 -4.01 46.53
N ALA B 259 -32.51 -4.22 45.24
CA ALA B 259 -31.73 -5.12 44.36
C ALA B 259 -30.70 -4.27 43.60
N ALA B 260 -29.47 -4.78 43.48
CA ALA B 260 -28.34 -4.13 42.77
C ALA B 260 -28.64 -4.09 41.26
N SER B 261 -29.54 -4.97 40.82
CA SER B 261 -30.08 -5.09 39.44
C SER B 261 -31.27 -6.03 39.51
N LEU B 262 -31.99 -6.21 38.37
CA LEU B 262 -33.19 -7.08 38.29
C LEU B 262 -32.77 -8.55 38.23
N ARG B 263 -31.64 -8.85 37.60
CA ARG B 263 -31.04 -10.21 37.61
C ARG B 263 -31.17 -10.83 39.02
N GLU B 264 -30.85 -10.05 40.08
CA GLU B 264 -30.95 -10.47 41.51
C GLU B 264 -32.39 -10.90 41.78
N VAL B 265 -33.35 -10.07 41.33
CA VAL B 265 -34.81 -10.23 41.60
C VAL B 265 -35.33 -11.49 40.91
N GLN B 266 -35.69 -12.47 41.72
CA GLN B 266 -36.58 -13.61 41.37
C GLN B 266 -38.01 -13.07 41.11
N LEU B 267 -38.74 -13.74 40.21
CA LEU B 267 -40.13 -13.37 39.89
C LEU B 267 -40.98 -13.45 41.15
N GLU B 268 -40.69 -14.41 42.01
CA GLU B 268 -41.51 -14.64 43.21
C GLU B 268 -41.45 -13.37 44.07
N GLU B 269 -40.30 -12.71 44.11
CA GLU B 269 -40.23 -11.42 44.84
C GLU B 269 -41.11 -10.37 44.14
N LEU B 270 -41.14 -10.34 42.81
CA LEU B 270 -41.87 -9.25 42.11
C LEU B 270 -43.38 -9.32 42.35
N GLU B 271 -43.99 -10.50 42.23
CA GLU B 271 -45.47 -10.58 42.37
C GLU B 271 -45.83 -10.18 43.81
N ALA B 272 -44.90 -10.43 44.71
CA ALA B 272 -45.13 -10.13 46.14
C ALA B 272 -44.64 -8.71 46.45
N ALA B 273 -44.00 -8.05 45.48
CA ALA B 273 -43.45 -6.70 45.79
C ALA B 273 -44.23 -5.64 45.04
N ARG B 274 -45.38 -6.00 44.49
CA ARG B 274 -46.14 -5.04 43.66
C ARG B 274 -46.43 -3.79 44.51
N ASP B 275 -46.72 -3.96 45.80
CA ASP B 275 -47.11 -2.79 46.65
C ASP B 275 -45.97 -1.77 46.71
N LEU B 276 -44.72 -2.24 46.77
CA LEU B 276 -43.56 -1.31 46.88
C LEU B 276 -43.28 -0.59 45.55
N VAL B 277 -43.87 -1.03 44.44
CA VAL B 277 -43.50 -0.43 43.12
C VAL B 277 -44.70 0.11 42.33
N SER B 278 -44.43 0.84 41.24
CA SER B 278 -45.50 1.43 40.40
C SER B 278 -46.22 0.40 39.54
N LYS B 279 -47.28 0.81 38.85
CA LYS B 279 -48.09 -0.17 38.08
C LYS B 279 -47.27 -0.63 36.86
N GLU B 280 -46.93 0.29 35.96
CA GLU B 280 -46.36 -0.07 34.63
C GLU B 280 -44.90 -0.52 34.80
N GLY B 281 -44.23 -0.04 35.87
CA GLY B 281 -42.94 -0.56 36.34
C GLY B 281 -42.99 -2.06 36.58
N PHE B 282 -44.09 -2.57 37.14
CA PHE B 282 -44.28 -4.02 37.45
C PHE B 282 -44.28 -4.84 36.14
N ARG B 283 -45.09 -4.41 35.15
CA ARG B 283 -45.12 -4.98 33.77
C ARG B 283 -43.71 -4.97 33.15
N ARG B 284 -42.87 -3.97 33.42
CA ARG B 284 -41.50 -3.88 32.83
C ARG B 284 -40.62 -4.98 33.43
N ALA B 285 -40.77 -5.28 34.73
CA ALA B 285 -39.95 -6.32 35.42
C ALA B 285 -40.51 -7.71 35.08
N ARG B 286 -41.83 -7.85 34.93
CA ARG B 286 -42.51 -9.15 34.56
C ARG B 286 -41.75 -9.68 33.27
N HIS B 287 -41.47 -8.71 32.38
CA HIS B 287 -40.68 -8.97 31.12
C HIS B 287 -39.23 -9.43 31.40
N VAL B 288 -38.49 -8.53 32.17
CA VAL B 288 -37.02 -8.67 32.33
C VAL B 288 -36.76 -9.99 33.04
N VAL B 289 -37.27 -10.07 34.28
CA VAL B 289 -37.16 -11.19 35.25
C VAL B 289 -37.57 -12.53 34.52
N GLY B 290 -38.73 -12.51 33.87
CA GLY B 290 -39.11 -13.69 33.08
C GLY B 290 -38.14 -13.96 31.96
N GLU B 291 -37.66 -12.93 31.25
CA GLU B 291 -36.79 -13.13 30.05
C GLU B 291 -35.46 -13.75 30.47
N ILE B 292 -34.89 -13.30 31.59
CA ILE B 292 -33.61 -13.87 32.10
C ILE B 292 -33.83 -15.36 32.37
N ARG B 293 -34.93 -15.72 33.04
CA ARG B 293 -35.25 -17.15 33.30
C ARG B 293 -35.54 -17.87 31.99
N ARG B 294 -36.30 -17.25 31.09
CA ARG B 294 -36.66 -17.92 29.82
C ARG B 294 -35.40 -18.19 28.99
N THR B 295 -34.45 -17.25 28.98
CA THR B 295 -33.22 -17.39 28.15
C THR B 295 -32.38 -18.57 28.65
N ALA B 296 -32.28 -18.70 29.97
CA ALA B 296 -31.53 -19.82 30.58
C ALA B 296 -32.15 -21.13 30.13
N GLN B 297 -33.48 -21.22 30.13
CA GLN B 297 -34.19 -22.44 29.66
C GLN B 297 -33.98 -22.63 28.17
N ALA B 298 -34.05 -21.55 27.40
CA ALA B 298 -33.93 -21.63 25.92
C ALA B 298 -32.55 -22.15 25.51
N ALA B 299 -31.52 -21.75 26.25
CA ALA B 299 -30.17 -22.29 25.99
C ALA B 299 -30.18 -23.79 26.30
N ALA B 300 -30.78 -24.18 27.42
CA ALA B 300 -30.77 -25.60 27.85
C ALA B 300 -31.56 -26.46 26.85
N ALA B 301 -32.57 -25.81 26.19
CA ALA B 301 -33.36 -26.39 25.08
C ALA B 301 -32.44 -26.57 23.86
N LEU B 302 -31.64 -25.55 23.54
CA LEU B 302 -30.75 -25.55 22.34
C LEU B 302 -29.73 -26.72 22.45
N ARG B 303 -29.14 -26.90 23.63
CA ARG B 303 -28.17 -28.00 23.85
C ARG B 303 -28.87 -29.35 23.73
N ARG B 304 -30.05 -29.48 24.34
CA ARG B 304 -30.83 -30.74 24.29
C ARG B 304 -31.41 -30.96 22.90
N GLY B 305 -31.40 -29.94 22.04
CA GLY B 305 -32.00 -30.05 20.70
C GLY B 305 -33.51 -29.85 20.74
N ASP B 306 -34.05 -29.39 21.86
CA ASP B 306 -35.51 -29.20 22.03
C ASP B 306 -35.91 -27.86 21.42
N TYR B 307 -36.06 -27.83 20.11
CA TYR B 307 -36.39 -26.56 19.44
C TYR B 307 -37.75 -26.05 19.93
N ARG B 308 -38.70 -26.96 20.18
CA ARG B 308 -40.08 -26.55 20.55
C ARG B 308 -40.08 -25.76 21.85
N ALA B 309 -39.35 -26.20 22.86
CA ALA B 309 -39.43 -25.42 24.11
C ALA B 309 -38.89 -24.00 23.87
N PHE B 310 -37.80 -23.88 23.10
CA PHE B 310 -37.19 -22.56 22.83
C PHE B 310 -38.18 -21.68 22.08
N GLY B 311 -38.90 -22.24 21.11
CA GLY B 311 -39.93 -21.48 20.38
C GLY B 311 -41.06 -21.01 21.30
N ARG B 312 -41.50 -21.86 22.22
CA ARG B 312 -42.55 -21.44 23.19
C ARG B 312 -41.99 -20.29 24.01
N LEU B 313 -40.70 -20.38 24.34
CA LEU B 313 -40.06 -19.28 25.10
C LEU B 313 -39.82 -18.09 24.17
N MET B 314 -39.62 -18.31 22.86
CA MET B 314 -39.47 -17.13 21.97
C MET B 314 -40.81 -16.39 21.88
N VAL B 315 -41.89 -17.15 21.65
CA VAL B 315 -43.24 -16.52 21.51
C VAL B 315 -43.57 -15.87 22.84
N GLU B 316 -43.24 -16.54 23.94
CA GLU B 316 -43.48 -15.91 25.24
C GLU B 316 -42.69 -14.61 25.32
N SER B 317 -41.44 -14.58 24.83
CA SER B 317 -40.63 -13.33 24.79
C SER B 317 -41.27 -12.27 23.90
N HIS B 318 -41.69 -12.60 22.68
CA HIS B 318 -42.39 -11.63 21.82
C HIS B 318 -43.61 -11.05 22.52
N ARG B 319 -44.52 -11.91 22.99
CA ARG B 319 -45.76 -11.42 23.62
C ARG B 319 -45.39 -10.61 24.84
N SER B 320 -44.36 -11.03 25.56
CA SER B 320 -43.89 -10.23 26.71
C SER B 320 -43.38 -8.88 26.19
N LEU B 321 -42.78 -8.84 25.01
CA LEU B 321 -42.21 -7.58 24.50
C LEU B 321 -43.37 -6.70 24.02
N ARG B 322 -44.27 -7.27 23.23
CA ARG B 322 -45.45 -6.52 22.74
C ARG B 322 -46.35 -6.10 23.91
N ASP B 323 -46.99 -7.05 24.57
CA ASP B 323 -47.98 -6.71 25.65
C ASP B 323 -47.33 -6.12 26.90
N ASP B 324 -46.19 -6.64 27.36
CA ASP B 324 -45.65 -6.15 28.66
C ASP B 324 -44.54 -5.10 28.53
N TYR B 325 -43.57 -5.28 27.62
CA TYR B 325 -42.44 -4.31 27.56
C TYR B 325 -42.80 -3.16 26.62
N GLU B 326 -43.82 -3.35 25.79
CA GLU B 326 -44.32 -2.29 24.88
C GLU B 326 -43.22 -1.78 23.95
N VAL B 327 -42.43 -2.68 23.37
CA VAL B 327 -41.30 -2.30 22.48
C VAL B 327 -41.55 -2.89 21.09
N SER B 328 -42.74 -3.39 20.83
CA SER B 328 -43.07 -3.89 19.48
C SER B 328 -43.86 -2.85 18.69
N CYS B 329 -44.33 -3.22 17.50
CA CYS B 329 -45.11 -2.33 16.60
C CYS B 329 -45.99 -3.22 15.73
N PRO B 330 -47.09 -2.69 15.16
CA PRO B 330 -48.05 -3.53 14.43
C PRO B 330 -47.29 -4.40 13.43
N GLU B 331 -46.33 -3.82 12.71
CA GLU B 331 -45.54 -4.50 11.65
C GLU B 331 -44.86 -5.75 12.22
N LEU B 332 -44.11 -5.61 13.33
CA LEU B 332 -43.44 -6.75 14.01
C LEU B 332 -44.52 -7.77 14.42
N ASP B 333 -45.52 -7.32 15.17
CA ASP B 333 -46.61 -8.20 15.68
C ASP B 333 -47.17 -9.02 14.52
N GLN B 334 -47.22 -8.40 13.33
CA GLN B 334 -47.85 -8.99 12.11
C GLN B 334 -46.89 -9.99 11.45
N LEU B 335 -45.66 -9.59 11.14
CA LEU B 335 -44.61 -10.48 10.56
C LEU B 335 -44.49 -11.77 11.40
N VAL B 336 -44.72 -11.60 12.73
CA VAL B 336 -44.66 -12.72 13.71
C VAL B 336 -45.89 -13.61 13.50
N GLU B 337 -47.10 -13.07 13.75
CA GLU B 337 -48.38 -13.79 13.52
C GLU B 337 -48.27 -14.52 12.18
N ALA B 338 -47.82 -13.82 11.12
CA ALA B 338 -47.72 -14.32 9.72
C ALA B 338 -46.91 -15.62 9.66
N ALA B 339 -45.70 -15.61 10.21
CA ALA B 339 -44.77 -16.77 10.19
C ALA B 339 -45.26 -17.86 11.16
N LEU B 340 -45.82 -17.46 12.32
CA LEU B 340 -46.16 -18.35 13.46
C LEU B 340 -47.30 -19.29 13.05
N ALA B 341 -47.82 -19.12 11.83
CA ALA B 341 -48.89 -19.94 11.23
C ALA B 341 -48.32 -21.02 10.31
N VAL B 342 -47.10 -20.84 9.78
CA VAL B 342 -46.44 -21.79 8.82
C VAL B 342 -45.91 -22.99 9.60
N PRO B 343 -46.51 -24.20 9.49
CA PRO B 343 -45.99 -25.38 10.18
C PRO B 343 -44.51 -25.66 9.88
N GLY B 344 -43.72 -25.97 10.90
CA GLY B 344 -42.25 -26.11 10.81
C GLY B 344 -41.54 -24.93 11.47
N VAL B 345 -42.21 -23.77 11.50
CA VAL B 345 -41.79 -22.62 12.33
C VAL B 345 -42.01 -23.03 13.79
N TYR B 346 -40.94 -23.07 14.58
CA TYR B 346 -40.95 -23.38 16.03
C TYR B 346 -41.40 -22.15 16.83
N GLY B 347 -40.99 -20.99 16.35
CA GLY B 347 -41.14 -19.72 17.07
C GLY B 347 -40.73 -18.55 16.18
N SER B 348 -41.24 -17.36 16.56
CA SER B 348 -40.91 -16.07 15.92
C SER B 348 -41.07 -14.99 16.99
N ARG B 349 -40.32 -13.90 16.82
CA ARG B 349 -40.31 -12.78 17.79
C ARG B 349 -39.63 -11.58 17.12
N MET B 350 -39.94 -10.37 17.58
CA MET B 350 -39.07 -9.21 17.37
C MET B 350 -37.69 -9.56 17.92
N THR B 351 -36.65 -8.94 17.35
CA THR B 351 -35.26 -9.06 17.84
C THR B 351 -34.69 -7.64 17.89
N GLY B 352 -33.71 -7.42 18.76
CA GLY B 352 -33.10 -6.10 18.98
C GLY B 352 -34.04 -5.20 19.75
N GLY B 353 -33.79 -3.88 19.68
CA GLY B 353 -34.49 -2.85 20.48
C GLY B 353 -35.97 -2.83 20.22
N GLY B 354 -36.40 -3.20 19.01
CA GLY B 354 -37.84 -3.14 18.66
C GLY B 354 -38.26 -1.79 18.10
N PHE B 355 -39.56 -1.48 18.19
CA PHE B 355 -40.28 -0.40 17.46
C PHE B 355 -39.89 -0.42 15.98
N GLY B 356 -39.78 -1.59 15.36
CA GLY B 356 -39.36 -1.77 13.96
C GLY B 356 -38.15 -2.65 13.84
N GLY B 357 -37.52 -2.70 12.67
CA GLY B 357 -36.41 -3.62 12.37
C GLY B 357 -36.90 -5.01 12.01
N CYS B 358 -36.20 -6.03 12.50
CA CYS B 358 -36.33 -7.43 12.02
C CYS B 358 -37.06 -8.30 13.04
N THR B 359 -37.65 -9.38 12.52
CA THR B 359 -38.04 -10.57 13.29
C THR B 359 -36.96 -11.63 13.07
N VAL B 360 -36.94 -12.61 14.00
CA VAL B 360 -36.13 -13.85 13.84
C VAL B 360 -37.08 -15.05 14.02
N THR B 361 -37.12 -15.90 12.99
CA THR B 361 -37.97 -17.12 12.91
C THR B 361 -37.06 -18.35 12.92
N LEU B 362 -37.27 -19.25 13.91
CA LEU B 362 -36.54 -20.53 14.05
C LEU B 362 -37.41 -21.61 13.40
N LEU B 363 -36.95 -22.24 12.30
CA LEU B 363 -37.80 -23.15 11.47
C LEU B 363 -36.96 -24.25 10.79
N GLU B 364 -37.64 -25.28 10.28
CA GLU B 364 -37.06 -26.33 9.41
C GLU B 364 -36.62 -25.69 8.09
N ALA B 365 -35.38 -25.94 7.66
CA ALA B 365 -34.73 -25.34 6.48
C ALA B 365 -35.51 -25.68 5.21
N SER B 366 -36.07 -26.90 5.15
CA SER B 366 -37.00 -27.39 4.10
C SER B 366 -38.12 -26.37 3.88
N ALA B 367 -38.62 -25.79 4.98
CA ALA B 367 -39.85 -24.94 5.03
C ALA B 367 -39.52 -23.45 4.87
N ALA B 368 -38.24 -23.07 4.78
CA ALA B 368 -37.79 -21.67 4.70
C ALA B 368 -38.42 -20.97 3.49
N PRO B 369 -38.43 -21.58 2.28
CA PRO B 369 -38.95 -20.93 1.08
C PRO B 369 -40.49 -20.84 1.05
N HIS B 370 -41.17 -21.54 1.96
CA HIS B 370 -42.64 -21.42 2.19
C HIS B 370 -42.91 -20.17 3.03
N ALA B 371 -42.20 -20.05 4.16
CA ALA B 371 -42.28 -18.91 5.10
C ALA B 371 -41.98 -17.57 4.38
N MET B 372 -41.19 -17.61 3.30
CA MET B 372 -40.79 -16.40 2.53
C MET B 372 -41.85 -16.09 1.45
N ARG B 373 -43.06 -16.58 1.74
CA ARG B 373 -44.24 -16.28 0.88
C ARG B 373 -45.36 -15.90 1.86
N HIS B 374 -45.67 -16.77 2.82
CA HIS B 374 -46.72 -16.47 3.83
C HIS B 374 -46.32 -15.27 4.71
N ILE B 375 -45.04 -15.18 5.12
CA ILE B 375 -44.61 -13.97 5.89
C ILE B 375 -44.73 -12.74 4.98
N GLN B 376 -44.28 -12.86 3.73
CA GLN B 376 -44.41 -11.71 2.80
C GLN B 376 -45.88 -11.43 2.56
N GLU B 377 -46.68 -12.48 2.32
CA GLU B 377 -48.11 -12.33 1.99
C GLU B 377 -48.80 -11.46 3.04
N HIS B 378 -48.80 -11.92 4.28
CA HIS B 378 -49.57 -11.23 5.34
C HIS B 378 -48.98 -9.90 5.81
N TYR B 379 -47.72 -9.59 5.51
CA TYR B 379 -47.14 -8.36 6.13
C TYR B 379 -47.80 -7.06 5.64
N GLY B 380 -47.87 -6.85 4.34
CA GLY B 380 -48.43 -5.60 3.79
C GLY B 380 -47.39 -4.52 3.65
N GLY B 381 -46.25 -4.68 4.32
CA GLY B 381 -45.13 -3.74 4.15
C GLY B 381 -44.10 -4.38 3.24
N THR B 382 -42.88 -3.83 3.20
CA THR B 382 -41.80 -4.46 2.40
C THR B 382 -40.95 -5.39 3.26
N ALA B 383 -41.00 -6.70 3.00
CA ALA B 383 -40.14 -7.70 3.67
C ALA B 383 -38.80 -7.84 2.91
N THR B 384 -37.69 -7.79 3.63
CA THR B 384 -36.37 -8.27 3.13
C THR B 384 -35.98 -9.48 3.97
N PHE B 385 -35.48 -10.54 3.32
CA PHE B 385 -35.11 -11.82 3.98
C PHE B 385 -33.60 -12.01 3.95
N TYR B 386 -33.08 -12.46 5.09
CA TYR B 386 -31.74 -13.08 5.25
C TYR B 386 -31.92 -14.49 5.83
N LEU B 387 -31.41 -15.52 5.14
CA LEU B 387 -31.31 -16.90 5.68
C LEU B 387 -29.93 -17.08 6.33
N SER B 388 -29.87 -17.03 7.65
CA SER B 388 -28.65 -16.71 8.45
C SER B 388 -27.94 -17.98 8.92
N GLN B 389 -26.75 -18.26 8.37
CA GLN B 389 -25.74 -19.13 9.02
C GLN B 389 -25.21 -18.37 10.24
N ALA B 390 -24.98 -19.06 11.36
CA ALA B 390 -24.28 -18.52 12.54
C ALA B 390 -22.83 -18.27 12.12
N ALA B 391 -22.30 -17.08 12.36
CA ALA B 391 -21.03 -16.62 11.73
C ALA B 391 -19.96 -16.29 12.77
N ASP B 392 -18.74 -16.13 12.28
CA ASP B 392 -17.55 -15.62 13.02
C ASP B 392 -17.80 -14.19 13.53
N GLY B 393 -17.14 -13.85 14.62
CA GLY B 393 -17.00 -12.46 15.08
C GLY B 393 -15.87 -11.79 14.34
N ALA B 394 -15.19 -10.85 14.99
CA ALA B 394 -14.19 -9.92 14.39
C ALA B 394 -13.07 -10.75 13.76
N LYS B 395 -12.62 -10.37 12.57
CA LYS B 395 -11.68 -11.15 11.75
C LYS B 395 -10.70 -10.17 11.12
N VAL B 396 -9.46 -10.62 10.92
CA VAL B 396 -8.34 -9.84 10.33
C VAL B 396 -7.86 -10.64 9.11
N LEU B 397 -7.57 -9.93 8.03
CA LEU B 397 -6.84 -10.52 6.88
C LEU B 397 -5.79 -9.51 6.42
N CYS B 398 -4.54 -9.94 6.51
CA CYS B 398 -3.41 -9.10 6.07
C CYS B 398 -3.42 -9.09 4.54
N LEU B 399 -3.20 -7.93 3.96
CA LEU B 399 -3.26 -7.83 2.47
C LEU B 399 -1.89 -7.43 1.93
N ALA C 9 14.93 -16.76 40.45
CA ALA C 9 16.13 -17.12 39.62
C ALA C 9 15.81 -18.30 38.69
N ALA C 10 15.04 -19.25 39.21
CA ALA C 10 14.44 -20.36 38.44
C ALA C 10 13.19 -19.87 37.70
N LEU C 11 12.78 -18.61 37.88
CA LEU C 11 11.55 -18.04 37.24
C LEU C 11 11.91 -17.53 35.84
N ARG C 12 11.36 -18.17 34.80
CA ARG C 12 11.50 -17.78 33.38
C ARG C 12 10.40 -16.75 33.06
N GLN C 13 10.81 -15.55 32.61
CA GLN C 13 9.94 -14.37 32.41
C GLN C 13 9.38 -14.40 30.98
N PRO C 14 8.09 -14.06 30.76
CA PRO C 14 7.55 -13.98 29.40
C PRO C 14 8.30 -12.87 28.65
N GLN C 15 8.73 -13.18 27.43
CA GLN C 15 9.45 -12.22 26.58
C GLN C 15 8.77 -12.24 25.21
N VAL C 16 7.49 -11.85 25.14
CA VAL C 16 6.69 -11.98 23.89
C VAL C 16 7.11 -10.89 22.90
N ALA C 17 7.28 -9.63 23.34
CA ALA C 17 7.86 -8.56 22.49
C ALA C 17 9.21 -9.03 21.94
N GLU C 18 10.05 -9.58 22.82
CA GLU C 18 11.40 -10.12 22.47
C GLU C 18 11.25 -11.29 21.50
N LEU C 19 10.32 -12.23 21.78
CA LEU C 19 10.10 -13.42 20.92
C LEU C 19 9.82 -12.95 19.48
N LEU C 20 8.94 -11.95 19.34
CA LEU C 20 8.50 -11.39 18.04
C LEU C 20 9.69 -10.67 17.42
N ALA C 21 10.34 -9.78 18.17
CA ALA C 21 11.65 -9.15 17.81
C ALA C 21 12.62 -10.21 17.25
N GLU C 22 12.83 -11.34 17.93
CA GLU C 22 13.85 -12.35 17.51
C GLU C 22 13.42 -13.00 16.19
N ALA C 23 12.15 -13.36 16.05
CA ALA C 23 11.58 -13.96 14.82
C ALA C 23 11.79 -13.02 13.63
N ARG C 24 11.78 -11.70 13.86
CA ARG C 24 11.77 -10.64 12.80
C ARG C 24 13.21 -10.32 12.32
N ARG C 25 14.21 -10.38 13.21
CA ARG C 25 15.65 -10.32 12.84
C ARG C 25 16.04 -11.61 12.12
N ALA C 26 15.64 -12.79 12.62
CA ALA C 26 16.00 -14.10 12.00
C ALA C 26 15.44 -14.18 10.58
N PHE C 27 14.13 -13.93 10.39
CA PHE C 27 13.42 -14.01 9.09
C PHE C 27 14.14 -13.14 8.04
N ARG C 28 14.50 -11.91 8.43
CA ARG C 28 15.15 -10.94 7.53
C ARG C 28 16.53 -11.44 7.13
N GLU C 29 17.33 -11.92 8.09
CA GLU C 29 18.69 -12.35 7.73
C GLU C 29 18.59 -13.50 6.75
N GLU C 30 17.72 -14.46 7.01
CA GLU C 30 17.58 -15.65 6.15
C GLU C 30 16.94 -15.32 4.79
N PHE C 31 15.94 -14.43 4.76
CA PHE C 31 15.16 -14.23 3.51
C PHE C 31 15.50 -12.88 2.87
N GLY C 32 16.15 -11.99 3.62
CA GLY C 32 16.67 -10.73 3.05
C GLY C 32 15.59 -9.67 2.87
N ALA C 33 14.40 -9.92 3.41
CA ALA C 33 13.22 -9.05 3.27
C ALA C 33 12.46 -9.03 4.60
N GLU C 34 11.70 -7.96 4.84
CA GLU C 34 10.89 -7.76 6.06
C GLU C 34 9.69 -8.73 5.96
N PRO C 35 9.37 -9.49 7.05
CA PRO C 35 8.22 -10.38 7.02
C PRO C 35 6.91 -9.51 6.94
N GLU C 36 5.91 -10.11 6.24
CA GLU C 36 4.62 -9.45 5.91
C GLU C 36 3.58 -9.71 7.00
N LEU C 37 3.82 -10.68 7.89
CA LEU C 37 2.74 -11.40 8.64
C LEU C 37 3.29 -12.06 9.91
N ALA C 38 2.66 -11.82 11.06
CA ALA C 38 2.95 -12.50 12.34
C ALA C 38 1.68 -13.16 12.87
N VAL C 39 1.79 -14.43 13.29
CA VAL C 39 0.74 -15.14 14.07
C VAL C 39 1.39 -15.74 15.31
N SER C 40 0.59 -15.94 16.37
CA SER C 40 1.02 -16.69 17.58
C SER C 40 -0.12 -17.59 18.03
N ALA C 41 0.25 -18.69 18.70
CA ALA C 41 -0.66 -19.62 19.39
C ALA C 41 0.00 -20.03 20.71
N PRO C 42 -0.75 -20.05 21.83
CA PRO C 42 -0.18 -20.37 23.14
C PRO C 42 -0.05 -21.86 23.46
N GLY C 43 0.91 -22.18 24.33
CA GLY C 43 0.88 -23.40 25.15
C GLY C 43 -0.25 -23.30 26.16
N ARG C 44 -0.39 -24.30 27.01
CA ARG C 44 -1.55 -24.37 27.94
C ARG C 44 -1.17 -25.10 29.22
N VAL C 45 -1.88 -24.77 30.28
CA VAL C 45 -1.90 -25.56 31.55
C VAL C 45 -3.35 -26.00 31.75
N ASN C 46 -3.57 -27.28 32.01
CA ASN C 46 -4.90 -27.81 32.41
C ASN C 46 -5.08 -27.60 33.92
N LEU C 47 -6.03 -26.78 34.32
CA LEU C 47 -6.22 -26.50 35.76
C LEU C 47 -6.75 -27.77 36.41
N ILE C 48 -7.72 -28.43 35.78
CA ILE C 48 -8.30 -29.70 36.27
C ILE C 48 -9.02 -30.34 35.09
N GLY C 49 -9.12 -31.66 35.04
CA GLY C 49 -9.77 -32.34 33.92
C GLY C 49 -8.83 -33.26 33.21
N GLU C 50 -7.98 -33.96 33.94
CA GLU C 50 -6.93 -34.79 33.31
C GLU C 50 -7.43 -36.13 32.83
N HIS C 51 -7.03 -36.51 31.61
CA HIS C 51 -7.36 -37.83 31.02
C HIS C 51 -8.87 -38.04 30.91
N THR C 52 -9.60 -36.97 30.60
CA THR C 52 -11.06 -37.04 30.46
C THR C 52 -11.46 -36.58 29.05
N ASP C 53 -10.57 -35.90 28.34
CA ASP C 53 -10.94 -35.28 27.03
C ASP C 53 -11.28 -36.43 26.06
N TYR C 54 -10.46 -37.47 26.01
CA TYR C 54 -10.67 -38.63 25.11
C TYR C 54 -11.77 -39.54 25.69
N ASN C 55 -12.38 -39.18 26.82
CA ASN C 55 -13.49 -39.91 27.47
C ASN C 55 -14.77 -39.06 27.45
N GLN C 56 -14.86 -38.11 26.52
CA GLN C 56 -15.99 -37.15 26.33
C GLN C 56 -16.26 -36.42 27.66
N GLY C 57 -15.20 -36.08 28.39
CA GLY C 57 -15.29 -35.49 29.73
C GLY C 57 -15.34 -33.97 29.65
N LEU C 58 -15.05 -33.34 30.78
CA LEU C 58 -14.90 -31.88 30.94
C LEU C 58 -13.41 -31.62 31.19
N VAL C 59 -12.87 -30.59 30.51
CA VAL C 59 -11.49 -30.12 30.81
C VAL C 59 -11.56 -28.64 31.16
N LEU C 60 -10.67 -28.16 32.02
CA LEU C 60 -10.67 -26.73 32.42
C LEU C 60 -9.26 -26.15 32.15
N PRO C 61 -8.81 -26.08 30.88
CA PRO C 61 -7.51 -25.49 30.59
C PRO C 61 -7.48 -23.96 30.52
N MET C 62 -6.30 -23.36 30.70
CA MET C 62 -6.09 -21.93 30.39
C MET C 62 -4.89 -21.76 29.46
N ALA C 63 -4.91 -20.74 28.61
CA ALA C 63 -3.78 -20.47 27.69
C ALA C 63 -2.66 -19.76 28.47
N LEU C 64 -1.41 -20.04 28.11
CA LEU C 64 -0.22 -19.43 28.75
C LEU C 64 0.31 -18.27 27.94
N GLU C 65 1.04 -17.36 28.61
CA GLU C 65 1.85 -16.32 27.92
C GLU C 65 3.00 -16.97 27.15
N LEU C 66 3.41 -18.18 27.51
CA LEU C 66 4.34 -18.99 26.68
C LEU C 66 3.67 -19.28 25.33
N MET C 67 4.40 -19.19 24.21
CA MET C 67 3.78 -19.29 22.86
C MET C 67 4.79 -19.56 21.74
N THR C 68 4.27 -20.08 20.63
CA THR C 68 4.94 -20.24 19.32
C THR C 68 4.53 -19.07 18.42
N VAL C 69 5.51 -18.35 17.86
CA VAL C 69 5.30 -17.23 16.92
C VAL C 69 5.82 -17.70 15.57
N LEU C 70 4.98 -17.57 14.53
CA LEU C 70 5.39 -17.63 13.12
C LEU C 70 5.41 -16.20 12.60
N VAL C 71 6.48 -15.86 11.90
CA VAL C 71 6.65 -14.54 11.23
C VAL C 71 6.98 -14.91 9.79
N GLY C 72 6.15 -14.52 8.82
CA GLY C 72 6.37 -15.02 7.46
C GLY C 72 5.73 -14.25 6.32
N SER C 73 5.80 -14.79 5.09
CA SER C 73 5.29 -14.12 3.88
C SER C 73 4.83 -15.15 2.85
N PRO C 74 3.88 -14.85 1.95
CA PRO C 74 3.45 -15.77 0.88
C PRO C 74 4.43 -15.99 -0.30
N ARG C 75 4.24 -17.04 -1.11
CA ARG C 75 5.13 -17.37 -2.27
C ARG C 75 4.32 -17.87 -3.49
N LYS C 76 4.88 -17.73 -4.70
CA LYS C 76 4.17 -18.11 -5.97
C LYS C 76 4.67 -19.47 -6.52
N ASP C 77 5.87 -19.93 -6.03
CA ASP C 77 6.57 -21.15 -6.53
C ASP C 77 5.96 -22.44 -5.95
N GLY C 78 5.09 -22.33 -4.94
CA GLY C 78 4.51 -23.51 -4.27
C GLY C 78 5.52 -24.21 -3.36
N LEU C 79 6.65 -23.55 -3.09
CA LEU C 79 7.68 -24.01 -2.12
C LEU C 79 7.32 -23.48 -0.72
N VAL C 80 7.34 -24.39 0.26
CA VAL C 80 7.31 -24.11 1.73
C VAL C 80 8.74 -24.14 2.24
N SER C 81 9.18 -23.06 2.89
CA SER C 81 10.58 -22.80 3.28
C SER C 81 10.63 -22.30 4.73
N LEU C 82 11.20 -23.09 5.65
CA LEU C 82 11.08 -22.88 7.12
C LEU C 82 12.46 -22.81 7.79
N LEU C 83 12.64 -21.77 8.64
CA LEU C 83 13.73 -21.70 9.65
C LEU C 83 13.09 -21.66 11.04
N THR C 84 13.68 -22.36 12.01
CA THR C 84 13.36 -22.19 13.46
C THR C 84 14.64 -21.84 14.24
N THR C 85 14.51 -20.98 15.24
CA THR C 85 15.59 -20.60 16.20
C THR C 85 15.35 -21.25 17.58
N SER C 86 14.38 -22.16 17.70
CA SER C 86 14.06 -22.83 18.99
C SER C 86 15.21 -23.76 19.40
N GLU C 87 15.54 -23.73 20.70
CA GLU C 87 16.69 -24.42 21.34
C GLU C 87 16.62 -25.95 21.13
N GLY C 88 15.52 -26.57 21.55
CA GLY C 88 15.37 -28.04 21.57
C GLY C 88 15.21 -28.65 20.19
N ALA C 89 14.70 -27.87 19.23
CA ALA C 89 14.49 -28.27 17.82
C ALA C 89 15.71 -29.05 17.34
N ASP C 90 15.49 -30.20 16.68
CA ASP C 90 16.58 -31.07 16.16
C ASP C 90 17.00 -30.55 14.78
N GLU C 91 18.05 -31.13 14.19
CA GLU C 91 18.64 -30.64 12.91
C GLU C 91 18.00 -31.36 11.72
N PRO C 92 17.91 -30.71 10.54
CA PRO C 92 18.27 -29.31 10.38
C PRO C 92 17.17 -28.37 10.91
N GLN C 93 17.54 -27.13 11.21
CA GLN C 93 16.59 -26.06 11.65
C GLN C 93 16.09 -25.30 10.41
N ARG C 94 16.69 -25.53 9.23
CA ARG C 94 16.21 -25.06 7.90
C ARG C 94 15.65 -26.24 7.09
N LEU C 95 14.58 -26.01 6.33
CA LEU C 95 13.92 -27.04 5.50
C LEU C 95 13.23 -26.36 4.31
N GLN C 96 13.15 -27.07 3.17
CA GLN C 96 12.49 -26.60 1.93
C GLN C 96 11.87 -27.81 1.24
N PHE C 97 10.54 -27.83 1.08
CA PHE C 97 9.80 -28.95 0.43
C PHE C 97 8.64 -28.39 -0.40
N PRO C 98 8.14 -29.16 -1.40
CA PRO C 98 7.02 -28.71 -2.22
C PRO C 98 5.68 -28.80 -1.49
N LEU C 99 4.76 -27.90 -1.80
CA LEU C 99 3.33 -28.00 -1.39
C LEU C 99 2.79 -29.33 -1.93
N PRO C 100 2.03 -30.10 -1.12
CA PRO C 100 1.50 -31.39 -1.57
C PRO C 100 0.43 -31.30 -2.67
N THR C 101 0.57 -32.09 -3.72
CA THR C 101 -0.43 -32.20 -4.82
C THR C 101 -1.32 -33.40 -4.48
N ALA C 102 -2.20 -33.82 -5.39
CA ALA C 102 -2.96 -35.09 -5.31
C ALA C 102 -2.06 -36.25 -5.78
N GLN C 103 -1.12 -35.95 -6.69
CA GLN C 103 -0.12 -36.90 -7.27
C GLN C 103 0.86 -37.38 -6.17
N ARG C 104 0.88 -36.72 -4.99
CA ARG C 104 1.73 -37.11 -3.83
C ARG C 104 1.27 -36.31 -2.59
N SER C 105 0.80 -37.01 -1.56
CA SER C 105 0.58 -36.47 -0.19
C SER C 105 1.95 -36.30 0.50
N LEU C 106 2.02 -35.47 1.54
CA LEU C 106 3.24 -35.34 2.41
C LEU C 106 3.23 -36.51 3.41
N GLU C 107 4.42 -36.86 3.94
CA GLU C 107 4.62 -37.98 4.89
C GLU C 107 5.55 -37.53 6.02
N PRO C 108 5.43 -38.06 7.26
CA PRO C 108 6.33 -37.70 8.35
C PRO C 108 7.77 -38.14 8.04
N GLY C 109 8.76 -37.34 8.45
CA GLY C 109 10.18 -37.57 8.16
C GLY C 109 11.09 -36.83 9.14
N THR C 110 12.28 -36.41 8.67
CA THR C 110 13.30 -35.66 9.45
C THR C 110 13.37 -34.23 8.90
N PRO C 111 13.40 -33.17 9.74
CA PRO C 111 13.41 -33.30 11.20
C PRO C 111 12.02 -33.53 11.84
N ARG C 112 12.01 -34.04 13.07
CA ARG C 112 10.79 -34.39 13.84
C ARG C 112 9.87 -33.18 13.94
N TRP C 113 10.45 -31.97 14.10
CA TRP C 113 9.71 -30.72 14.46
C TRP C 113 8.90 -30.21 13.26
N ALA C 114 9.43 -30.33 12.05
CA ALA C 114 8.72 -29.90 10.81
C ALA C 114 7.44 -30.73 10.63
N ASN C 115 7.39 -31.94 11.19
CA ASN C 115 6.24 -32.88 11.00
C ASN C 115 4.94 -32.20 11.45
N TYR C 116 5.00 -31.40 12.51
CA TYR C 116 3.84 -30.68 13.07
C TYR C 116 3.33 -29.66 12.04
N VAL C 117 4.23 -29.01 11.32
CA VAL C 117 3.91 -28.02 10.25
C VAL C 117 3.34 -28.79 9.05
N LYS C 118 4.06 -29.81 8.59
CA LYS C 118 3.67 -30.63 7.39
C LYS C 118 2.27 -31.21 7.64
N GLY C 119 2.06 -31.81 8.81
CA GLY C 119 0.76 -32.37 9.24
C GLY C 119 -0.39 -31.42 8.92
N VAL C 120 -0.34 -30.21 9.51
CA VAL C 120 -1.33 -29.09 9.35
C VAL C 120 -1.52 -28.76 7.86
N ILE C 121 -0.43 -28.64 7.09
CA ILE C 121 -0.50 -28.31 5.64
C ILE C 121 -1.34 -29.40 4.94
N GLN C 122 -0.92 -30.66 5.08
CA GLN C 122 -1.56 -31.87 4.51
C GLN C 122 -3.08 -31.84 4.68
N TYR C 123 -3.59 -31.49 5.87
CA TYR C 123 -5.02 -31.63 6.23
C TYR C 123 -5.72 -30.27 6.25
N TYR C 124 -5.12 -29.24 5.65
CA TYR C 124 -5.72 -27.88 5.60
C TYR C 124 -6.92 -27.94 4.66
N PRO C 125 -8.15 -27.62 5.12
CA PRO C 125 -9.37 -28.00 4.40
C PRO C 125 -9.72 -27.13 3.19
N ALA C 126 -9.05 -25.98 3.02
CA ALA C 126 -9.42 -24.94 2.01
C ALA C 126 -8.33 -24.77 0.94
N ALA C 127 -8.74 -24.26 -0.21
CA ALA C 127 -7.96 -24.21 -1.48
C ALA C 127 -8.23 -22.88 -2.17
N PRO C 128 -7.28 -22.32 -2.97
CA PRO C 128 -5.94 -22.87 -3.16
C PRO C 128 -4.91 -22.39 -2.12
N LEU C 129 -4.28 -23.32 -1.40
CA LEU C 129 -3.20 -23.03 -0.41
C LEU C 129 -1.94 -22.75 -1.22
N PRO C 130 -1.35 -21.54 -1.14
CA PRO C 130 -0.06 -21.25 -1.77
C PRO C 130 1.11 -21.67 -0.86
N GLY C 131 2.34 -21.45 -1.33
CA GLY C 131 3.58 -21.62 -0.55
C GLY C 131 3.87 -20.39 0.30
N PHE C 132 4.93 -20.46 1.14
CA PHE C 132 5.35 -19.36 2.04
C PHE C 132 6.76 -19.56 2.60
N SER C 133 7.40 -18.44 2.96
CA SER C 133 8.59 -18.34 3.87
C SER C 133 8.08 -18.02 5.28
N ALA C 134 8.71 -18.59 6.32
CA ALA C 134 8.30 -18.48 7.75
C ALA C 134 9.47 -18.80 8.68
N VAL C 135 9.68 -17.95 9.70
CA VAL C 135 10.53 -18.28 10.89
C VAL C 135 9.60 -18.76 12.01
N VAL C 136 10.01 -19.80 12.75
CA VAL C 136 9.30 -20.40 13.91
C VAL C 136 10.12 -20.13 15.16
N VAL C 137 9.54 -19.47 16.16
CA VAL C 137 10.15 -19.31 17.51
C VAL C 137 9.14 -19.84 18.51
N SER C 138 9.60 -20.27 19.68
CA SER C 138 8.71 -20.70 20.78
C SER C 138 9.36 -20.37 22.12
N SER C 139 8.54 -19.97 23.08
CA SER C 139 8.89 -19.84 24.52
C SER C 139 8.21 -20.98 25.29
N VAL C 140 7.59 -21.93 24.58
CA VAL C 140 6.95 -23.13 25.20
C VAL C 140 8.03 -24.21 25.30
N PRO C 141 8.37 -24.69 26.53
CA PRO C 141 9.44 -25.67 26.70
C PRO C 141 9.14 -26.93 25.87
N LEU C 142 9.98 -27.23 24.87
CA LEU C 142 9.75 -28.32 23.88
C LEU C 142 9.58 -29.64 24.63
N GLY C 143 8.40 -30.27 24.52
CA GLY C 143 8.01 -31.50 25.22
C GLY C 143 8.21 -31.43 26.73
N GLY C 144 7.75 -30.36 27.39
CA GLY C 144 7.72 -30.18 28.87
C GLY C 144 6.31 -30.27 29.44
N GLY C 145 5.32 -30.67 28.63
CA GLY C 145 3.93 -30.92 29.05
C GLY C 145 3.03 -29.70 29.01
N LEU C 146 3.43 -28.61 28.33
CA LEU C 146 2.57 -27.39 28.18
C LEU C 146 2.12 -27.21 26.73
N SER C 147 2.13 -28.30 25.95
CA SER C 147 1.53 -28.41 24.60
C SER C 147 2.32 -27.56 23.60
N SER C 148 3.64 -27.73 23.54
CA SER C 148 4.50 -27.01 22.58
C SER C 148 4.02 -27.35 21.17
N SER C 149 3.76 -28.63 20.90
CA SER C 149 3.40 -29.15 19.55
C SER C 149 2.03 -28.59 19.12
N ALA C 150 1.05 -28.61 20.01
CA ALA C 150 -0.27 -28.01 19.71
C ALA C 150 -0.08 -26.52 19.44
N SER C 151 0.79 -25.81 20.15
CA SER C 151 1.05 -24.37 19.86
C SER C 151 1.68 -24.24 18.46
N LEU C 152 2.60 -25.13 18.08
CA LEU C 152 3.18 -25.12 16.71
C LEU C 152 2.08 -25.44 15.70
N GLU C 153 1.23 -26.44 15.98
CA GLU C 153 0.15 -26.87 15.05
C GLU C 153 -0.82 -25.71 14.82
N VAL C 154 -1.25 -25.05 15.90
CA VAL C 154 -2.32 -24.02 15.79
C VAL C 154 -1.73 -22.78 15.15
N ALA C 155 -0.49 -22.43 15.52
CA ALA C 155 0.21 -21.25 14.94
C ALA C 155 0.30 -21.46 13.43
N THR C 156 0.62 -22.67 12.99
CA THR C 156 0.75 -23.04 11.56
C THR C 156 -0.59 -22.84 10.87
N TYR C 157 -1.66 -23.42 11.42
CA TYR C 157 -3.07 -23.32 10.93
C TYR C 157 -3.44 -21.84 10.75
N THR C 158 -3.20 -21.04 11.80
CA THR C 158 -3.53 -19.59 11.87
C THR C 158 -2.83 -18.84 10.73
N PHE C 159 -1.60 -19.23 10.43
CA PHE C 159 -0.77 -18.61 9.37
C PHE C 159 -1.36 -19.01 8.01
N LEU C 160 -1.70 -20.29 7.82
CA LEU C 160 -2.30 -20.81 6.55
C LEU C 160 -3.64 -20.08 6.31
N GLN C 161 -4.35 -19.75 7.39
CA GLN C 161 -5.63 -19.00 7.34
C GLN C 161 -5.42 -17.62 6.68
N GLN C 162 -4.27 -16.98 6.90
CA GLN C 162 -3.96 -15.64 6.34
C GLN C 162 -3.59 -15.78 4.85
N LEU C 163 -3.11 -16.96 4.45
CA LEU C 163 -2.74 -17.26 3.05
C LEU C 163 -3.99 -17.69 2.27
N CYS C 164 -4.87 -18.48 2.90
CA CYS C 164 -6.07 -19.09 2.27
C CYS C 164 -7.19 -19.24 3.31
N PRO C 165 -7.97 -18.14 3.54
CA PRO C 165 -9.07 -18.19 4.51
C PRO C 165 -9.89 -19.48 4.36
N ASP C 166 -10.03 -20.25 5.43
CA ASP C 166 -10.92 -21.43 5.50
C ASP C 166 -12.34 -20.88 5.63
N SER C 167 -13.35 -21.74 5.65
CA SER C 167 -14.77 -21.30 5.85
C SER C 167 -15.35 -22.21 6.93
N GLY C 168 -14.58 -22.42 8.00
CA GLY C 168 -14.79 -23.52 8.96
C GLY C 168 -14.93 -23.06 10.39
N THR C 169 -15.16 -24.04 11.28
CA THR C 169 -15.44 -23.87 12.72
C THR C 169 -14.15 -24.09 13.50
N ILE C 170 -14.18 -23.76 14.80
CA ILE C 170 -13.03 -23.92 15.72
C ILE C 170 -12.83 -25.41 16.01
N ALA C 171 -13.91 -26.21 16.04
CA ALA C 171 -13.85 -27.69 16.20
C ALA C 171 -13.11 -28.30 15.01
N ALA C 172 -13.52 -27.96 13.79
CA ALA C 172 -12.86 -28.43 12.54
C ALA C 172 -11.34 -28.22 12.62
N ARG C 173 -10.88 -27.01 12.98
CA ARG C 173 -9.44 -26.62 13.02
C ARG C 173 -8.69 -27.39 14.12
N ALA C 174 -9.29 -27.47 15.31
CA ALA C 174 -8.82 -28.28 16.46
C ALA C 174 -8.63 -29.73 16.02
N GLN C 175 -9.60 -30.28 15.26
CA GLN C 175 -9.60 -31.67 14.71
C GLN C 175 -8.48 -31.83 13.67
N VAL C 176 -8.18 -30.81 12.86
CA VAL C 176 -7.10 -30.89 11.82
C VAL C 176 -5.76 -31.04 12.53
N CYS C 177 -5.43 -30.05 13.37
CA CYS C 177 -4.21 -30.01 14.21
C CYS C 177 -4.07 -31.34 14.96
N GLN C 178 -5.18 -31.88 15.48
CA GLN C 178 -5.23 -33.16 16.24
C GLN C 178 -4.85 -34.30 15.27
N GLN C 179 -5.45 -34.32 14.09
CA GLN C 179 -5.12 -35.27 12.99
C GLN C 179 -3.60 -35.22 12.73
N ALA C 180 -2.98 -34.04 12.82
CA ALA C 180 -1.54 -33.83 12.56
C ALA C 180 -0.71 -34.52 13.65
N GLU C 181 -1.00 -34.19 14.91
CA GLU C 181 -0.40 -34.82 16.11
C GLU C 181 -0.51 -36.36 16.00
N HIS C 182 -1.67 -36.89 15.59
CA HIS C 182 -1.98 -38.35 15.48
C HIS C 182 -1.15 -39.00 14.39
N SER C 183 -1.13 -38.44 13.17
CA SER C 183 -0.62 -39.10 11.94
C SER C 183 0.81 -38.66 11.56
N PHE C 184 1.27 -37.48 11.97
CA PHE C 184 2.63 -36.98 11.65
C PHE C 184 3.56 -36.99 12.89
N ALA C 185 3.03 -37.06 14.11
CA ALA C 185 3.84 -37.08 15.36
C ALA C 185 3.53 -38.34 16.20
N GLY C 186 2.83 -39.31 15.61
CA GLY C 186 2.47 -40.62 16.21
C GLY C 186 1.92 -40.55 17.63
N MET C 187 1.28 -39.44 18.05
CA MET C 187 0.74 -39.26 19.44
C MET C 187 -0.78 -39.06 19.39
N PRO C 188 -1.58 -40.07 19.81
CA PRO C 188 -3.04 -40.01 19.72
C PRO C 188 -3.74 -39.22 20.85
N CYS C 189 -3.55 -37.89 20.85
CA CYS C 189 -4.05 -36.96 21.89
C CYS C 189 -5.58 -36.75 21.81
N GLY C 190 -6.20 -36.26 22.89
CA GLY C 190 -7.56 -35.68 22.85
C GLY C 190 -7.56 -34.32 22.16
N ILE C 191 -8.65 -33.56 22.31
CA ILE C 191 -8.88 -32.21 21.69
C ILE C 191 -8.37 -31.08 22.61
N MET C 192 -8.24 -31.30 23.91
CA MET C 192 -7.98 -30.20 24.87
C MET C 192 -6.94 -29.20 24.29
N ASP C 193 -5.75 -29.68 23.93
CA ASP C 193 -4.54 -28.83 23.73
C ASP C 193 -4.80 -27.95 22.49
N GLN C 194 -5.27 -28.53 21.39
CA GLN C 194 -5.51 -27.76 20.13
C GLN C 194 -6.60 -26.70 20.37
N PHE C 195 -7.64 -27.07 21.15
CA PHE C 195 -8.86 -26.27 21.43
C PHE C 195 -8.49 -25.06 22.28
N ILE C 196 -7.68 -25.26 23.32
CA ILE C 196 -7.26 -24.15 24.22
C ILE C 196 -6.32 -23.20 23.44
N SER C 197 -5.45 -23.75 22.60
CA SER C 197 -4.53 -22.95 21.76
C SER C 197 -5.35 -22.00 20.86
N LEU C 198 -6.43 -22.47 20.23
CA LEU C 198 -7.30 -21.65 19.35
C LEU C 198 -8.14 -20.64 20.16
N MET C 199 -8.74 -21.06 21.28
CA MET C 199 -9.92 -20.42 21.90
C MET C 199 -9.58 -19.68 23.20
N GLY C 200 -8.34 -19.76 23.67
CA GLY C 200 -7.92 -19.00 24.87
C GLY C 200 -8.30 -17.54 24.73
N GLN C 201 -8.59 -16.90 25.85
CA GLN C 201 -8.78 -15.43 25.96
C GLN C 201 -8.08 -14.99 27.24
N LYS C 202 -7.41 -13.83 27.21
CA LYS C 202 -6.76 -13.20 28.38
C LYS C 202 -7.75 -13.15 29.54
N GLY C 203 -7.34 -13.55 30.73
CA GLY C 203 -8.16 -13.41 31.94
C GLY C 203 -9.33 -14.38 31.93
N HIS C 204 -9.19 -15.52 31.25
CA HIS C 204 -10.25 -16.56 31.18
C HIS C 204 -9.66 -17.96 31.21
N ALA C 205 -10.33 -18.87 31.93
CA ALA C 205 -10.13 -20.33 31.77
C ALA C 205 -11.18 -20.79 30.76
N LEU C 206 -10.94 -21.94 30.13
CA LEU C 206 -11.88 -22.52 29.14
C LEU C 206 -12.46 -23.82 29.72
N LEU C 207 -13.76 -23.86 29.99
CA LEU C 207 -14.46 -25.12 30.34
C LEU C 207 -14.86 -25.76 29.02
N ILE C 208 -14.28 -26.90 28.65
CA ILE C 208 -14.59 -27.60 27.38
C ILE C 208 -15.32 -28.88 27.73
N ASP C 209 -16.53 -28.99 27.20
CA ASP C 209 -17.36 -30.21 27.22
C ASP C 209 -16.95 -30.98 25.97
N CYS C 210 -16.17 -32.05 26.15
CA CYS C 210 -15.59 -32.87 25.05
C CYS C 210 -16.63 -33.84 24.51
N ARG C 211 -17.87 -33.79 24.99
CA ARG C 211 -18.99 -34.52 24.36
C ARG C 211 -19.70 -33.58 23.39
N SER C 212 -20.29 -32.49 23.88
CA SER C 212 -21.13 -31.54 23.10
C SER C 212 -20.25 -30.59 22.28
N LEU C 213 -18.97 -30.48 22.65
CA LEU C 213 -17.98 -29.49 22.08
C LEU C 213 -18.46 -28.07 22.38
N GLU C 214 -19.23 -27.89 23.45
CA GLU C 214 -19.55 -26.57 24.03
C GLU C 214 -18.33 -26.11 24.81
N THR C 215 -18.08 -24.81 24.82
CA THR C 215 -16.96 -24.21 25.54
C THR C 215 -17.51 -22.98 26.23
N SER C 216 -17.12 -22.78 27.48
CA SER C 216 -17.46 -21.56 28.23
C SER C 216 -16.17 -20.83 28.62
N LEU C 217 -16.19 -19.52 28.43
CA LEU C 217 -15.10 -18.61 28.87
C LEU C 217 -15.41 -18.15 30.30
N VAL C 218 -14.67 -18.69 31.27
CA VAL C 218 -14.87 -18.44 32.72
C VAL C 218 -13.87 -17.38 33.19
N PRO C 219 -14.32 -16.15 33.53
CA PRO C 219 -13.41 -15.09 33.99
C PRO C 219 -12.53 -15.57 35.14
N LEU C 220 -11.23 -15.32 35.04
CA LEU C 220 -10.17 -15.70 36.00
C LEU C 220 -9.21 -14.51 36.11
N SER C 221 -9.66 -13.44 36.78
CA SER C 221 -9.07 -12.07 36.70
C SER C 221 -8.47 -11.62 38.04
N ASP C 222 -8.87 -12.23 39.16
CA ASP C 222 -8.48 -11.82 40.54
C ASP C 222 -6.97 -11.65 40.58
N PRO C 223 -6.45 -10.40 40.70
CA PRO C 223 -5.01 -10.16 40.74
C PRO C 223 -4.34 -10.70 42.01
N LYS C 224 -5.12 -10.95 43.07
CA LYS C 224 -4.65 -11.60 44.31
C LYS C 224 -4.33 -13.08 44.03
N LEU C 225 -4.69 -13.58 42.84
CA LEU C 225 -4.58 -15.01 42.50
C LEU C 225 -3.52 -15.23 41.43
N ALA C 226 -2.68 -16.24 41.65
CA ALA C 226 -1.59 -16.68 40.76
C ALA C 226 -1.76 -18.16 40.41
N VAL C 227 -1.40 -18.52 39.18
CA VAL C 227 -1.13 -19.92 38.74
C VAL C 227 0.38 -20.06 38.57
N LEU C 228 1.02 -20.89 39.40
CA LEU C 228 2.48 -21.20 39.35
C LEU C 228 2.65 -22.56 38.67
N ILE C 229 3.40 -22.57 37.57
CA ILE C 229 3.68 -23.77 36.77
C ILE C 229 5.11 -24.18 37.12
N THR C 230 5.29 -25.42 37.56
CA THR C 230 6.61 -25.96 37.96
C THR C 230 6.97 -27.12 37.02
N ASN C 231 8.00 -26.93 36.18
CA ASN C 231 8.54 -28.01 35.32
C ASN C 231 9.47 -28.87 36.18
N SER C 232 9.23 -30.17 36.20
CA SER C 232 10.09 -31.19 36.86
C SER C 232 11.37 -31.35 36.07
N ASN C 233 11.36 -30.98 34.79
CA ASN C 233 12.48 -31.16 33.82
C ASN C 233 12.85 -32.65 33.78
N VAL C 234 11.86 -33.55 33.83
CA VAL C 234 12.02 -35.00 33.54
C VAL C 234 10.94 -35.44 32.53
N ARG C 235 11.29 -36.49 31.77
CA ARG C 235 10.51 -37.17 30.71
C ARG C 235 10.92 -38.65 30.77
N HIS C 236 10.16 -39.46 31.51
CA HIS C 236 10.37 -40.93 31.66
C HIS C 236 10.04 -41.64 30.34
N SER C 237 10.51 -42.88 30.19
CA SER C 237 10.28 -43.79 29.03
C SER C 237 8.77 -43.94 28.76
N LEU C 238 7.98 -44.00 29.84
CA LEU C 238 6.53 -44.36 29.85
C LEU C 238 5.67 -43.21 29.28
N ALA C 239 6.26 -42.05 28.98
CA ALA C 239 5.57 -40.87 28.40
C ALA C 239 4.74 -41.28 27.18
N SER C 240 5.39 -41.76 26.12
CA SER C 240 4.78 -42.17 24.82
C SER C 240 3.93 -43.43 25.00
N SER C 241 4.51 -44.49 25.57
CA SER C 241 3.97 -45.88 25.56
C SER C 241 2.67 -46.01 26.37
N GLU C 242 2.52 -45.33 27.53
CA GLU C 242 1.41 -45.58 28.50
C GLU C 242 0.15 -44.77 28.17
N TYR C 243 0.27 -43.67 27.42
CA TYR C 243 -0.87 -42.78 27.07
C TYR C 243 -1.92 -43.58 26.29
N PRO C 244 -1.58 -44.22 25.14
CA PRO C 244 -2.52 -45.09 24.42
C PRO C 244 -2.94 -46.37 25.16
N VAL C 245 -2.09 -46.88 26.05
CA VAL C 245 -2.43 -48.05 26.93
C VAL C 245 -3.66 -47.66 27.78
N ARG C 246 -3.59 -46.50 28.45
CA ARG C 246 -4.68 -45.92 29.29
C ARG C 246 -5.94 -45.67 28.44
N ARG C 247 -5.74 -45.13 27.24
CA ARG C 247 -6.81 -44.81 26.28
C ARG C 247 -7.54 -46.11 25.92
N ARG C 248 -6.80 -47.19 25.65
CA ARG C 248 -7.35 -48.55 25.36
C ARG C 248 -8.04 -49.12 26.60
N GLN C 249 -7.50 -48.88 27.81
CA GLN C 249 -8.06 -49.35 29.12
C GLN C 249 -9.48 -48.78 29.33
N CYS C 250 -9.67 -47.47 29.11
CA CYS C 250 -10.97 -46.75 29.32
C CYS C 250 -12.04 -47.23 28.32
N GLU C 251 -11.66 -47.35 27.04
CA GLU C 251 -12.50 -47.91 25.95
C GLU C 251 -13.04 -49.29 26.40
N GLU C 252 -12.16 -50.12 26.98
CA GLU C 252 -12.50 -51.50 27.45
C GLU C 252 -13.53 -51.45 28.61
N VAL C 253 -13.40 -50.51 29.56
CA VAL C 253 -14.33 -50.41 30.73
C VAL C 253 -15.70 -49.95 30.26
N ALA C 254 -15.73 -48.85 29.50
CA ALA C 254 -16.95 -48.31 28.86
C ALA C 254 -17.73 -49.43 28.18
N ARG C 255 -17.01 -50.37 27.53
CA ARG C 255 -17.59 -51.54 26.81
C ARG C 255 -18.25 -52.50 27.83
N ALA C 256 -17.56 -52.85 28.92
CA ALA C 256 -18.02 -53.82 29.96
C ALA C 256 -19.27 -53.29 30.68
N LEU C 257 -19.44 -51.96 30.73
CA LEU C 257 -20.50 -51.24 31.49
C LEU C 257 -21.64 -50.83 30.53
N GLY C 258 -21.48 -51.09 29.23
CA GLY C 258 -22.54 -50.91 28.22
C GLY C 258 -22.94 -49.46 28.02
N ALA C 259 -21.95 -48.55 28.07
CA ALA C 259 -22.09 -47.09 27.83
C ALA C 259 -21.18 -46.68 26.66
N ALA C 260 -21.50 -45.59 25.96
CA ALA C 260 -20.70 -45.08 24.81
C ALA C 260 -19.31 -44.66 25.30
N SER C 261 -19.25 -43.88 26.37
CA SER C 261 -18.01 -43.41 27.03
C SER C 261 -18.22 -43.36 28.54
N LEU C 262 -17.19 -43.05 29.32
CA LEU C 262 -17.28 -42.97 30.80
C LEU C 262 -17.98 -41.68 31.20
N ARG C 263 -18.28 -40.79 30.25
CA ARG C 263 -19.13 -39.61 30.50
C ARG C 263 -20.56 -40.07 30.86
N GLU C 264 -20.96 -41.24 30.38
CA GLU C 264 -22.34 -41.78 30.55
C GLU C 264 -22.41 -42.53 31.89
N VAL C 265 -21.26 -42.80 32.50
CA VAL C 265 -21.12 -43.64 33.72
C VAL C 265 -21.10 -42.77 34.98
N GLN C 266 -22.11 -42.95 35.83
CA GLN C 266 -22.26 -42.33 37.18
C GLN C 266 -21.30 -43.01 38.17
N LEU C 267 -20.65 -42.20 39.02
CA LEU C 267 -19.62 -42.69 39.99
C LEU C 267 -20.21 -43.75 40.93
N GLU C 268 -21.42 -43.54 41.43
CA GLU C 268 -22.02 -44.43 42.47
C GLU C 268 -22.39 -45.76 41.80
N GLU C 269 -22.89 -45.72 40.55
CA GLU C 269 -23.19 -46.92 39.72
C GLU C 269 -21.91 -47.71 39.44
N LEU C 270 -20.82 -47.02 39.04
CA LEU C 270 -19.52 -47.68 38.78
C LEU C 270 -19.06 -48.42 40.05
N GLU C 271 -19.22 -47.82 41.23
CA GLU C 271 -18.57 -48.33 42.47
C GLU C 271 -19.29 -49.61 42.91
N ALA C 272 -20.50 -49.84 42.41
CA ALA C 272 -21.29 -51.06 42.62
C ALA C 272 -20.92 -52.16 41.62
N ALA C 273 -20.16 -51.83 40.56
CA ALA C 273 -20.01 -52.66 39.32
C ALA C 273 -18.61 -53.29 39.26
N ARG C 274 -17.99 -53.56 40.41
CA ARG C 274 -16.64 -54.18 40.53
C ARG C 274 -16.60 -55.61 39.97
N ASP C 275 -17.71 -56.36 39.91
CA ASP C 275 -17.63 -57.74 39.37
C ASP C 275 -17.76 -57.74 37.84
N LEU C 276 -18.02 -56.60 37.19
CA LEU C 276 -18.14 -56.49 35.71
C LEU C 276 -16.79 -56.12 35.04
N VAL C 277 -15.80 -55.65 35.78
CA VAL C 277 -14.56 -55.06 35.17
C VAL C 277 -13.29 -55.54 35.90
N SER C 278 -12.14 -55.40 35.25
CA SER C 278 -10.79 -55.70 35.79
C SER C 278 -10.53 -54.78 36.99
N LYS C 279 -9.65 -55.18 37.90
CA LYS C 279 -9.27 -54.33 39.05
C LYS C 279 -8.64 -53.05 38.53
N GLU C 280 -7.79 -53.17 37.50
CA GLU C 280 -7.09 -52.03 36.86
C GLU C 280 -8.13 -51.15 36.15
N GLY C 281 -8.97 -51.75 35.31
CA GLY C 281 -10.06 -51.06 34.59
C GLY C 281 -10.93 -50.23 35.51
N PHE C 282 -11.19 -50.74 36.71
CA PHE C 282 -12.09 -50.12 37.72
C PHE C 282 -11.44 -48.84 38.22
N ARG C 283 -10.16 -48.90 38.59
CA ARG C 283 -9.37 -47.76 39.09
C ARG C 283 -9.27 -46.69 38.00
N ARG C 284 -9.07 -47.08 36.75
CA ARG C 284 -8.98 -46.10 35.62
C ARG C 284 -10.32 -45.37 35.50
N ALA C 285 -11.43 -46.14 35.49
CA ALA C 285 -12.79 -45.59 35.32
C ALA C 285 -13.10 -44.71 36.53
N ARG C 286 -12.68 -45.12 37.72
CA ARG C 286 -12.90 -44.30 38.94
C ARG C 286 -12.19 -42.97 38.75
N HIS C 287 -10.94 -43.00 38.29
CA HIS C 287 -10.22 -41.73 38.01
C HIS C 287 -11.09 -40.89 37.08
N VAL C 288 -11.46 -41.42 35.94
CA VAL C 288 -12.09 -40.61 34.85
C VAL C 288 -13.45 -40.09 35.33
N VAL C 289 -14.27 -40.96 35.93
CA VAL C 289 -15.66 -40.59 36.36
C VAL C 289 -15.53 -39.55 37.47
N GLY C 290 -14.61 -39.75 38.40
CA GLY C 290 -14.33 -38.81 39.51
C GLY C 290 -13.84 -37.48 38.98
N GLU C 291 -12.91 -37.51 38.04
CA GLU C 291 -12.29 -36.30 37.45
C GLU C 291 -13.38 -35.46 36.76
N ILE C 292 -14.26 -36.09 35.95
CA ILE C 292 -15.36 -35.35 35.28
C ILE C 292 -16.19 -34.60 36.33
N ARG C 293 -16.53 -35.26 37.45
CA ARG C 293 -17.38 -34.64 38.51
C ARG C 293 -16.56 -33.48 39.11
N ARG C 294 -15.34 -33.76 39.56
CA ARG C 294 -14.45 -32.75 40.16
C ARG C 294 -14.34 -31.51 39.24
N THR C 295 -14.30 -31.71 37.92
CA THR C 295 -14.10 -30.62 36.94
C THR C 295 -15.37 -29.77 36.88
N ALA C 296 -16.56 -30.39 36.91
CA ALA C 296 -17.83 -29.65 37.03
C ALA C 296 -17.79 -28.79 38.31
N GLN C 297 -17.34 -29.35 39.43
CA GLN C 297 -17.37 -28.67 40.76
C GLN C 297 -16.24 -27.63 40.78
N ALA C 298 -15.16 -27.88 40.08
CA ALA C 298 -14.01 -26.93 39.97
C ALA C 298 -14.48 -25.63 39.29
N ALA C 299 -15.15 -25.80 38.15
CA ALA C 299 -15.75 -24.68 37.37
C ALA C 299 -16.66 -23.87 38.29
N ALA C 300 -17.63 -24.54 38.96
CA ALA C 300 -18.62 -23.94 39.87
C ALA C 300 -17.89 -23.10 40.92
N ALA C 301 -16.86 -23.68 41.55
CA ALA C 301 -16.00 -22.99 42.55
C ALA C 301 -15.31 -21.76 41.89
N LEU C 302 -14.93 -21.85 40.63
CA LEU C 302 -14.30 -20.72 39.90
C LEU C 302 -15.27 -19.51 39.93
N ARG C 303 -16.51 -19.70 39.50
CA ARG C 303 -17.55 -18.64 39.41
C ARG C 303 -17.79 -17.96 40.77
N ARG C 304 -17.68 -18.66 41.90
CA ARG C 304 -17.92 -18.10 43.25
C ARG C 304 -16.64 -17.44 43.78
N GLY C 305 -15.50 -17.64 43.10
CA GLY C 305 -14.18 -17.21 43.59
C GLY C 305 -13.78 -17.97 44.84
N ASP C 306 -14.22 -19.23 44.94
CA ASP C 306 -13.87 -20.15 46.07
C ASP C 306 -12.58 -20.89 45.68
N TYR C 307 -11.44 -20.25 45.94
CA TYR C 307 -10.09 -20.71 45.54
C TYR C 307 -9.65 -21.86 46.44
N ARG C 308 -10.04 -21.79 47.72
CA ARG C 308 -9.79 -22.88 48.70
C ARG C 308 -10.41 -24.20 48.19
N ALA C 309 -11.68 -24.19 47.75
CA ALA C 309 -12.40 -25.38 47.22
C ALA C 309 -11.78 -25.82 45.88
N PHE C 310 -11.48 -24.88 45.00
CA PHE C 310 -10.81 -25.19 43.71
C PHE C 310 -9.54 -25.99 44.03
N GLY C 311 -8.78 -25.50 45.02
CA GLY C 311 -7.50 -26.06 45.47
C GLY C 311 -7.63 -27.48 45.96
N ARG C 312 -8.59 -27.74 46.87
CA ARG C 312 -8.97 -29.09 47.36
C ARG C 312 -9.23 -29.99 46.14
N LEU C 313 -10.06 -29.54 45.19
CA LEU C 313 -10.41 -30.36 44.01
C LEU C 313 -9.15 -30.68 43.18
N MET C 314 -8.21 -29.73 43.08
CA MET C 314 -6.92 -29.94 42.36
C MET C 314 -6.13 -31.06 43.03
N VAL C 315 -6.07 -31.03 44.36
CA VAL C 315 -5.26 -32.01 45.15
C VAL C 315 -5.91 -33.40 44.99
N GLU C 316 -7.24 -33.49 45.04
CA GLU C 316 -8.00 -34.74 44.77
C GLU C 316 -7.70 -35.23 43.35
N SER C 317 -7.67 -34.34 42.35
CA SER C 317 -7.27 -34.69 40.97
C SER C 317 -5.89 -35.38 41.04
N HIS C 318 -4.96 -34.78 41.75
CA HIS C 318 -3.59 -35.32 41.85
C HIS C 318 -3.59 -36.73 42.45
N ARG C 319 -4.22 -36.90 43.61
CA ARG C 319 -4.26 -38.23 44.30
C ARG C 319 -4.87 -39.22 43.31
N SER C 320 -5.95 -38.86 42.62
CA SER C 320 -6.66 -39.78 41.68
C SER C 320 -5.70 -40.21 40.57
N LEU C 321 -4.97 -39.25 39.97
CA LEU C 321 -4.02 -39.50 38.85
C LEU C 321 -2.86 -40.35 39.37
N ARG C 322 -2.41 -40.08 40.59
CA ARG C 322 -1.24 -40.80 41.16
C ARG C 322 -1.63 -42.25 41.45
N ASP C 323 -2.77 -42.48 42.11
CA ASP C 323 -3.16 -43.80 42.69
C ASP C 323 -4.08 -44.60 41.75
N ASP C 324 -5.08 -43.97 41.14
CA ASP C 324 -6.08 -44.68 40.30
C ASP C 324 -5.63 -44.74 38.84
N TYR C 325 -5.13 -43.63 38.28
CA TYR C 325 -4.77 -43.60 36.84
C TYR C 325 -3.28 -43.94 36.68
N GLU C 326 -2.49 -43.82 37.75
CA GLU C 326 -1.06 -44.16 37.79
C GLU C 326 -0.33 -43.52 36.61
N VAL C 327 -0.42 -42.19 36.48
CA VAL C 327 0.30 -41.45 35.41
C VAL C 327 1.18 -40.38 36.04
N SER C 328 1.32 -40.36 37.37
CA SER C 328 2.28 -39.46 38.06
C SER C 328 3.66 -40.11 38.06
N CYS C 329 4.62 -39.47 38.72
CA CYS C 329 5.99 -40.00 38.94
C CYS C 329 6.53 -39.34 40.19
N PRO C 330 7.60 -39.92 40.79
CA PRO C 330 8.07 -39.47 42.11
C PRO C 330 8.39 -37.97 42.10
N GLU C 331 8.92 -37.47 40.97
CA GLU C 331 9.25 -36.03 40.77
C GLU C 331 8.00 -35.17 40.96
N LEU C 332 6.94 -35.46 40.22
CA LEU C 332 5.67 -34.70 40.29
C LEU C 332 5.10 -34.73 41.72
N ASP C 333 5.08 -35.91 42.36
CA ASP C 333 4.47 -36.11 43.72
C ASP C 333 5.26 -35.28 44.74
N GLN C 334 6.58 -35.28 44.62
CA GLN C 334 7.48 -34.48 45.48
C GLN C 334 7.18 -32.98 45.25
N LEU C 335 7.04 -32.55 43.99
CA LEU C 335 6.76 -31.13 43.68
C LEU C 335 5.39 -30.74 44.27
N VAL C 336 4.38 -31.61 44.18
CA VAL C 336 3.00 -31.35 44.69
C VAL C 336 3.01 -31.26 46.21
N GLU C 337 3.64 -32.22 46.88
CA GLU C 337 3.76 -32.26 48.36
C GLU C 337 4.55 -31.02 48.83
N ALA C 338 5.58 -30.60 48.10
CA ALA C 338 6.38 -29.40 48.45
C ALA C 338 5.46 -28.18 48.42
N ALA C 339 4.69 -28.04 47.34
CA ALA C 339 3.83 -26.88 47.07
C ALA C 339 2.75 -26.80 48.16
N LEU C 340 2.14 -27.94 48.50
CA LEU C 340 1.04 -28.00 49.50
C LEU C 340 1.55 -27.49 50.85
N ALA C 341 2.83 -27.69 51.17
CA ALA C 341 3.42 -27.27 52.46
C ALA C 341 3.52 -25.73 52.56
N VAL C 342 3.34 -24.96 51.48
CA VAL C 342 3.58 -23.49 51.50
C VAL C 342 2.30 -22.74 51.88
N PRO C 343 2.34 -21.82 52.87
CA PRO C 343 1.21 -20.97 53.20
C PRO C 343 0.86 -20.09 52.01
N GLY C 344 -0.43 -19.96 51.67
CA GLY C 344 -0.93 -19.19 50.52
C GLY C 344 -1.23 -20.07 49.32
N VAL C 345 -0.81 -21.34 49.33
CA VAL C 345 -1.09 -22.33 48.25
C VAL C 345 -2.44 -22.98 48.51
N TYR C 346 -3.39 -22.81 47.59
CA TYR C 346 -4.75 -23.40 47.69
C TYR C 346 -4.70 -24.86 47.26
N GLY C 347 -3.94 -25.16 46.22
CA GLY C 347 -3.88 -26.52 45.66
C GLY C 347 -2.75 -26.68 44.68
N SER C 348 -2.42 -27.93 44.39
CA SER C 348 -1.37 -28.29 43.41
C SER C 348 -1.62 -29.67 42.85
N ARG C 349 -1.18 -29.91 41.62
CA ARG C 349 -1.31 -31.19 40.89
C ARG C 349 -0.45 -31.21 39.63
N MET C 350 -0.06 -32.42 39.23
CA MET C 350 0.48 -32.67 37.88
C MET C 350 -0.56 -32.15 36.88
N THR C 351 -0.10 -31.61 35.77
CA THR C 351 -0.93 -31.08 34.65
C THR C 351 -0.40 -31.77 33.41
N GLY C 352 -1.24 -31.92 32.39
CA GLY C 352 -0.86 -32.62 31.15
C GLY C 352 -0.92 -34.13 31.31
N GLY C 353 -0.22 -34.87 30.45
CA GLY C 353 -0.33 -36.33 30.28
C GLY C 353 0.36 -37.11 31.39
N GLY C 354 1.37 -36.52 32.03
CA GLY C 354 2.07 -37.14 33.18
C GLY C 354 3.41 -37.75 32.81
N PHE C 355 3.96 -38.58 33.72
CA PHE C 355 5.27 -39.26 33.59
C PHE C 355 6.37 -38.20 33.48
N GLY C 356 6.18 -37.06 34.14
CA GLY C 356 7.09 -35.92 34.13
C GLY C 356 6.37 -34.66 33.74
N GLY C 357 7.08 -33.70 33.15
CA GLY C 357 6.53 -32.38 32.83
C GLY C 357 6.25 -31.57 34.10
N CYS C 358 5.10 -30.89 34.13
CA CYS C 358 4.84 -29.78 35.08
C CYS C 358 3.77 -30.14 36.11
N THR C 359 3.77 -29.35 37.18
CA THR C 359 2.65 -29.18 38.12
C THR C 359 2.02 -27.81 37.90
N VAL C 360 0.74 -27.67 38.25
CA VAL C 360 0.06 -26.36 38.33
C VAL C 360 -0.37 -26.17 39.78
N THR C 361 -0.14 -24.97 40.29
CA THR C 361 -0.38 -24.57 41.69
C THR C 361 -1.18 -23.27 41.67
N LEU C 362 -2.35 -23.26 42.33
CA LEU C 362 -3.14 -22.03 42.59
C LEU C 362 -2.70 -21.51 43.96
N LEU C 363 -2.39 -20.21 44.07
CA LEU C 363 -1.86 -19.64 45.33
C LEU C 363 -2.10 -18.14 45.37
N GLU C 364 -2.04 -17.54 46.57
CA GLU C 364 -2.05 -16.07 46.74
C GLU C 364 -0.83 -15.49 46.00
N ALA C 365 -1.04 -14.45 45.20
CA ALA C 365 0.01 -13.70 44.46
C ALA C 365 1.28 -13.55 45.29
N SER C 366 1.16 -12.96 46.49
CA SER C 366 2.30 -12.52 47.35
C SER C 366 3.02 -13.74 47.96
N ALA C 367 2.58 -14.95 47.66
CA ALA C 367 3.16 -16.19 48.21
C ALA C 367 4.04 -16.87 47.16
N ALA C 368 4.00 -16.39 45.91
CA ALA C 368 4.68 -17.06 44.78
C ALA C 368 6.20 -17.10 45.05
N PRO C 369 6.79 -16.04 45.63
CA PRO C 369 8.21 -16.06 45.99
C PRO C 369 8.57 -17.07 47.09
N HIS C 370 7.82 -17.16 48.18
CA HIS C 370 8.08 -18.19 49.23
C HIS C 370 7.90 -19.58 48.60
N ALA C 371 6.83 -19.76 47.82
CA ALA C 371 6.46 -21.01 47.12
C ALA C 371 7.66 -21.51 46.28
N MET C 372 8.22 -20.63 45.45
CA MET C 372 9.36 -20.99 44.56
C MET C 372 10.63 -21.31 45.37
N ARG C 373 10.95 -20.53 46.42
CA ARG C 373 12.14 -20.83 47.25
C ARG C 373 11.97 -22.26 47.79
N HIS C 374 10.80 -22.55 48.39
CA HIS C 374 10.54 -23.83 49.09
C HIS C 374 10.56 -25.02 48.11
N ILE C 375 9.87 -24.91 46.99
CA ILE C 375 9.70 -26.08 46.07
C ILE C 375 11.08 -26.49 45.57
N GLN C 376 11.96 -25.53 45.24
CA GLN C 376 13.28 -25.83 44.61
C GLN C 376 14.20 -26.50 45.63
N GLU C 377 14.04 -26.15 46.91
CA GLU C 377 14.86 -26.67 48.02
C GLU C 377 14.44 -28.10 48.30
N HIS C 378 13.13 -28.35 48.38
CA HIS C 378 12.53 -29.65 48.77
C HIS C 378 12.33 -30.53 47.53
N TYR C 379 12.95 -30.19 46.40
CA TYR C 379 12.93 -30.97 45.14
C TYR C 379 14.37 -31.36 44.77
N GLY C 380 14.60 -32.66 44.49
CA GLY C 380 15.95 -33.21 44.27
C GLY C 380 16.47 -32.90 42.88
N GLY C 381 15.55 -32.67 41.93
CA GLY C 381 15.91 -32.19 40.59
C GLY C 381 16.11 -30.68 40.58
N THR C 382 16.04 -30.15 39.34
CA THR C 382 16.06 -28.71 39.00
C THR C 382 14.67 -28.31 38.51
N ALA C 383 13.92 -27.59 39.34
CA ALA C 383 12.59 -27.05 38.97
C ALA C 383 12.79 -25.79 38.12
N THR C 384 11.95 -25.61 37.10
CA THR C 384 11.72 -24.31 36.44
C THR C 384 10.31 -23.80 36.83
N PHE C 385 10.19 -22.50 37.07
CA PHE C 385 8.91 -21.82 37.39
C PHE C 385 8.49 -20.90 36.24
N TYR C 386 7.20 -20.92 35.90
CA TYR C 386 6.47 -19.84 35.18
C TYR C 386 5.30 -19.38 36.06
N LEU C 387 5.19 -18.09 36.29
CA LEU C 387 3.96 -17.44 36.83
C LEU C 387 3.12 -16.97 35.64
N SER C 388 2.02 -17.65 35.36
CA SER C 388 1.19 -17.43 34.16
C SER C 388 -0.11 -16.72 34.54
N GLN C 389 -0.44 -15.69 33.76
CA GLN C 389 -1.83 -15.13 33.67
C GLN C 389 -2.57 -15.98 32.63
N ALA C 390 -3.89 -16.05 32.70
CA ALA C 390 -4.71 -16.62 31.61
C ALA C 390 -4.45 -15.76 30.36
N ALA C 391 -4.03 -16.37 29.26
CA ALA C 391 -3.56 -15.65 28.05
C ALA C 391 -4.55 -15.82 26.89
N ASP C 392 -4.36 -14.98 25.86
CA ASP C 392 -5.05 -15.06 24.55
C ASP C 392 -4.74 -16.42 23.89
N GLY C 393 -5.69 -16.86 23.07
CA GLY C 393 -5.43 -17.90 22.06
C GLY C 393 -4.70 -17.32 20.84
N ALA C 394 -4.84 -18.05 19.73
CA ALA C 394 -4.29 -17.73 18.39
C ALA C 394 -4.61 -16.27 17.99
N LYS C 395 -3.57 -15.55 17.59
CA LYS C 395 -3.61 -14.12 17.21
C LYS C 395 -2.83 -13.93 15.90
N VAL C 396 -3.14 -12.84 15.21
CA VAL C 396 -2.55 -12.37 13.93
C VAL C 396 -2.14 -10.91 14.16
N LEU C 397 -0.92 -10.55 13.78
CA LEU C 397 -0.54 -9.13 13.62
C LEU C 397 0.03 -8.93 12.20
N CYS C 398 -0.56 -8.01 11.47
CA CYS C 398 -0.09 -7.67 10.11
C CYS C 398 1.17 -6.80 10.25
N LEU C 399 2.25 -7.19 9.58
CA LEU C 399 3.54 -6.45 9.62
C LEU C 399 3.63 -5.58 8.37
N GLN D 13 28.90 -2.24 -12.43
CA GLN D 13 28.38 -2.68 -11.11
C GLN D 13 27.81 -4.09 -11.24
N PRO D 14 26.54 -4.23 -11.67
CA PRO D 14 25.91 -5.56 -11.83
C PRO D 14 26.75 -6.54 -12.66
N GLN D 15 26.73 -7.82 -12.29
CA GLN D 15 27.41 -8.87 -13.08
C GLN D 15 26.33 -9.50 -13.96
N VAL D 16 26.73 -10.38 -14.87
CA VAL D 16 25.72 -11.07 -15.72
C VAL D 16 24.81 -11.90 -14.81
N ALA D 17 25.40 -12.58 -13.82
CA ALA D 17 24.59 -13.47 -12.96
C ALA D 17 23.60 -12.69 -12.11
N GLU D 18 24.05 -11.65 -11.40
CA GLU D 18 23.16 -10.90 -10.48
C GLU D 18 22.00 -10.37 -11.31
N LEU D 19 22.20 -10.27 -12.63
CA LEU D 19 21.20 -9.77 -13.59
C LEU D 19 20.29 -10.94 -14.01
N LEU D 20 20.88 -12.07 -14.37
CA LEU D 20 20.09 -13.23 -14.84
C LEU D 20 19.25 -13.74 -13.67
N ALA D 21 19.86 -13.82 -12.49
CA ALA D 21 19.15 -14.34 -11.30
C ALA D 21 17.98 -13.42 -10.96
N GLU D 22 18.19 -12.11 -10.98
CA GLU D 22 17.14 -11.16 -10.55
C GLU D 22 15.92 -11.38 -11.43
N ALA D 23 16.14 -11.65 -12.71
CA ALA D 23 14.99 -11.98 -13.56
C ALA D 23 14.56 -13.41 -13.22
N ARG D 25 14.35 -15.12 -10.38
CA ARG D 25 13.72 -14.65 -9.12
C ARG D 25 12.42 -13.91 -9.44
N ALA D 26 12.45 -13.01 -10.41
CA ALA D 26 11.26 -12.19 -10.70
C ALA D 26 10.39 -12.76 -11.81
N PHE D 27 10.82 -13.82 -12.50
CA PHE D 27 9.93 -14.26 -13.62
C PHE D 27 8.60 -14.75 -13.06
N ARG D 28 7.48 -14.38 -13.70
CA ARG D 28 6.11 -14.79 -13.27
C ARG D 28 6.01 -15.13 -11.77
N GLU D 34 10.36 -20.24 -12.34
CA GLU D 34 11.57 -20.62 -13.10
C GLU D 34 11.33 -20.40 -14.60
N PRO D 35 12.06 -19.46 -15.24
CA PRO D 35 11.95 -19.22 -16.68
C PRO D 35 12.60 -20.32 -17.53
N GLU D 36 12.21 -20.44 -18.80
CA GLU D 36 12.76 -21.48 -19.70
C GLU D 36 13.83 -20.98 -20.70
N LEU D 37 14.06 -19.66 -20.84
CA LEU D 37 14.97 -19.15 -21.91
C LEU D 37 15.58 -17.80 -21.56
N ALA D 38 16.91 -17.70 -21.47
CA ALA D 38 17.58 -16.43 -21.13
C ALA D 38 18.38 -15.91 -22.32
N VAL D 39 17.98 -14.77 -22.89
CA VAL D 39 18.76 -14.13 -23.98
C VAL D 39 19.36 -12.84 -23.43
N SER D 40 20.52 -12.43 -23.96
CA SER D 40 21.17 -11.18 -23.51
C SER D 40 21.67 -10.39 -24.72
N ALA D 41 21.64 -9.06 -24.63
CA ALA D 41 22.22 -8.21 -25.69
C ALA D 41 22.94 -7.08 -25.00
N PRO D 42 24.13 -6.67 -25.47
CA PRO D 42 24.86 -5.66 -24.76
C PRO D 42 24.82 -4.19 -25.16
N GLY D 43 25.03 -3.29 -24.22
CA GLY D 43 25.30 -1.89 -24.56
C GLY D 43 26.60 -1.78 -25.36
N ARG D 44 26.99 -0.58 -25.74
CA ARG D 44 28.16 -0.36 -26.64
C ARG D 44 28.74 1.01 -26.37
N VAL D 45 30.04 1.14 -26.64
CA VAL D 45 30.73 2.45 -26.66
C VAL D 45 31.46 2.57 -28.01
N ASN D 46 31.31 3.71 -28.67
CA ASN D 46 32.10 4.07 -29.87
CA ASN D 46 32.10 4.07 -29.87
C ASN D 46 33.48 4.54 -29.40
N LEU D 47 34.52 3.81 -29.73
CA LEU D 47 35.92 4.24 -29.40
C LEU D 47 36.29 5.46 -30.24
N ILE D 48 35.96 5.46 -31.54
CA ILE D 48 36.29 6.55 -32.51
C ILE D 48 35.42 6.37 -33.78
N GLY D 49 35.21 7.42 -34.57
CA GLY D 49 34.37 7.35 -35.78
C GLY D 49 32.96 7.79 -35.48
N GLU D 50 32.80 8.86 -34.73
CA GLU D 50 31.45 9.25 -34.23
C GLU D 50 30.40 9.62 -35.27
N HIS D 51 30.68 10.58 -36.13
CA HIS D 51 29.62 11.07 -37.01
C HIS D 51 30.03 10.86 -38.46
N THR D 52 30.68 9.75 -38.73
CA THR D 52 31.14 9.43 -40.09
C THR D 52 30.22 8.38 -40.70
N ASP D 53 29.32 7.83 -39.90
CA ASP D 53 28.51 6.68 -40.38
C ASP D 53 27.43 7.15 -41.37
N TYR D 54 26.93 8.39 -41.25
CA TYR D 54 26.02 9.01 -42.26
C TYR D 54 26.81 9.43 -43.50
N ASN D 55 28.16 9.47 -43.42
CA ASN D 55 29.07 9.95 -44.51
C ASN D 55 29.93 8.81 -45.05
N GLN D 56 29.43 7.56 -45.02
CA GLN D 56 30.12 6.37 -45.59
C GLN D 56 31.49 6.22 -44.93
N GLY D 57 31.53 6.41 -43.61
CA GLY D 57 32.78 6.48 -42.84
C GLY D 57 33.16 5.13 -42.27
N LEU D 58 34.01 5.17 -41.26
CA LEU D 58 34.57 4.03 -40.51
C LEU D 58 34.22 4.24 -39.04
N VAL D 59 33.71 3.23 -38.36
CA VAL D 59 33.37 3.31 -36.91
C VAL D 59 34.08 2.15 -36.22
N LEU D 60 34.49 2.36 -34.98
CA LEU D 60 35.26 1.38 -34.19
C LEU D 60 34.57 1.24 -32.83
N PRO D 61 33.39 0.58 -32.76
CA PRO D 61 32.75 0.34 -31.46
C PRO D 61 33.21 -0.95 -30.77
N MET D 62 32.99 -1.04 -29.46
CA MET D 62 33.07 -2.34 -28.76
C MET D 62 31.85 -2.50 -27.84
N ALA D 63 31.36 -3.73 -27.76
CA ALA D 63 30.21 -4.09 -26.89
C ALA D 63 30.69 -3.94 -25.45
N LEU D 64 29.83 -3.40 -24.59
CA LEU D 64 30.22 -3.15 -23.19
C LEU D 64 29.69 -4.27 -22.29
N GLU D 65 30.26 -4.42 -21.10
CA GLU D 65 29.81 -5.45 -20.13
C GLU D 65 28.39 -5.14 -19.62
N LEU D 66 27.97 -3.88 -19.67
CA LEU D 66 26.57 -3.51 -19.34
C LEU D 66 25.67 -4.15 -20.38
N MET D 67 24.48 -4.63 -19.97
CA MET D 67 23.64 -5.39 -20.92
C MET D 67 22.16 -5.48 -20.57
N THR D 68 21.31 -5.82 -21.55
CA THR D 68 19.86 -6.07 -21.39
C THR D 68 19.65 -7.59 -21.43
N VAL D 69 18.71 -8.09 -20.61
CA VAL D 69 18.48 -9.56 -20.46
C VAL D 69 16.98 -9.87 -20.51
N LEU D 70 16.52 -10.58 -21.53
CA LEU D 70 15.12 -11.03 -21.54
C LEU D 70 15.08 -12.46 -21.02
N VAL D 71 14.61 -12.66 -19.79
CA VAL D 71 14.45 -14.03 -19.22
C VAL D 71 12.96 -14.33 -19.30
N GLY D 72 12.60 -15.37 -20.05
CA GLY D 72 11.18 -15.61 -20.31
C GLY D 72 10.84 -17.01 -20.78
N SER D 73 9.55 -17.24 -21.06
CA SER D 73 9.08 -18.57 -21.52
C SER D 73 8.05 -18.38 -22.64
N PRO D 74 7.85 -19.37 -23.52
CA PRO D 74 6.95 -19.19 -24.65
C PRO D 74 5.47 -19.07 -24.24
N LYS D 76 -0.05 -20.72 -22.94
CA LYS D 76 -0.26 -20.41 -24.38
C LYS D 76 -1.40 -19.41 -24.50
N ASP D 77 -1.29 -18.29 -23.80
CA ASP D 77 -2.37 -17.27 -23.75
C ASP D 77 -2.64 -16.72 -25.15
N GLY D 78 -1.66 -16.79 -26.05
CA GLY D 78 -1.81 -16.24 -27.41
C GLY D 78 -1.49 -14.76 -27.41
N LEU D 79 -0.99 -14.26 -26.29
CA LEU D 79 -0.71 -12.81 -26.16
C LEU D 79 0.73 -12.58 -25.67
N VAL D 80 1.24 -11.36 -25.83
CA VAL D 80 2.58 -10.98 -25.30
C VAL D 80 2.40 -10.30 -23.93
N SER D 81 3.03 -10.82 -22.87
CA SER D 81 2.98 -10.26 -21.50
C SER D 81 4.41 -10.03 -20.99
N LEU D 82 4.79 -8.76 -20.77
CA LEU D 82 6.16 -8.35 -20.31
C LEU D 82 6.09 -7.77 -18.89
N LEU D 83 7.21 -7.82 -18.16
CA LEU D 83 7.42 -7.14 -16.84
C LEU D 83 8.89 -6.73 -16.70
N THR D 84 9.17 -5.41 -16.69
CA THR D 84 10.53 -4.85 -16.50
C THR D 84 10.75 -4.56 -15.00
N THR D 85 12.01 -4.34 -14.59
CA THR D 85 12.43 -4.00 -13.20
C THR D 85 13.93 -3.67 -13.18
N GLN D 93 5.51 -1.15 -14.51
CA GLN D 93 6.49 -2.26 -14.45
C GLN D 93 5.84 -3.51 -15.03
N ARG D 94 4.72 -3.35 -15.73
CA ARG D 94 4.00 -4.54 -16.27
C ARG D 94 3.16 -4.14 -17.46
N LEU D 95 2.92 -5.08 -18.38
CA LEU D 95 2.01 -4.80 -19.50
C LEU D 95 1.65 -6.13 -20.18
N GLN D 96 0.55 -6.16 -20.93
CA GLN D 96 0.17 -7.37 -21.68
C GLN D 96 -0.40 -6.89 -23.01
N PHE D 97 -0.39 -7.73 -24.04
CA PHE D 97 -0.81 -7.22 -25.37
C PHE D 97 -1.13 -8.34 -26.35
N PRO D 98 -2.19 -8.18 -27.16
CA PRO D 98 -2.46 -9.17 -28.22
C PRO D 98 -1.35 -9.14 -29.30
N LEU D 99 -1.43 -10.02 -30.31
CA LEU D 99 -0.43 -10.15 -31.41
C LEU D 99 -1.00 -9.63 -32.73
N PRO D 100 -0.16 -9.21 -33.71
CA PRO D 100 -0.64 -8.55 -34.93
C PRO D 100 -1.22 -9.51 -35.98
N THR D 101 -2.35 -9.14 -36.59
CA THR D 101 -3.17 -9.95 -37.54
C THR D 101 -3.51 -9.11 -38.78
N SER D 105 -2.11 -3.87 -37.60
CA SER D 105 -0.75 -3.56 -37.09
C SER D 105 -0.80 -3.32 -35.58
N LEU D 106 0.36 -2.99 -34.99
CA LEU D 106 0.52 -2.67 -33.55
C LEU D 106 0.86 -1.19 -33.40
N GLU D 107 0.11 -0.46 -32.57
CA GLU D 107 0.27 1.01 -32.33
C GLU D 107 1.20 1.23 -31.13
N PRO D 108 2.26 2.05 -31.25
CA PRO D 108 3.16 2.31 -30.14
C PRO D 108 2.49 3.15 -29.03
N GLY D 109 2.11 2.49 -27.93
CA GLY D 109 1.38 3.06 -26.78
C GLY D 109 2.31 3.50 -25.66
N THR D 110 1.98 3.13 -24.42
CA THR D 110 2.71 3.51 -23.16
C THR D 110 3.41 2.29 -22.57
N ARG D 112 6.40 3.22 -23.83
CA ARG D 112 7.69 3.69 -24.40
C ARG D 112 8.64 2.51 -24.54
N TRP D 113 8.97 1.85 -23.43
CA TRP D 113 9.90 0.69 -23.48
C TRP D 113 9.27 -0.36 -24.38
N ALA D 114 7.96 -0.56 -24.25
CA ALA D 114 7.27 -1.61 -25.02
C ALA D 114 7.36 -1.29 -26.50
N ASN D 115 7.50 -0.01 -26.85
CA ASN D 115 7.46 0.37 -28.29
C ASN D 115 8.57 -0.38 -29.03
N TYR D 116 9.74 -0.51 -28.41
CA TYR D 116 10.86 -1.25 -29.04
C TYR D 116 10.47 -2.72 -29.15
N VAL D 117 10.10 -3.34 -28.02
CA VAL D 117 9.71 -4.79 -28.00
C VAL D 117 8.60 -5.01 -29.03
N LYS D 118 7.59 -4.12 -29.03
CA LYS D 118 6.38 -4.19 -29.90
C LYS D 118 6.77 -3.97 -31.36
N GLY D 119 7.66 -2.99 -31.62
CA GLY D 119 8.24 -2.74 -32.95
C GLY D 119 8.79 -4.01 -33.57
N VAL D 120 9.65 -4.73 -32.84
CA VAL D 120 10.39 -5.94 -33.32
C VAL D 120 9.37 -7.00 -33.78
N ILE D 121 8.26 -7.15 -33.06
CA ILE D 121 7.20 -8.15 -33.39
C ILE D 121 6.59 -7.79 -34.74
N GLN D 122 6.19 -6.53 -34.93
CA GLN D 122 5.42 -6.04 -36.11
C GLN D 122 6.22 -6.30 -37.40
N TYR D 123 7.56 -6.33 -37.31
CA TYR D 123 8.46 -6.49 -38.48
C TYR D 123 9.26 -7.80 -38.39
N TYR D 124 8.96 -8.67 -37.42
CA TYR D 124 9.64 -10.00 -37.36
C TYR D 124 9.28 -10.82 -38.59
N PRO D 125 10.24 -11.31 -39.41
CA PRO D 125 9.87 -11.97 -40.66
C PRO D 125 9.38 -13.43 -40.61
N ALA D 126 9.93 -14.24 -39.69
CA ALA D 126 9.65 -15.70 -39.69
C ALA D 126 8.19 -16.06 -39.36
N ALA D 127 7.70 -17.16 -39.94
CA ALA D 127 6.34 -17.66 -39.62
C ALA D 127 6.47 -19.10 -39.13
N PRO D 128 5.94 -19.51 -37.95
CA PRO D 128 4.83 -18.83 -37.28
C PRO D 128 5.17 -17.62 -36.40
N LEU D 129 4.43 -17.42 -35.31
CA LEU D 129 4.61 -16.20 -34.49
C LEU D 129 4.05 -16.47 -33.10
N PRO D 130 4.64 -17.33 -32.28
CA PRO D 130 4.03 -17.61 -31.00
C PRO D 130 3.92 -16.39 -30.08
N GLY D 131 3.05 -16.47 -29.08
CA GLY D 131 2.98 -15.42 -28.05
C GLY D 131 3.91 -15.82 -26.93
N PHE D 132 4.12 -14.97 -25.94
CA PHE D 132 5.12 -15.34 -24.93
C PHE D 132 5.03 -14.48 -23.69
N SER D 133 5.71 -14.89 -22.64
CA SER D 133 5.81 -14.05 -21.43
C SER D 133 7.30 -13.68 -21.30
N ALA D 134 7.62 -12.42 -20.95
CA ALA D 134 9.05 -12.11 -20.78
C ALA D 134 9.31 -11.16 -19.63
N VAL D 135 10.50 -11.23 -19.03
CA VAL D 135 10.92 -10.22 -18.01
C VAL D 135 12.12 -9.48 -18.63
N VAL D 136 12.38 -8.21 -18.26
CA VAL D 136 13.47 -7.39 -18.84
C VAL D 136 14.24 -6.73 -17.69
N VAL D 137 15.54 -7.00 -17.63
CA VAL D 137 16.53 -6.37 -16.71
C VAL D 137 17.59 -5.69 -17.60
N SER D 138 18.30 -4.70 -17.07
CA SER D 138 19.35 -3.95 -17.80
C SER D 138 20.28 -3.25 -16.81
N SER D 139 21.58 -3.29 -17.11
CA SER D 139 22.65 -2.55 -16.41
C SER D 139 23.10 -1.38 -17.32
N VAL D 140 22.40 -1.18 -18.44
CA VAL D 140 22.68 -0.09 -19.42
C VAL D 140 21.92 1.15 -18.95
N PRO D 141 22.59 2.27 -18.62
CA PRO D 141 21.90 3.44 -18.08
C PRO D 141 21.10 4.09 -19.21
N LEU D 142 19.82 4.38 -18.98
CA LEU D 142 18.97 5.20 -19.88
C LEU D 142 19.62 6.58 -20.03
N GLY D 143 19.74 7.08 -21.26
CA GLY D 143 20.14 8.48 -21.55
C GLY D 143 21.65 8.68 -21.53
N GLY D 144 22.43 7.61 -21.45
CA GLY D 144 23.91 7.73 -21.38
C GLY D 144 24.58 7.54 -22.71
N GLY D 145 23.80 7.32 -23.76
CA GLY D 145 24.36 7.08 -25.11
C GLY D 145 25.09 5.77 -25.20
N LEU D 146 24.71 4.80 -24.38
CA LEU D 146 25.41 3.50 -24.35
C LEU D 146 24.54 2.43 -25.02
N SER D 147 23.66 2.85 -25.94
CA SER D 147 22.78 1.94 -26.71
C SER D 147 21.79 1.12 -25.87
N SER D 148 21.08 1.77 -24.96
CA SER D 148 20.04 1.09 -24.16
C SER D 148 18.93 0.55 -25.06
N SER D 149 18.49 1.34 -26.02
CA SER D 149 17.40 0.93 -26.94
C SER D 149 17.85 -0.22 -27.83
N ALA D 150 18.99 -0.07 -28.49
CA ALA D 150 19.55 -1.09 -29.40
C ALA D 150 19.77 -2.41 -28.65
N SER D 151 20.31 -2.37 -27.42
CA SER D 151 20.50 -3.59 -26.60
C SER D 151 19.13 -4.21 -26.30
N LEU D 152 18.13 -3.39 -25.96
CA LEU D 152 16.74 -3.84 -25.65
C LEU D 152 16.12 -4.45 -26.91
N GLU D 153 16.19 -3.74 -28.04
CA GLU D 153 15.75 -4.20 -29.39
C GLU D 153 16.36 -5.57 -29.72
N VAL D 154 17.66 -5.75 -29.51
CA VAL D 154 18.42 -6.91 -30.05
C VAL D 154 18.15 -8.15 -29.19
N ALA D 155 18.24 -8.00 -27.86
CA ALA D 155 17.81 -9.00 -26.86
C ALA D 155 16.42 -9.53 -27.23
N THR D 156 15.50 -8.61 -27.55
CA THR D 156 14.07 -8.91 -27.91
C THR D 156 14.04 -9.79 -29.17
N TYR D 157 14.74 -9.33 -30.22
CA TYR D 157 14.84 -10.02 -31.54
C TYR D 157 15.43 -11.43 -31.34
N THR D 158 16.35 -11.56 -30.36
CA THR D 158 17.13 -12.79 -30.10
C THR D 158 16.23 -13.79 -29.37
N PHE D 159 15.46 -13.31 -28.39
CA PHE D 159 14.39 -14.08 -27.68
C PHE D 159 13.44 -14.69 -28.73
N LEU D 160 12.87 -13.82 -29.59
CA LEU D 160 11.95 -14.20 -30.70
C LEU D 160 12.56 -15.32 -31.54
N GLN D 161 13.85 -15.21 -31.89
CA GLN D 161 14.55 -16.23 -32.75
C GLN D 161 14.35 -17.67 -32.13
N GLN D 162 14.52 -17.69 -30.75
CA GLN D 162 14.29 -18.90 -29.91
C GLN D 162 12.83 -19.35 -30.07
N LEU D 163 11.88 -18.41 -29.98
CA LEU D 163 10.42 -18.70 -30.08
C LEU D 163 10.03 -19.10 -31.51
N CYS D 164 10.77 -18.65 -32.54
CA CYS D 164 10.47 -18.95 -33.98
C CYS D 164 11.66 -18.54 -34.87
N PRO D 165 12.48 -19.51 -35.35
CA PRO D 165 13.71 -19.19 -36.10
C PRO D 165 13.53 -18.62 -37.52
N ASP D 166 14.31 -17.58 -37.86
CA ASP D 166 14.31 -16.86 -39.16
C ASP D 166 15.27 -17.54 -40.13
N SER D 167 15.22 -17.19 -41.41
CA SER D 167 16.21 -17.61 -42.44
C SER D 167 17.18 -16.45 -42.72
N GLY D 168 16.93 -15.30 -42.08
CA GLY D 168 17.54 -13.99 -42.40
C GLY D 168 19.02 -13.95 -42.16
N THR D 169 19.63 -12.81 -42.48
CA THR D 169 21.10 -12.54 -42.39
C THR D 169 21.33 -11.54 -41.26
N ILE D 170 22.59 -11.35 -40.84
CA ILE D 170 22.96 -10.32 -39.81
C ILE D 170 22.28 -9.01 -40.22
N ALA D 171 22.57 -8.53 -41.43
CA ALA D 171 22.13 -7.22 -42.00
C ALA D 171 20.60 -7.07 -41.95
N ALA D 172 19.84 -8.06 -42.44
CA ALA D 172 18.36 -8.07 -42.45
C ALA D 172 17.81 -7.95 -41.02
N ARG D 173 18.45 -8.57 -40.02
CA ARG D 173 18.04 -8.54 -38.59
C ARG D 173 18.18 -7.11 -38.05
N ALA D 174 19.26 -6.42 -38.41
CA ALA D 174 19.52 -5.00 -38.07
C ALA D 174 18.52 -4.11 -38.85
N GLN D 175 18.15 -4.50 -40.07
CA GLN D 175 17.10 -3.82 -40.87
C GLN D 175 15.78 -3.85 -40.08
N VAL D 176 15.32 -5.03 -39.66
CA VAL D 176 14.03 -5.23 -38.92
C VAL D 176 14.09 -4.44 -37.60
N CYS D 177 15.28 -4.29 -37.00
CA CYS D 177 15.50 -3.60 -35.69
C CYS D 177 15.48 -2.07 -35.86
N GLN D 178 16.14 -1.54 -36.89
CA GLN D 178 16.22 -0.06 -37.06
C GLN D 178 14.90 0.45 -37.62
N GLN D 179 14.21 -0.37 -38.41
CA GLN D 179 12.88 0.04 -38.92
C GLN D 179 11.95 0.19 -37.73
N ALA D 180 12.07 -0.70 -36.74
CA ALA D 180 11.17 -0.64 -35.58
C ALA D 180 11.36 0.69 -34.86
N GLU D 181 12.61 1.12 -34.67
CA GLU D 181 12.85 2.37 -33.92
C GLU D 181 12.31 3.58 -34.70
N HIS D 182 12.52 3.59 -36.03
CA HIS D 182 12.13 4.77 -36.84
C HIS D 182 10.67 4.68 -37.29
N SER D 183 9.98 3.58 -36.98
CA SER D 183 8.53 3.46 -37.30
C SER D 183 7.75 3.38 -35.99
N PHE D 184 8.42 3.04 -34.89
CA PHE D 184 7.78 3.05 -33.54
C PHE D 184 8.60 3.95 -32.62
N MET D 192 24.63 1.55 -36.98
CA MET D 192 25.75 0.78 -36.39
C MET D 192 25.26 0.02 -35.14
N ASP D 193 24.19 0.48 -34.49
CA ASP D 193 23.97 0.24 -33.05
C ASP D 193 23.38 -1.15 -32.82
N GLN D 194 22.61 -1.65 -33.80
CA GLN D 194 22.11 -3.05 -33.90
C GLN D 194 23.26 -4.00 -34.27
N PHE D 195 24.05 -3.65 -35.30
CA PHE D 195 25.24 -4.41 -35.76
C PHE D 195 26.13 -4.76 -34.56
N ILE D 196 26.51 -3.78 -33.74
CA ILE D 196 27.55 -3.97 -32.68
C ILE D 196 26.95 -4.89 -31.61
N SER D 197 25.70 -4.64 -31.23
CA SER D 197 25.01 -5.41 -30.17
C SER D 197 24.89 -6.87 -30.63
N LEU D 198 24.53 -7.11 -31.91
CA LEU D 198 24.48 -8.45 -32.56
C LEU D 198 25.87 -9.11 -32.61
N MET D 199 26.93 -8.32 -32.84
CA MET D 199 28.17 -8.81 -33.50
C MET D 199 29.38 -8.72 -32.57
N GLY D 200 29.27 -8.07 -31.43
CA GLY D 200 30.35 -7.96 -30.44
C GLY D 200 30.92 -9.33 -30.10
N GLN D 201 32.21 -9.39 -29.79
CA GLN D 201 32.84 -10.58 -29.19
C GLN D 201 33.75 -10.09 -28.06
N LYS D 202 33.74 -10.82 -26.94
CA LYS D 202 34.72 -10.66 -25.84
C LYS D 202 36.11 -10.41 -26.42
N GLY D 203 36.77 -9.34 -25.97
CA GLY D 203 38.20 -9.07 -26.21
C GLY D 203 38.49 -8.63 -27.64
N HIS D 204 37.54 -7.99 -28.30
CA HIS D 204 37.56 -7.57 -29.71
C HIS D 204 36.81 -6.27 -29.88
N ALA D 205 37.32 -5.41 -30.76
CA ALA D 205 36.59 -4.25 -31.29
C ALA D 205 36.05 -4.63 -32.67
N LEU D 206 35.03 -3.92 -33.09
CA LEU D 206 34.40 -4.09 -34.42
C LEU D 206 34.81 -2.88 -35.26
N LEU D 207 35.55 -3.10 -36.35
CA LEU D 207 35.78 -2.07 -37.38
C LEU D 207 34.68 -2.21 -38.42
N ILE D 208 33.82 -1.20 -38.52
CA ILE D 208 32.72 -1.16 -39.52
C ILE D 208 33.00 -0.07 -40.55
N ASP D 209 33.17 -0.49 -41.80
CA ASP D 209 33.27 0.36 -43.00
C ASP D 209 31.87 0.53 -43.58
N CYS D 210 31.31 1.74 -43.45
CA CYS D 210 29.93 2.12 -43.83
C CYS D 210 29.82 2.43 -45.34
N ARG D 211 30.87 2.15 -46.12
CA ARG D 211 30.79 2.16 -47.60
C ARG D 211 30.62 0.72 -48.09
N SER D 212 31.62 -0.14 -47.84
CA SER D 212 31.68 -1.54 -48.33
C SER D 212 30.89 -2.45 -47.40
N LEU D 213 30.52 -1.96 -46.21
CA LEU D 213 29.81 -2.73 -45.16
C LEU D 213 30.65 -3.93 -44.72
N GLU D 214 31.94 -3.95 -45.05
CA GLU D 214 32.92 -4.88 -44.43
C GLU D 214 32.95 -4.58 -42.93
N THR D 215 33.04 -5.64 -42.13
CA THR D 215 33.29 -5.58 -40.68
C THR D 215 34.49 -6.47 -40.41
N SER D 216 35.32 -6.07 -39.46
CA SER D 216 36.43 -6.87 -38.93
C SER D 216 36.29 -6.98 -37.42
N LEU D 217 36.57 -8.15 -36.87
CA LEU D 217 36.74 -8.33 -35.43
C LEU D 217 38.23 -8.22 -35.17
N VAL D 218 38.62 -7.18 -34.46
CA VAL D 218 40.04 -6.86 -34.14
C VAL D 218 40.31 -7.26 -32.69
N PRO D 219 41.22 -8.24 -32.44
CA PRO D 219 41.59 -8.62 -31.08
C PRO D 219 42.21 -7.46 -30.30
N LEU D 220 41.72 -7.26 -29.08
CA LEU D 220 42.28 -6.37 -28.03
C LEU D 220 43.22 -7.24 -27.19
N SER D 221 44.53 -7.12 -27.41
CA SER D 221 45.54 -8.18 -27.11
C SER D 221 46.25 -7.98 -25.76
N ASP D 222 45.91 -6.91 -25.00
CA ASP D 222 46.58 -6.53 -23.74
C ASP D 222 45.57 -6.57 -22.60
N PRO D 223 45.63 -7.57 -21.70
CA PRO D 223 44.64 -7.71 -20.65
C PRO D 223 44.83 -6.70 -19.51
N LYS D 224 45.95 -5.98 -19.46
CA LYS D 224 46.21 -4.89 -18.49
C LYS D 224 45.31 -3.67 -18.79
N LEU D 225 44.89 -3.47 -20.04
CA LEU D 225 44.14 -2.27 -20.51
C LEU D 225 42.65 -2.45 -20.22
N ALA D 226 41.96 -1.34 -19.96
CA ALA D 226 40.48 -1.29 -19.98
C ALA D 226 39.97 0.06 -20.49
N VAL D 227 38.65 0.15 -20.55
CA VAL D 227 37.86 1.34 -20.97
C VAL D 227 37.04 1.81 -19.78
N LEU D 228 37.25 3.07 -19.40
CA LEU D 228 36.50 3.81 -18.37
C LEU D 228 35.43 4.63 -19.10
N ILE D 229 34.15 4.34 -18.86
CA ILE D 229 33.06 5.19 -19.34
C ILE D 229 32.79 6.17 -18.22
N THR D 230 32.82 7.48 -18.49
CA THR D 230 32.46 8.54 -17.50
C THR D 230 31.22 9.23 -18.02
N ASN D 231 30.12 9.14 -17.28
CA ASN D 231 28.85 9.85 -17.58
C ASN D 231 28.88 11.24 -16.94
N SER D 232 28.73 12.29 -17.75
CA SER D 232 28.67 13.72 -17.31
C SER D 232 27.38 13.97 -16.54
N ASN D 233 26.36 13.14 -16.77
CA ASN D 233 25.00 13.27 -16.16
C ASN D 233 24.36 14.61 -16.58
N VAL D 234 24.81 15.19 -17.69
CA VAL D 234 24.18 16.38 -18.30
C VAL D 234 23.76 16.02 -19.74
N ARG D 235 22.71 16.66 -20.23
CA ARG D 235 22.29 16.65 -21.65
C ARG D 235 21.68 18.01 -21.99
N HIS D 236 22.37 18.81 -22.80
CA HIS D 236 22.08 20.26 -23.00
C HIS D 236 21.26 20.54 -24.25
N SER D 237 21.00 19.54 -25.10
CA SER D 237 20.28 19.76 -26.39
C SER D 237 19.67 18.48 -26.92
N LEU D 238 18.56 18.63 -27.66
CA LEU D 238 18.00 17.65 -28.64
C LEU D 238 19.08 17.27 -29.68
N ALA D 239 19.11 16.01 -30.09
CA ALA D 239 19.99 15.61 -31.21
C ALA D 239 19.27 16.06 -32.49
N SER D 240 17.95 16.23 -32.44
CA SER D 240 17.16 16.73 -33.59
C SER D 240 17.53 18.18 -33.89
N SER D 241 17.96 18.90 -32.85
CA SER D 241 18.33 20.33 -33.02
C SER D 241 19.81 20.44 -33.44
N GLU D 242 20.51 19.31 -33.61
CA GLU D 242 21.97 19.39 -33.89
C GLU D 242 22.44 18.56 -35.10
N TYR D 243 22.08 17.28 -35.18
CA TYR D 243 22.55 16.38 -36.26
C TYR D 243 22.01 16.68 -37.68
N PRO D 244 20.73 17.03 -37.92
CA PRO D 244 20.24 17.27 -39.28
C PRO D 244 20.96 18.44 -39.97
N VAL D 245 21.07 19.56 -39.27
CA VAL D 245 21.76 20.77 -39.79
C VAL D 245 23.22 20.41 -40.12
N ARG D 246 23.86 19.53 -39.36
CA ARG D 246 25.26 19.12 -39.64
C ARG D 246 25.31 18.12 -40.79
N ARG D 247 24.37 17.17 -40.87
CA ARG D 247 24.31 16.20 -42.00
C ARG D 247 24.08 16.98 -43.32
N ARG D 248 23.33 18.08 -43.27
CA ARG D 248 23.08 18.96 -44.46
C ARG D 248 24.38 19.70 -44.79
N GLN D 249 25.03 20.32 -43.80
CA GLN D 249 26.27 21.11 -44.03
C GLN D 249 27.32 20.17 -44.65
N CYS D 250 27.39 18.91 -44.20
CA CYS D 250 28.33 17.90 -44.74
C CYS D 250 27.99 17.59 -46.19
N GLU D 251 26.71 17.37 -46.50
CA GLU D 251 26.22 16.93 -47.83
C GLU D 251 26.55 18.01 -48.88
N GLU D 252 26.60 19.28 -48.46
CA GLU D 252 26.84 20.44 -49.34
C GLU D 252 28.34 20.69 -49.53
N VAL D 253 29.16 20.45 -48.51
CA VAL D 253 30.63 20.57 -48.71
C VAL D 253 31.02 19.54 -49.76
N ALA D 254 30.41 18.37 -49.68
CA ALA D 254 30.68 17.33 -50.68
C ALA D 254 30.24 17.84 -52.05
N ARG D 255 29.10 18.55 -52.14
CA ARG D 255 28.58 19.09 -53.43
C ARG D 255 29.48 20.18 -54.00
N ALA D 256 30.00 21.07 -53.16
CA ALA D 256 30.92 22.12 -53.63
C ALA D 256 32.15 21.45 -54.20
N LEU D 257 32.60 20.38 -53.56
CA LEU D 257 33.68 19.55 -54.11
C LEU D 257 32.93 18.61 -55.05
N GLY D 258 33.53 17.60 -55.65
CA GLY D 258 32.74 16.81 -56.61
C GLY D 258 32.31 15.48 -56.06
N ALA D 259 32.33 15.31 -54.75
CA ALA D 259 32.10 13.97 -54.18
C ALA D 259 30.65 13.68 -53.84
N ALA D 260 30.30 12.40 -53.86
CA ALA D 260 28.96 11.99 -53.41
C ALA D 260 28.95 12.02 -51.87
N SER D 261 30.02 11.54 -51.23
CA SER D 261 30.14 11.48 -49.74
C SER D 261 31.47 12.07 -49.29
N LEU D 262 31.59 12.37 -48.00
CA LEU D 262 32.85 12.91 -47.43
C LEU D 262 33.91 11.82 -47.40
N ARG D 263 33.54 10.55 -47.60
CA ARG D 263 34.53 9.44 -47.71
C ARG D 263 35.38 9.59 -48.97
N GLU D 264 34.85 10.21 -50.02
CA GLU D 264 35.56 10.36 -51.33
C GLU D 264 36.34 11.66 -51.32
N VAL D 265 36.25 12.45 -50.25
CA VAL D 265 37.05 13.69 -50.05
C VAL D 265 38.32 13.37 -49.25
N GLN D 266 39.50 13.78 -49.75
CA GLN D 266 40.78 13.72 -49.00
C GLN D 266 40.91 15.01 -48.16
N LEU D 267 41.48 14.92 -46.95
CA LEU D 267 41.67 16.06 -46.01
C LEU D 267 42.39 17.25 -46.70
N GLU D 268 43.46 16.97 -47.47
CA GLU D 268 44.38 18.02 -48.00
C GLU D 268 43.58 18.87 -49.02
N GLU D 269 42.92 18.15 -49.94
CA GLU D 269 41.89 18.65 -50.89
C GLU D 269 40.88 19.54 -50.14
N LEU D 270 40.21 19.03 -49.11
CA LEU D 270 39.21 19.83 -48.36
C LEU D 270 39.83 21.14 -47.84
N GLU D 271 41.01 21.09 -47.22
CA GLU D 271 41.67 22.27 -46.58
C GLU D 271 42.09 23.33 -47.62
N ALA D 272 42.06 22.98 -48.92
CA ALA D 272 42.40 23.86 -50.05
C ALA D 272 41.12 24.32 -50.76
N ALA D 273 39.95 24.03 -50.19
CA ALA D 273 38.63 24.36 -50.81
C ALA D 273 37.81 25.31 -49.92
N ARG D 274 38.52 26.08 -49.05
CA ARG D 274 37.90 26.92 -47.98
C ARG D 274 36.93 27.94 -48.57
N ASP D 275 37.26 28.59 -49.69
CA ASP D 275 36.32 29.62 -50.23
C ASP D 275 35.34 28.98 -51.23
N LEU D 276 35.28 27.65 -51.28
CA LEU D 276 34.26 26.90 -52.06
C LEU D 276 33.00 26.60 -51.21
N VAL D 277 33.05 26.84 -49.88
CA VAL D 277 32.00 26.43 -48.87
C VAL D 277 32.01 27.38 -47.67
N SER D 278 30.89 27.42 -46.92
CA SER D 278 30.73 28.26 -45.70
C SER D 278 31.80 27.91 -44.65
N LYS D 279 32.04 28.87 -43.74
CA LYS D 279 33.01 28.74 -42.61
C LYS D 279 32.54 27.62 -41.65
N GLU D 280 31.24 27.53 -41.37
CA GLU D 280 30.68 26.48 -40.46
C GLU D 280 30.76 25.12 -41.16
N GLY D 281 30.26 25.02 -42.39
CA GLY D 281 30.21 23.77 -43.17
C GLY D 281 31.61 23.16 -43.29
N PHE D 282 32.62 24.02 -43.43
CA PHE D 282 34.04 23.63 -43.60
C PHE D 282 34.50 22.89 -42.34
N ARG D 283 34.25 23.50 -41.18
CA ARG D 283 34.59 22.93 -39.87
C ARG D 283 33.88 21.56 -39.73
N ARG D 284 32.60 21.48 -40.09
CA ARG D 284 31.81 20.23 -39.88
C ARG D 284 32.40 19.12 -40.76
N ALA D 285 32.66 19.42 -42.02
CA ALA D 285 33.20 18.45 -43.01
C ALA D 285 34.63 18.06 -42.59
N ARG D 286 35.39 19.02 -42.05
CA ARG D 286 36.80 18.73 -41.66
C ARG D 286 36.80 17.70 -40.52
N HIS D 287 35.87 17.80 -39.58
CA HIS D 287 35.75 16.79 -38.50
C HIS D 287 35.58 15.42 -39.16
N VAL D 288 34.61 15.29 -40.04
CA VAL D 288 34.24 13.97 -40.65
C VAL D 288 35.44 13.41 -41.42
N VAL D 289 35.99 14.19 -42.38
CA VAL D 289 37.11 13.72 -43.24
C VAL D 289 38.29 13.35 -42.34
N GLY D 290 38.60 14.19 -41.35
CA GLY D 290 39.65 13.92 -40.37
C GLY D 290 39.36 12.65 -39.58
N GLU D 291 38.13 12.50 -39.10
CA GLU D 291 37.69 11.34 -38.27
C GLU D 291 37.84 10.05 -39.09
N ILE D 292 37.46 10.05 -40.35
CA ILE D 292 37.60 8.82 -41.20
C ILE D 292 39.08 8.41 -41.22
N ARG D 293 39.98 9.37 -41.48
CA ARG D 293 41.44 9.11 -41.49
C ARG D 293 41.86 8.58 -40.11
N ARG D 294 41.49 9.25 -39.03
CA ARG D 294 41.91 8.89 -37.64
C ARG D 294 41.46 7.46 -37.34
N THR D 295 40.27 7.08 -37.82
CA THR D 295 39.65 5.76 -37.50
C THR D 295 40.44 4.68 -38.22
N ALA D 296 40.88 4.92 -39.45
CA ALA D 296 41.72 3.97 -40.21
C ALA D 296 43.06 3.80 -39.51
N GLN D 297 43.61 4.91 -38.98
CA GLN D 297 44.90 4.91 -38.23
C GLN D 297 44.70 4.25 -36.84
N ALA D 298 43.56 4.49 -36.20
CA ALA D 298 43.21 3.84 -34.91
C ALA D 298 43.20 2.31 -35.11
N ALA D 299 42.59 1.84 -36.20
CA ALA D 299 42.48 0.39 -36.47
C ALA D 299 43.87 -0.21 -36.65
N ALA D 300 44.74 0.48 -37.40
CA ALA D 300 46.12 0.04 -37.72
C ALA D 300 46.93 0.00 -36.41
N ALA D 301 46.77 1.00 -35.56
CA ALA D 301 47.38 1.05 -34.21
C ALA D 301 46.94 -0.16 -33.40
N LEU D 302 45.65 -0.49 -33.42
CA LEU D 302 45.10 -1.72 -32.78
C LEU D 302 45.87 -2.94 -33.29
N ARG D 303 46.02 -3.09 -34.62
CA ARG D 303 46.68 -4.28 -35.24
C ARG D 303 48.17 -4.33 -34.85
N ARG D 304 48.77 -3.21 -34.47
CA ARG D 304 50.20 -3.14 -34.08
C ARG D 304 50.36 -3.37 -32.57
N GLY D 305 49.25 -3.41 -31.83
CA GLY D 305 49.22 -3.33 -30.35
C GLY D 305 49.77 -2.01 -29.84
N ASP D 306 49.67 -0.92 -30.63
CA ASP D 306 50.13 0.43 -30.22
C ASP D 306 48.94 1.18 -29.60
N TYR D 307 48.61 0.80 -28.36
CA TYR D 307 47.46 1.36 -27.61
C TYR D 307 47.75 2.81 -27.21
N ARG D 308 49.02 3.22 -27.22
CA ARG D 308 49.45 4.62 -26.93
C ARG D 308 49.05 5.51 -28.11
N ALA D 309 49.34 5.08 -29.34
CA ALA D 309 48.96 5.77 -30.59
C ALA D 309 47.42 5.84 -30.68
N PHE D 310 46.72 4.77 -30.26
CA PHE D 310 45.24 4.72 -30.23
C PHE D 310 44.70 5.86 -29.35
N GLY D 311 45.26 5.99 -28.15
CA GLY D 311 44.83 7.03 -27.19
C GLY D 311 45.07 8.43 -27.72
N ARG D 312 46.20 8.65 -28.36
CA ARG D 312 46.53 9.95 -29.03
C ARG D 312 45.43 10.22 -30.06
N LEU D 313 45.10 9.24 -30.89
CA LEU D 313 44.04 9.40 -31.93
C LEU D 313 42.71 9.70 -31.25
N MET D 314 42.47 9.09 -30.09
CA MET D 314 41.19 9.33 -29.38
C MET D 314 41.11 10.81 -29.03
N VAL D 315 42.21 11.36 -28.49
CA VAL D 315 42.30 12.79 -28.07
C VAL D 315 42.14 13.70 -29.29
N GLU D 316 42.83 13.43 -30.40
CA GLU D 316 42.70 14.20 -31.65
C GLU D 316 41.22 14.20 -32.07
N SER D 317 40.52 13.06 -31.92
CA SER D 317 39.07 12.90 -32.19
C SER D 317 38.29 13.84 -31.27
N HIS D 318 38.60 13.91 -29.99
CA HIS D 318 37.86 14.81 -29.07
C HIS D 318 38.00 16.26 -29.53
N ARG D 319 39.24 16.68 -29.82
CA ARG D 319 39.57 18.10 -30.08
C ARG D 319 38.80 18.51 -31.35
N SER D 320 38.72 17.61 -32.30
CA SER D 320 37.99 17.79 -33.58
C SER D 320 36.46 17.84 -33.33
N LEU D 321 35.95 17.05 -32.38
CA LEU D 321 34.50 17.12 -32.03
C LEU D 321 34.24 18.43 -31.30
N ARG D 322 35.18 18.90 -30.49
CA ARG D 322 34.98 20.11 -29.65
C ARG D 322 35.02 21.39 -30.50
N ASP D 323 35.96 21.48 -31.43
CA ASP D 323 36.36 22.73 -32.13
C ASP D 323 35.76 22.76 -33.55
N ASP D 324 35.75 21.64 -34.26
CA ASP D 324 35.27 21.56 -35.67
C ASP D 324 33.79 21.12 -35.71
N TYR D 325 33.44 19.95 -35.16
CA TYR D 325 32.02 19.51 -35.20
C TYR D 325 31.22 20.34 -34.20
N GLU D 326 31.88 20.79 -33.14
CA GLU D 326 31.28 21.57 -32.02
C GLU D 326 30.10 20.78 -31.43
N VAL D 327 30.29 19.53 -31.03
CA VAL D 327 29.22 18.74 -30.33
C VAL D 327 29.65 18.38 -28.91
N SER D 328 30.78 18.93 -28.44
CA SER D 328 31.23 18.81 -27.03
C SER D 328 30.49 19.83 -26.16
N CYS D 329 30.87 19.93 -24.88
CA CYS D 329 30.40 20.96 -23.92
C CYS D 329 31.43 21.09 -22.80
N PRO D 330 31.44 22.21 -22.05
CA PRO D 330 32.35 22.36 -20.91
C PRO D 330 32.52 21.08 -20.08
N GLU D 331 31.41 20.49 -19.61
CA GLU D 331 31.39 19.25 -18.80
C GLU D 331 32.25 18.16 -19.46
N LEU D 332 32.04 17.83 -20.74
CA LEU D 332 32.80 16.73 -21.41
C LEU D 332 34.28 17.15 -21.52
N ASP D 333 34.53 18.44 -21.73
CA ASP D 333 35.91 18.95 -21.91
C ASP D 333 36.64 18.86 -20.55
N GLN D 334 35.94 19.12 -19.45
CA GLN D 334 36.50 19.06 -18.08
C GLN D 334 36.90 17.61 -17.80
N LEU D 335 36.00 16.66 -18.11
CA LEU D 335 36.20 15.20 -17.91
C LEU D 335 37.39 14.67 -18.73
N VAL D 336 37.54 15.10 -19.98
CA VAL D 336 38.67 14.67 -20.86
C VAL D 336 39.98 15.20 -20.27
N GLU D 337 40.03 16.50 -19.95
CA GLU D 337 41.20 17.21 -19.38
C GLU D 337 41.65 16.54 -18.07
N ALA D 338 40.71 16.22 -17.19
CA ALA D 338 40.97 15.51 -15.92
C ALA D 338 41.56 14.12 -16.22
N ALA D 339 40.95 13.35 -17.12
CA ALA D 339 41.38 11.97 -17.46
C ALA D 339 42.84 12.00 -17.95
N LEU D 340 43.20 12.95 -18.81
CA LEU D 340 44.51 12.97 -19.51
C LEU D 340 45.64 13.42 -18.56
N ALA D 341 45.26 13.92 -17.37
CA ALA D 341 46.19 14.36 -16.32
C ALA D 341 46.66 13.15 -15.48
N VAL D 342 46.03 11.98 -15.66
CA VAL D 342 46.29 10.79 -14.81
C VAL D 342 47.32 9.91 -15.51
N PRO D 343 48.51 9.68 -14.91
CA PRO D 343 49.41 8.64 -15.39
C PRO D 343 48.69 7.28 -15.60
N GLY D 344 48.94 6.67 -16.75
CA GLY D 344 48.34 5.37 -17.13
C GLY D 344 47.07 5.53 -17.94
N VAL D 345 46.65 6.77 -18.21
CA VAL D 345 45.56 7.07 -19.18
C VAL D 345 46.21 7.33 -20.54
N TYR D 346 45.82 6.57 -21.56
CA TYR D 346 46.41 6.71 -22.92
C TYR D 346 45.64 7.75 -23.72
N GLY D 347 44.32 7.77 -23.58
CA GLY D 347 43.51 8.78 -24.28
C GLY D 347 42.10 8.88 -23.76
N SER D 348 41.46 10.02 -23.98
CA SER D 348 40.04 10.19 -23.60
C SER D 348 39.34 11.04 -24.65
N ARG D 349 38.06 10.80 -24.86
CA ARG D 349 37.27 11.62 -25.80
C ARG D 349 35.81 11.50 -25.44
N MET D 350 35.00 12.46 -25.86
CA MET D 350 33.54 12.32 -25.72
C MET D 350 33.09 11.24 -26.70
N THR D 351 32.02 10.54 -26.38
CA THR D 351 31.47 9.49 -27.27
C THR D 351 29.97 9.70 -27.39
N GLY D 352 29.42 9.41 -28.56
CA GLY D 352 27.98 9.56 -28.78
C GLY D 352 27.57 10.93 -29.29
N GLY D 353 26.34 11.34 -29.01
CA GLY D 353 25.78 12.62 -29.49
C GLY D 353 26.45 13.87 -28.97
N GLY D 354 26.95 13.87 -27.75
CA GLY D 354 27.52 15.12 -27.24
C GLY D 354 26.52 16.00 -26.54
N PHE D 355 26.91 17.23 -26.22
CA PHE D 355 26.04 18.18 -25.48
C PHE D 355 25.74 17.53 -24.13
N GLY D 356 26.59 16.57 -23.75
CA GLY D 356 26.44 15.82 -22.50
C GLY D 356 26.78 14.37 -22.72
N GLY D 357 26.18 13.45 -21.96
CA GLY D 357 26.48 12.01 -22.06
C GLY D 357 27.87 11.71 -21.53
N CYS D 358 28.55 10.77 -22.17
CA CYS D 358 29.75 10.11 -21.63
C CYS D 358 31.02 10.49 -22.38
N THR D 359 32.14 10.37 -21.67
CA THR D 359 33.49 10.22 -22.25
C THR D 359 33.87 8.74 -22.20
N VAL D 360 34.84 8.38 -23.02
CA VAL D 360 35.46 7.03 -23.01
C VAL D 360 36.97 7.24 -22.86
N THR D 361 37.56 6.53 -21.91
CA THR D 361 38.99 6.65 -21.54
C THR D 361 39.63 5.28 -21.72
N LEU D 362 40.65 5.19 -22.56
CA LEU D 362 41.53 4.00 -22.64
C LEU D 362 42.61 4.18 -21.56
N LEU D 363 42.71 3.26 -20.60
CA LEU D 363 43.70 3.36 -19.51
C LEU D 363 44.18 1.99 -19.02
N GLU D 364 45.35 1.99 -18.38
CA GLU D 364 45.85 0.88 -17.55
C GLU D 364 44.79 0.64 -16.47
N ALA D 365 44.18 -0.56 -16.46
CA ALA D 365 43.15 -1.01 -15.49
C ALA D 365 43.54 -0.59 -14.06
N SER D 366 44.83 -0.59 -13.75
CA SER D 366 45.38 -0.32 -12.40
C SER D 366 45.44 1.19 -12.13
N ALA D 367 45.29 2.04 -13.15
CA ALA D 367 45.22 3.51 -12.97
C ALA D 367 43.77 3.94 -12.73
N ALA D 368 42.80 3.02 -12.91
CA ALA D 368 41.36 3.34 -12.87
C ALA D 368 40.99 4.03 -11.56
N PRO D 369 41.45 3.55 -10.38
CA PRO D 369 41.19 4.23 -9.11
C PRO D 369 41.58 5.73 -9.11
N HIS D 370 42.85 6.00 -9.46
CA HIS D 370 43.39 7.38 -9.54
C HIS D 370 42.68 8.17 -10.67
N ALA D 371 42.23 7.50 -11.73
CA ALA D 371 41.47 8.16 -12.82
C ALA D 371 40.12 8.61 -12.28
N MET D 372 39.37 7.69 -11.67
CA MET D 372 38.01 7.94 -11.12
C MET D 372 38.08 9.02 -10.05
N ARG D 373 39.07 8.98 -9.15
CA ARG D 373 39.24 9.96 -8.04
C ARG D 373 39.53 11.36 -8.62
N HIS D 374 40.55 11.44 -9.53
CA HIS D 374 41.05 12.72 -10.07
C HIS D 374 39.98 13.39 -10.92
N ILE D 375 39.36 12.62 -11.83
CA ILE D 375 38.24 13.09 -12.70
C ILE D 375 37.14 13.66 -11.80
N GLN D 376 36.66 12.89 -10.81
CA GLN D 376 35.49 13.21 -9.94
C GLN D 376 35.80 14.39 -8.99
N GLU D 377 37.07 14.62 -8.63
CA GLU D 377 37.48 15.76 -7.75
C GLU D 377 37.58 17.06 -8.58
N HIS D 378 37.84 16.95 -9.88
CA HIS D 378 38.11 18.09 -10.80
C HIS D 378 36.94 18.31 -11.76
N TYR D 379 35.73 17.86 -11.39
CA TYR D 379 34.49 17.97 -12.21
C TYR D 379 33.36 18.56 -11.37
N GLY D 380 32.67 19.54 -11.97
CA GLY D 380 31.65 20.40 -11.32
C GLY D 380 30.45 19.64 -10.83
N GLY D 381 30.06 18.58 -11.54
CA GLY D 381 28.83 17.79 -11.25
C GLY D 381 29.18 16.45 -10.64
N THR D 382 28.20 15.55 -10.59
CA THR D 382 28.37 14.14 -10.17
C THR D 382 28.67 13.29 -11.39
N ALA D 383 29.90 12.83 -11.52
CA ALA D 383 30.26 11.83 -12.55
C ALA D 383 29.78 10.45 -12.08
N THR D 384 29.33 9.62 -13.02
CA THR D 384 29.11 8.17 -12.86
C THR D 384 30.19 7.45 -13.68
N PHE D 385 30.71 6.32 -13.19
CA PHE D 385 31.83 5.57 -13.81
C PHE D 385 31.41 4.12 -14.08
N TYR D 386 31.87 3.57 -15.20
CA TYR D 386 31.88 2.12 -15.48
C TYR D 386 33.27 1.77 -16.00
N LEU D 387 33.83 0.67 -15.52
CA LEU D 387 35.01 0.00 -16.12
C LEU D 387 34.51 -1.17 -16.96
N SER D 388 34.96 -1.27 -18.21
CA SER D 388 34.60 -2.37 -19.16
C SER D 388 35.80 -2.80 -19.98
N GLN D 389 35.90 -4.11 -20.18
CA GLN D 389 36.63 -4.78 -21.28
C GLN D 389 35.62 -4.93 -22.41
N ALA D 390 36.03 -5.37 -23.60
CA ALA D 390 35.12 -5.65 -24.73
C ALA D 390 34.28 -6.90 -24.40
N ALA D 391 32.96 -6.83 -24.60
CA ALA D 391 31.98 -7.85 -24.22
C ALA D 391 31.53 -8.61 -25.46
N ASP D 392 30.83 -9.73 -25.24
CA ASP D 392 30.14 -10.52 -26.28
C ASP D 392 28.94 -9.71 -26.81
N GLY D 393 28.50 -10.12 -28.01
CA GLY D 393 27.23 -9.66 -28.59
C GLY D 393 26.10 -10.47 -28.00
N ALA D 394 24.97 -10.50 -28.69
CA ALA D 394 23.75 -11.26 -28.35
C ALA D 394 24.09 -12.73 -28.08
N LYS D 395 23.66 -13.22 -26.91
CA LYS D 395 23.93 -14.56 -26.36
C LYS D 395 22.61 -15.18 -25.90
N VAL D 396 22.55 -16.52 -25.92
CA VAL D 396 21.35 -17.30 -25.52
C VAL D 396 21.77 -18.37 -24.51
N LEU D 397 21.21 -18.33 -23.30
CA LEU D 397 21.45 -19.42 -22.30
C LEU D 397 20.14 -20.17 -22.14
N CYS D 398 20.13 -21.43 -22.55
CA CYS D 398 18.88 -22.21 -22.49
C CYS D 398 18.68 -22.66 -21.03
N LEU D 399 17.49 -22.41 -20.48
CA LEU D 399 17.23 -22.73 -19.06
C LEU D 399 16.29 -23.94 -18.96
C1 GAL E . 9.12 30.58 -17.37
C2 GAL E . 9.50 31.03 -15.97
C3 GAL E . 9.54 32.54 -15.95
C4 GAL E . 10.43 33.07 -17.07
C5 GAL E . 10.13 32.37 -18.38
C6 GAL E . 11.14 32.75 -19.45
O1 GAL E . 9.04 29.16 -17.41
O2 GAL E . 8.57 30.55 -15.01
O3 GAL E . 10.00 32.98 -14.68
O4 GAL E . 11.82 32.93 -16.76
O5 GAL E . 10.17 30.98 -18.21
O6 GAL E . 10.97 34.13 -19.72
C10 HFK F . 0.32 17.76 -13.57
C13 HFK F . 2.51 19.02 -12.09
C15 HFK F . 1.74 21.87 -13.35
C20 HFK F . -2.42 23.17 -11.61
C21 HFK F . -2.18 21.84 -11.34
C24 HFK F . -4.47 21.65 -10.41
C26 HFK F . -3.70 23.76 -11.30
C02 HFK F . 4.76 18.95 -14.61
C03 HFK F . 6.08 19.46 -15.23
C04 HFK F . 6.31 20.95 -14.96
C05 HFK F . 5.11 21.84 -15.30
C06 HFK F . 3.90 21.37 -14.45
C07 HFK F . 3.67 19.91 -14.21
C08 HFK F . 2.36 19.37 -13.59
C09 HFK F . 1.51 18.34 -14.36
C11 HFK F . 0.63 17.26 -12.15
C12 HFK F . 1.34 18.34 -11.32
C18 HFK F . -0.38 22.70 -12.29
C23 HFK F . -3.24 21.07 -10.74
C25 HFK F . -4.70 23.00 -10.70
N14 HFK F . 1.44 20.45 -13.12
N16 HFK F . 2.93 22.30 -13.99
N17 HFK F . 0.88 22.93 -12.90
N19 HFK F . -1.30 23.67 -12.20
O01 HFK F . 4.60 17.76 -14.45
O22 HFK F . -0.87 21.56 -11.77
C1 GAL G . -30.23 -3.47 21.31
C2 GAL G . -29.16 -2.81 22.17
C3 GAL G . -28.76 -3.94 23.15
C4 GAL G . -29.99 -4.51 23.85
C5 GAL G . -31.13 -4.81 22.89
C6 GAL G . -32.43 -5.23 23.56
O1 GAL G . -30.60 -2.74 20.16
O2 GAL G . -28.03 -2.34 21.39
O3 GAL G . -27.87 -3.49 24.18
O4 GAL G . -30.40 -3.57 24.84
O5 GAL G . -31.42 -3.68 22.13
O6 GAL G . -32.41 -6.66 23.53
C10 HFK H . -26.93 6.00 8.65
C13 HFK H . -26.08 6.24 11.39
C15 HFK H . -26.09 3.31 12.06
C20 HFK H . -22.83 3.02 9.18
C21 HFK H . -22.46 1.73 9.48
C24 HFK H . -20.85 1.73 7.65
C26 HFK H . -22.17 3.71 8.10
C02 HFK H . -29.40 6.14 12.66
C03 HFK H . -30.42 5.79 13.72
C04 HFK H . -29.83 4.94 14.86
C05 HFK H . -29.16 3.68 14.33
C06 HFK H . -28.07 4.04 13.31
C07 HFK H . -28.32 5.14 12.31
C08 HFK H . -27.35 5.37 11.14
C09 HFK H . -27.94 5.61 9.73
C11 HFK H . -26.00 7.16 9.04
C12 HFK H . -26.03 7.49 10.51
C18 HFK H . -24.04 2.40 10.93
C23 HFK H . -21.47 1.06 8.71
C25 HFK H . -21.20 3.06 7.36
N14 HFK H . -26.25 4.39 11.08
N16 HFK H . -26.98 3.17 13.13
N17 HFK H . -25.00 2.35 11.99
N19 HFK H . -23.80 3.43 10.10
O01 HFK H . -29.44 7.20 12.07
O22 HFK H . -23.25 1.33 10.56
C13 WLJ I . -11.41 -10.01 6.69
C15 WLJ I . -12.92 -9.43 4.72
C17 WLJ I . -14.24 -11.21 5.95
C02 WLJ I . -14.56 -14.00 4.33
C03 WLJ I . -15.11 -14.40 3.13
C04 WLJ I . -14.35 -14.31 1.98
C05 WLJ I . -13.06 -13.83 2.04
C06 WLJ I . -12.55 -13.45 3.26
C08 WLJ I . -13.27 -13.51 4.44
C09 WLJ I . -12.62 -13.08 5.74
C12 WLJ I . -12.10 -11.24 7.26
C14 WLJ I . -12.37 -9.02 6.09
C16 WLJ I . -14.14 -10.33 4.73
F01 WLJ I . -15.33 -14.08 5.44
F07 WLJ I . -11.29 -12.99 3.32
N11 WLJ I . -12.98 -11.90 6.29
O10 WLJ I . -11.73 -13.77 6.23
C1 GAL J . -2.43 -34.35 26.96
C2 GAL J . -3.14 -34.74 25.67
C3 GAL J . -4.56 -34.22 25.91
C4 GAL J . -5.14 -34.88 27.20
C5 GAL J . -4.14 -34.83 28.38
C6 GAL J . -4.58 -35.53 29.65
O1 GAL J . -1.04 -34.30 26.83
O2 GAL J . -2.49 -34.26 24.49
O3 GAL J . -5.40 -34.46 24.79
O4 GAL J . -5.42 -36.24 26.92
O5 GAL J . -2.84 -35.31 27.97
O6 GAL J . -5.30 -34.55 30.41
C10 HFK K . 11.97 -31.33 19.58
C13 HFK K . 9.65 -32.43 18.54
C15 HFK K . 7.72 -31.12 20.59
C20 HFK K . 8.82 -27.34 18.53
C21 HFK K . 7.74 -26.62 18.99
C24 HFK K . 8.59 -24.61 17.88
C26 HFK K . 9.81 -26.69 17.74
C02 HFK K . 9.51 -35.14 20.91
C03 HFK K . 8.61 -36.23 21.51
C04 HFK K . 7.42 -35.78 22.39
C05 HFK K . 7.35 -34.29 22.72
C06 HFK K . 7.74 -33.40 21.53
C07 HFK K . 8.96 -33.72 20.75
C08 HFK K . 9.78 -32.59 20.08
C09 HFK K . 11.19 -32.20 20.55
C11 HFK K . 12.11 -31.94 18.17
C12 HFK K . 10.92 -32.84 17.81
C18 HFK K . 7.53 -28.74 19.72
C23 HFK K . 7.61 -25.23 18.67
C25 HFK K . 9.69 -25.33 17.42
N14 HFK K . 9.02 -31.33 19.95
N16 HFK K . 7.11 -32.14 21.35
N17 HFK K . 7.00 -29.88 20.43
N19 HFK K . 8.68 -28.65 19.01
O01 HFK K . 10.64 -35.42 20.57
O22 HFK K . 6.96 -27.50 19.74
C13 WLJ L . 0.99 -11.56 16.86
C15 WLJ L . 3.32 -11.87 17.74
C17 WLJ L . 1.97 -11.88 19.93
C02 WLJ L . 1.71 -9.49 22.11
C03 WLJ L . 2.49 -9.06 23.16
C04 WLJ L . 3.55 -8.20 22.89
C05 WLJ L . 3.82 -7.80 21.60
C06 WLJ L . 3.00 -8.26 20.59
C08 WLJ L . 1.93 -9.12 20.79
C09 WLJ L . 1.10 -9.58 19.62
C12 WLJ L . 0.27 -11.37 18.18
C14 WLJ L . 2.18 -12.46 16.94
C16 WLJ L . 3.29 -12.17 19.23
F01 WLJ L . 0.68 -10.33 22.38
F07 WLJ L . 3.25 -7.87 19.31
N11 WLJ L . 1.13 -10.89 19.26
O10 WLJ L . 0.44 -8.76 18.99
#